data_8EF5
#
_entry.id   8EF5
#
_cell.length_a   1.00
_cell.length_b   1.00
_cell.length_c   1.00
_cell.angle_alpha   90.00
_cell.angle_beta   90.00
_cell.angle_gamma   90.00
#
_symmetry.space_group_name_H-M   'P 1'
#
loop_
_entity.id
_entity.type
_entity.pdbx_description
1 polymer 'Mu-type opioid receptor'
2 polymer 'Guanine nucleotide-binding protein G(i) subunit alpha-1'
3 polymer 'Guanine nucleotide-binding protein G(I)/G(S)/G(T) subunit beta-1'
4 polymer 'Guanine nucleotide-binding protein G(I)/G(S)/G(O) subunit gamma-2'
5 polymer scFv16
6 non-polymer N-phenyl-N-[1-(2-phenylethyl)piperidin-4-yl]propanamide
7 non-polymer CHOLESTEROL
#
loop_
_entity_poly.entity_id
_entity_poly.type
_entity_poly.pdbx_seq_one_letter_code
_entity_poly.pdbx_strand_id
1 'polypeptide(L)'
;DSSAAPTNASNCTDALAYSSCSPAPSPGSWVNLSHLDGNLSDPCGPNRTDLGGRDSLCPPTGSPSMITAITIMALYSIVC
VVGLFGNFLVMYVIVRYTKMKTATNIYIFNLALADALATSTLPFQSVNYLMGTWPFGTILCKIVISIDYYNMFTSIFTLC
TMSVDRYIAVCHPVKALDFRTPRNAKIINVCNWILSSAIGLPVMFMATTKYRQGSIDCTLTFSHPTWYWENLLKICVFIF
AFIMPVLIITVCYGLMILRLKSVRMLSGSKEKDRNLRRITRMVLVVVAVFIVCWTPIHIYVIIKALVTIPETTFQTVSWH
FCIALGYTNSCLNPVLYAFLDENFKRCFREFCIPTSSNIEQQNSTRI
;
R,M
2 'polypeptide(L)'
;MGCTLSAEDKAAVERSKMIDRNLREDGEKAAREVKLLLLGAGESGKSTIVKQMKIIHEAGYSEEECKQYKAVVYSNTIQS
IIAIIRAMGRLKIDFGDSARADDARQLFVLAGAAEEGFMTAELAGVIKRLWKDSGVQACFNRSREYQLNDSAAYYLNDLD
RIAQPNYIPTQQDVLRTRVKTTGIVETHFTFKDLHFKMFDVGAQRSERKKWIHCFEGVTAIIFCVALSDYDLVLAEDEEM
NRMHESMKLFDSICNNKWFTDTSIILFLNKKDLFEEKIKKSPLTICYPEYAGSNTYEEAAAYIQCQFEDLNKRKDTKEIY
THFTCSTDTKNVQFVFDAVTDVIIKNNLKDCGLF
;
A,F
3 'polypeptide(L)'
;MHHHHHHHHGSLLQSELDQLRQEAEQLKNQIRDARKACADATLSQITNNIDPVGRIQMRTRRTLRGHLAKIYAMHWGTDS
RLLVSASQDGKLIIWDSYTTNKVHAIPLRSSWVMTCAYAPSGNYVACGGLDNICSIYNLKTREGNVRVSRELAGHTGYLS
CCRFLDDNQIVTSSGDTTCALWDIETGQQTTTFTGHTGDVMSLSLAPDTRLFVSGACDASAKLWDVREGMCRQTFTGHES
DINAICFFPNGNAFATGSDDATCRLFDLRADQELMTYSHDNIICGITSVSFSKSGRLLLAGYDDFNCNVWDALKADRAGV
LAGHDNRVSCLGVTDDGMAVATGSWDSFLKIWN
;
B
4 'polypeptide(L)' MASNNTASIAQARKLVEQLKMEANIDRIKVSKAAADLMAYCEAHAKEDPLLTPVPASENPFREKKFFC C
5 'polypeptide(L)'
;MVQLVESGGGLVQPGGSRKLSCSASGFAFSSFGMHWVRQAPEKGLEWVAYISSGSGTIYYADTVKGRFTISRDDPKNTLF
LQMTSLRSEDTAMYYCVRSIYYYGSSPFDFWGQGTTLTVSAGGGGSGGGGSGGGGSADIVMTQATSSVPVTPGESVSISC
RSSKSLLHSNGNTYLYWFLQRPGQSPQLLIYRMSNLASGVPDRFSGSGSGTAFTLTISRLEAEDVGVYYCMQHLEYPLTF
GAGTKLEL
;
E
#
# COMPACT_ATOMS: atom_id res chain seq x y z
N SER A 65 29.26 -31.82 -43.86
CA SER A 65 28.03 -31.19 -44.32
C SER A 65 26.84 -31.59 -43.45
N MET A 66 26.58 -32.89 -43.37
CA MET A 66 25.49 -33.41 -42.55
C MET A 66 25.76 -33.15 -41.06
N ILE A 67 27.01 -33.33 -40.63
CA ILE A 67 27.39 -33.14 -39.24
C ILE A 67 27.19 -31.69 -38.80
N THR A 68 27.57 -30.75 -39.68
CA THR A 68 27.46 -29.32 -39.37
C THR A 68 26.01 -28.90 -39.16
N ALA A 69 25.10 -29.39 -40.01
CA ALA A 69 23.67 -29.08 -39.86
C ALA A 69 23.11 -29.68 -38.57
N ILE A 70 23.49 -30.92 -38.25
CA ILE A 70 23.02 -31.57 -37.03
C ILE A 70 23.54 -30.85 -35.78
N THR A 71 24.82 -30.43 -35.81
CA THR A 71 25.45 -29.77 -34.66
C THR A 71 24.77 -28.45 -34.33
N ILE A 72 24.48 -27.64 -35.35
CA ILE A 72 23.79 -26.37 -35.15
C ILE A 72 22.38 -26.61 -34.62
N MET A 73 21.66 -27.59 -35.18
CA MET A 73 20.32 -27.93 -34.71
C MET A 73 20.33 -28.46 -33.28
N ALA A 74 21.34 -29.28 -32.94
CA ALA A 74 21.46 -29.83 -31.60
C ALA A 74 21.65 -28.73 -30.56
N LEU A 75 22.45 -27.71 -30.90
CA LEU A 75 22.73 -26.61 -29.99
C LEU A 75 21.46 -25.84 -29.61
N TYR A 76 20.60 -25.56 -30.60
CA TYR A 76 19.34 -24.88 -30.33
C TYR A 76 18.42 -25.73 -29.45
N SER A 77 18.35 -27.03 -29.76
CA SER A 77 17.48 -27.94 -29.00
C SER A 77 17.88 -28.06 -27.54
N ILE A 78 19.19 -28.14 -27.26
CA ILE A 78 19.67 -28.24 -25.88
C ILE A 78 19.31 -26.98 -25.09
N VAL A 79 19.42 -25.81 -25.72
CA VAL A 79 19.13 -24.56 -25.04
C VAL A 79 17.63 -24.41 -24.81
N CYS A 80 16.83 -24.59 -25.87
CA CYS A 80 15.37 -24.45 -25.81
C CYS A 80 14.70 -25.35 -24.77
N VAL A 81 15.11 -26.62 -24.69
CA VAL A 81 14.47 -27.56 -23.76
C VAL A 81 14.79 -27.18 -22.32
N VAL A 82 16.06 -26.89 -22.02
CA VAL A 82 16.44 -26.46 -20.69
C VAL A 82 15.90 -25.06 -20.40
N GLY A 83 15.86 -24.20 -21.43
CA GLY A 83 15.34 -22.85 -21.26
C GLY A 83 13.86 -22.80 -20.95
N LEU A 84 13.05 -23.60 -21.66
CA LEU A 84 11.61 -23.66 -21.37
C LEU A 84 11.36 -24.34 -20.03
N PHE A 85 12.12 -25.38 -19.70
CA PHE A 85 11.94 -26.08 -18.44
C PHE A 85 12.29 -25.19 -17.25
N GLY A 86 13.36 -24.40 -17.37
CA GLY A 86 13.74 -23.51 -16.29
C GLY A 86 12.78 -22.35 -16.09
N ASN A 87 12.30 -21.77 -17.19
CA ASN A 87 11.44 -20.58 -17.09
C ASN A 87 10.07 -20.91 -16.54
N PHE A 88 9.42 -21.97 -17.06
CA PHE A 88 8.08 -22.34 -16.60
C PHE A 88 8.08 -22.92 -15.19
N LEU A 89 9.19 -23.53 -14.76
CA LEU A 89 9.27 -24.02 -13.39
C LEU A 89 9.23 -22.89 -12.37
N VAL A 90 9.91 -21.78 -12.66
CA VAL A 90 9.86 -20.60 -11.80
C VAL A 90 8.46 -19.99 -11.81
N MET A 91 7.75 -20.07 -12.94
CA MET A 91 6.37 -19.59 -13.01
C MET A 91 5.46 -20.46 -12.15
N TYR A 92 5.73 -21.76 -12.10
CA TYR A 92 4.91 -22.68 -11.32
C TYR A 92 5.12 -22.50 -9.82
N VAL A 93 6.36 -22.25 -9.40
CA VAL A 93 6.67 -22.07 -7.98
C VAL A 93 6.07 -20.76 -7.46
N ILE A 94 6.12 -19.70 -8.27
CA ILE A 94 5.61 -18.40 -7.84
C ILE A 94 4.09 -18.41 -7.73
N VAL A 95 3.41 -18.91 -8.76
CA VAL A 95 1.95 -18.82 -8.83
C VAL A 95 1.29 -19.74 -7.79
N ARG A 96 1.76 -20.98 -7.68
CA ARG A 96 1.08 -21.91 -6.78
C ARG A 96 1.50 -21.74 -5.32
N TYR A 97 2.60 -21.06 -5.03
CA TYR A 97 3.03 -20.91 -3.65
C TYR A 97 3.18 -19.46 -3.21
N THR A 98 3.96 -18.67 -3.95
CA THR A 98 4.29 -17.32 -3.50
C THR A 98 3.15 -16.34 -3.80
N LYS A 99 2.51 -16.50 -4.97
CA LYS A 99 1.31 -15.76 -5.39
C LYS A 99 1.56 -14.26 -5.52
N MET A 100 2.82 -13.88 -5.76
CA MET A 100 3.27 -12.51 -6.01
C MET A 100 2.81 -11.53 -4.93
N LYS A 101 3.28 -11.78 -3.71
CA LYS A 101 2.92 -10.95 -2.56
C LYS A 101 4.00 -9.95 -2.17
N THR A 102 5.17 -10.02 -2.79
CA THR A 102 6.27 -9.13 -2.46
C THR A 102 6.76 -8.50 -3.76
N ALA A 103 7.49 -7.38 -3.63
CA ALA A 103 7.94 -6.63 -4.81
C ALA A 103 9.00 -7.39 -5.61
N THR A 104 9.93 -8.05 -4.91
CA THR A 104 11.04 -8.75 -5.57
C THR A 104 10.53 -9.93 -6.41
N ASN A 105 9.51 -10.63 -5.91
CA ASN A 105 8.93 -11.78 -6.61
C ASN A 105 8.25 -11.37 -7.92
N ILE A 106 7.74 -10.14 -8.01
CA ILE A 106 7.12 -9.65 -9.24
C ILE A 106 8.15 -9.52 -10.36
N TYR A 107 9.37 -9.05 -10.03
CA TYR A 107 10.40 -8.89 -11.05
C TYR A 107 10.90 -10.24 -11.57
N ILE A 108 11.05 -11.22 -10.67
CA ILE A 108 11.55 -12.54 -11.04
C ILE A 108 10.52 -13.29 -11.90
N PHE A 109 9.23 -13.08 -11.66
CA PHE A 109 8.20 -13.65 -12.52
C PHE A 109 8.22 -13.04 -13.91
N ASN A 110 8.53 -11.75 -14.01
CA ASN A 110 8.64 -11.09 -15.31
C ASN A 110 9.86 -11.56 -16.08
N LEU A 111 10.97 -11.88 -15.38
CA LEU A 111 12.10 -12.52 -16.03
C LEU A 111 11.72 -13.90 -16.57
N ALA A 112 10.97 -14.67 -15.79
CA ALA A 112 10.53 -16.00 -16.21
C ALA A 112 9.61 -15.92 -17.43
N LEU A 113 8.72 -14.93 -17.47
CA LEU A 113 7.80 -14.80 -18.59
C LEU A 113 8.51 -14.31 -19.85
N ALA A 114 9.39 -13.31 -19.71
CA ALA A 114 10.07 -12.73 -20.86
C ALA A 114 11.04 -13.71 -21.51
N ASP A 115 11.77 -14.48 -20.69
CA ASP A 115 12.70 -15.45 -21.24
C ASP A 115 12.00 -16.63 -21.90
N ALA A 116 10.84 -17.03 -21.36
CA ALA A 116 10.08 -18.13 -21.95
C ALA A 116 9.53 -17.78 -23.32
N LEU A 117 9.03 -16.54 -23.48
CA LEU A 117 8.50 -16.11 -24.77
C LEU A 117 9.62 -15.99 -25.80
N ALA A 118 10.80 -15.54 -25.38
CA ALA A 118 11.95 -15.48 -26.27
C ALA A 118 12.40 -16.87 -26.68
N THR A 119 12.35 -17.82 -25.74
CA THR A 119 12.70 -19.21 -26.02
C THR A 119 11.62 -19.91 -26.84
N SER A 120 10.40 -19.36 -26.89
CA SER A 120 9.34 -19.97 -27.69
C SER A 120 9.59 -19.81 -29.18
N THR A 121 10.23 -18.73 -29.60
CA THR A 121 10.58 -18.54 -31.01
C THR A 121 11.84 -19.30 -31.41
N LEU A 122 12.52 -19.94 -30.47
CA LEU A 122 13.78 -20.61 -30.75
C LEU A 122 13.63 -21.87 -31.61
N PRO A 123 12.62 -22.75 -31.44
CA PRO A 123 12.46 -23.81 -32.45
C PRO A 123 12.02 -23.28 -33.80
N PHE A 124 11.30 -22.16 -33.84
CA PHE A 124 10.91 -21.56 -35.11
C PHE A 124 12.11 -21.06 -35.88
N GLN A 125 13.17 -20.63 -35.18
CA GLN A 125 14.42 -20.27 -35.84
C GLN A 125 15.21 -21.51 -36.24
N SER A 126 15.04 -22.60 -35.49
CA SER A 126 15.71 -23.86 -35.81
C SER A 126 15.20 -24.41 -37.14
N VAL A 127 13.89 -24.40 -37.34
CA VAL A 127 13.26 -24.90 -38.57
C VAL A 127 13.73 -24.12 -39.78
N ASN A 128 13.87 -22.79 -39.64
CA ASN A 128 14.26 -21.92 -40.74
C ASN A 128 15.63 -22.26 -41.30
N TYR A 129 16.61 -22.50 -40.43
CA TYR A 129 17.95 -22.88 -40.88
C TYR A 129 17.96 -24.26 -41.54
N LEU A 130 17.31 -25.24 -40.90
CA LEU A 130 17.33 -26.61 -41.40
C LEU A 130 16.60 -26.75 -42.73
N MET A 131 15.39 -26.18 -42.81
CA MET A 131 14.62 -26.25 -44.06
C MET A 131 15.28 -25.44 -45.16
N GLY A 132 15.80 -24.26 -44.83
CA GLY A 132 16.35 -23.36 -45.82
C GLY A 132 15.36 -22.32 -46.32
N THR A 133 14.09 -22.46 -45.93
CA THR A 133 13.03 -21.54 -46.29
C THR A 133 12.03 -21.50 -45.14
N TRP A 134 11.24 -20.43 -45.11
CA TRP A 134 10.27 -20.24 -44.03
C TRP A 134 8.88 -20.54 -44.57
N PRO A 135 8.21 -21.61 -44.12
CA PRO A 135 6.87 -21.94 -44.63
C PRO A 135 5.73 -21.58 -43.70
N PHE A 136 5.99 -20.85 -42.61
CA PHE A 136 4.98 -20.58 -41.59
C PHE A 136 3.96 -19.53 -42.00
N GLY A 137 4.19 -18.79 -43.08
CA GLY A 137 3.24 -17.79 -43.51
C GLY A 137 3.58 -16.40 -43.02
N THR A 138 2.99 -15.40 -43.68
CA THR A 138 3.28 -14.00 -43.44
C THR A 138 2.89 -13.56 -42.03
N ILE A 139 1.70 -13.97 -41.57
CA ILE A 139 1.16 -13.54 -40.27
C ILE A 139 2.04 -14.05 -39.13
N LEU A 140 2.41 -15.33 -39.17
CA LEU A 140 3.29 -15.88 -38.14
C LEU A 140 4.69 -15.27 -38.21
N CYS A 141 5.18 -14.97 -39.43
CA CYS A 141 6.50 -14.36 -39.61
C CYS A 141 6.59 -13.01 -38.91
N LYS A 142 5.52 -12.21 -38.97
CA LYS A 142 5.49 -10.92 -38.30
C LYS A 142 5.52 -11.09 -36.79
N ILE A 143 4.72 -12.03 -36.27
CA ILE A 143 4.62 -12.27 -34.84
C ILE A 143 5.91 -12.85 -34.26
N VAL A 144 6.60 -13.72 -35.02
CA VAL A 144 7.77 -14.41 -34.48
C VAL A 144 8.97 -13.47 -34.37
N ILE A 145 9.22 -12.68 -35.42
CA ILE A 145 10.34 -11.73 -35.41
C ILE A 145 10.14 -10.67 -34.33
N SER A 146 8.91 -10.18 -34.18
CA SER A 146 8.60 -9.15 -33.19
C SER A 146 8.81 -9.64 -31.76
N ILE A 147 8.39 -10.87 -31.46
CA ILE A 147 8.53 -11.44 -30.12
C ILE A 147 10.00 -11.57 -29.73
N ASP A 148 10.86 -11.94 -30.69
CA ASP A 148 12.29 -12.11 -30.43
C ASP A 148 12.95 -10.80 -30.01
N TYR A 149 12.67 -9.71 -30.73
CA TYR A 149 13.23 -8.41 -30.36
C TYR A 149 12.60 -7.86 -29.09
N TYR A 150 11.27 -7.97 -28.95
CA TYR A 150 10.55 -7.39 -27.80
C TYR A 150 10.97 -8.02 -26.48
N ASN A 151 11.05 -9.35 -26.43
CA ASN A 151 11.44 -10.03 -25.20
C ASN A 151 12.90 -9.76 -24.84
N MET A 152 13.76 -9.61 -25.85
CA MET A 152 15.18 -9.33 -25.59
C MET A 152 15.35 -8.01 -24.83
N PHE A 153 14.65 -6.96 -25.27
CA PHE A 153 14.69 -5.69 -24.55
C PHE A 153 14.04 -5.81 -23.17
N THR A 154 12.89 -6.51 -23.09
CA THR A 154 12.17 -6.67 -21.83
C THR A 154 12.98 -7.43 -20.79
N SER A 155 13.64 -8.52 -21.20
CA SER A 155 14.46 -9.31 -20.28
C SER A 155 15.65 -8.51 -19.77
N ILE A 156 16.29 -7.72 -20.64
CA ILE A 156 17.44 -6.93 -20.23
C ILE A 156 17.02 -5.75 -19.37
N PHE A 157 15.94 -5.04 -19.75
CA PHE A 157 15.46 -3.91 -18.96
C PHE A 157 15.00 -4.32 -17.56
N THR A 158 14.44 -5.53 -17.44
CA THR A 158 14.07 -6.04 -16.12
C THR A 158 15.30 -6.24 -15.25
N LEU A 159 16.41 -6.71 -15.85
CA LEU A 159 17.67 -6.83 -15.14
C LEU A 159 18.19 -5.47 -14.68
N CYS A 160 18.03 -4.46 -15.53
CA CYS A 160 18.45 -3.10 -15.18
C CYS A 160 17.63 -2.56 -14.02
N THR A 161 16.31 -2.81 -14.04
CA THR A 161 15.43 -2.36 -12.96
C THR A 161 15.78 -3.04 -11.65
N MET A 162 16.10 -4.34 -11.70
CA MET A 162 16.49 -5.07 -10.49
C MET A 162 17.86 -4.63 -10.00
N SER A 163 18.74 -4.23 -10.92
CA SER A 163 20.02 -3.64 -10.52
C SER A 163 19.80 -2.31 -9.80
N VAL A 164 18.87 -1.49 -10.30
CA VAL A 164 18.48 -0.27 -9.60
C VAL A 164 17.75 -0.59 -8.30
N ASP A 165 16.95 -1.66 -8.30
CA ASP A 165 16.21 -2.07 -7.11
C ASP A 165 17.15 -2.49 -5.98
N ARG A 166 18.15 -3.32 -6.30
CA ARG A 166 19.11 -3.76 -5.29
C ARG A 166 20.04 -2.63 -4.86
N TYR A 167 20.25 -1.64 -5.75
CA TYR A 167 21.06 -0.49 -5.39
C TYR A 167 20.37 0.39 -4.36
N ILE A 168 19.10 0.71 -4.58
CA ILE A 168 18.32 1.55 -3.68
C ILE A 168 18.11 0.86 -2.34
N ALA A 169 17.95 -0.47 -2.35
CA ALA A 169 17.73 -1.23 -1.11
C ALA A 169 18.94 -1.16 -0.18
N VAL A 170 20.14 -1.26 -0.74
CA VAL A 170 21.35 -1.21 0.08
C VAL A 170 21.77 0.22 0.39
N CYS A 171 21.95 1.04 -0.65
CA CYS A 171 22.62 2.32 -0.47
C CYS A 171 21.70 3.42 0.08
N HIS A 172 20.41 3.41 -0.27
CA HIS A 172 19.47 4.45 0.15
C HIS A 172 18.30 3.79 0.89
N PRO A 173 18.50 3.39 2.15
CA PRO A 173 17.49 2.55 2.82
C PRO A 173 16.22 3.30 3.19
N VAL A 174 16.31 4.58 3.56
CA VAL A 174 15.14 5.35 3.96
C VAL A 174 14.21 5.56 2.76
N LYS A 175 14.79 5.86 1.60
CA LYS A 175 13.99 6.00 0.39
C LYS A 175 13.63 4.67 -0.24
N ALA A 176 14.28 3.58 0.17
CA ALA A 176 13.91 2.24 -0.29
C ALA A 176 12.56 1.80 0.26
N LEU A 177 12.12 2.35 1.39
CA LEU A 177 10.80 2.07 1.94
C LEU A 177 9.71 2.51 0.97
N ASP A 178 9.86 3.69 0.37
CA ASP A 178 8.93 4.12 -0.66
C ASP A 178 9.07 3.27 -1.93
N PHE A 179 10.30 2.91 -2.28
CA PHE A 179 10.57 2.25 -3.55
C PHE A 179 10.18 0.77 -3.51
N ARG A 180 10.62 0.04 -2.48
CA ARG A 180 10.40 -1.40 -2.40
C ARG A 180 9.02 -1.65 -1.78
N THR A 181 8.00 -1.50 -2.63
CA THR A 181 6.62 -1.79 -2.29
C THR A 181 6.01 -2.63 -3.42
N PRO A 182 4.97 -3.42 -3.12
CA PRO A 182 4.30 -4.17 -4.20
C PRO A 182 3.64 -3.30 -5.26
N ARG A 183 3.13 -2.11 -4.89
CA ARG A 183 2.50 -1.24 -5.88
C ARG A 183 3.51 -0.66 -6.85
N ASN A 184 4.63 -0.14 -6.34
CA ASN A 184 5.63 0.51 -7.18
C ASN A 184 6.31 -0.48 -8.13
N ALA A 185 6.49 -1.73 -7.70
CA ALA A 185 7.07 -2.75 -8.56
C ALA A 185 6.17 -3.06 -9.75
N LYS A 186 4.85 -3.04 -9.53
CA LYS A 186 3.89 -3.23 -10.62
C LYS A 186 3.94 -2.07 -11.62
N ILE A 187 4.11 -0.84 -11.12
CA ILE A 187 4.09 0.34 -11.99
C ILE A 187 5.32 0.36 -12.90
N ILE A 188 6.50 0.11 -12.34
CA ILE A 188 7.74 0.20 -13.11
C ILE A 188 7.85 -0.95 -14.11
N ASN A 189 7.35 -2.14 -13.75
CA ASN A 189 7.38 -3.29 -14.66
C ASN A 189 6.49 -3.08 -15.87
N VAL A 190 5.29 -2.48 -15.69
CA VAL A 190 4.44 -2.14 -16.83
C VAL A 190 5.13 -1.14 -17.74
N CYS A 191 5.89 -0.21 -17.15
CA CYS A 191 6.69 0.73 -17.95
C CYS A 191 7.77 0.03 -18.75
N ASN A 192 8.33 -1.08 -18.22
CA ASN A 192 9.34 -1.84 -18.96
C ASN A 192 8.75 -2.49 -20.21
N TRP A 193 7.55 -3.07 -20.10
CA TRP A 193 6.90 -3.68 -21.26
C TRP A 193 6.46 -2.62 -22.27
N ILE A 194 6.08 -1.43 -21.80
CA ILE A 194 5.67 -0.35 -22.71
C ILE A 194 6.88 0.22 -23.45
N LEU A 195 8.00 0.44 -22.76
CA LEU A 195 9.19 0.96 -23.42
C LEU A 195 9.79 -0.04 -24.41
N SER A 196 9.62 -1.33 -24.16
CA SER A 196 10.03 -2.33 -25.15
C SER A 196 9.11 -2.31 -26.37
N SER A 197 7.83 -1.96 -26.18
CA SER A 197 6.88 -1.86 -27.29
C SER A 197 7.22 -0.74 -28.27
N ALA A 198 8.02 0.25 -27.83
CA ALA A 198 8.50 1.29 -28.74
C ALA A 198 9.31 0.74 -29.90
N ILE A 199 9.99 -0.39 -29.70
CA ILE A 199 10.62 -1.10 -30.80
C ILE A 199 9.82 -2.34 -31.22
N GLY A 200 8.94 -2.85 -30.35
CA GLY A 200 8.17 -4.04 -30.69
C GLY A 200 7.13 -3.79 -31.77
N LEU A 201 6.49 -2.61 -31.75
CA LEU A 201 5.50 -2.29 -32.77
C LEU A 201 6.10 -2.04 -34.17
N PRO A 202 7.18 -1.24 -34.36
CA PRO A 202 7.67 -1.06 -35.74
C PRO A 202 8.24 -2.33 -36.38
N VAL A 203 8.81 -3.24 -35.59
CA VAL A 203 9.29 -4.52 -36.12
C VAL A 203 8.14 -5.35 -36.71
N MET A 204 6.94 -5.21 -36.15
CA MET A 204 5.75 -5.89 -36.68
C MET A 204 5.43 -5.42 -38.09
N PHE A 205 5.40 -4.10 -38.31
CA PHE A 205 5.10 -3.55 -39.62
C PHE A 205 6.19 -3.85 -40.64
N MET A 206 7.46 -3.81 -40.22
CA MET A 206 8.56 -3.98 -41.17
C MET A 206 8.70 -5.43 -41.62
N ALA A 207 8.42 -6.40 -40.74
CA ALA A 207 8.62 -7.81 -41.04
C ALA A 207 7.68 -8.27 -42.15
N THR A 208 8.27 -8.72 -43.27
CA THR A 208 7.50 -9.19 -44.41
C THR A 208 8.15 -10.51 -44.86
N THR A 209 7.66 -11.09 -45.95
CA THR A 209 8.23 -12.28 -46.55
C THR A 209 8.65 -11.98 -47.98
N LYS A 210 9.90 -12.31 -48.30
CA LYS A 210 10.47 -12.03 -49.61
C LYS A 210 10.86 -13.33 -50.30
N TYR A 211 10.52 -13.43 -51.58
CA TYR A 211 10.84 -14.61 -52.39
C TYR A 211 12.26 -14.45 -52.92
N ARG A 212 13.19 -15.23 -52.37
CA ARG A 212 14.59 -15.17 -52.77
C ARG A 212 15.06 -16.57 -53.10
N GLN A 213 15.52 -16.76 -54.35
CA GLN A 213 16.07 -18.03 -54.87
C GLN A 213 15.02 -19.15 -54.76
N GLY A 214 13.77 -18.80 -55.03
CA GLY A 214 12.69 -19.77 -54.93
C GLY A 214 12.27 -20.10 -53.51
N SER A 215 12.81 -19.39 -52.52
CA SER A 215 12.59 -19.68 -51.11
C SER A 215 12.04 -18.46 -50.39
N ILE A 216 11.03 -18.68 -49.55
CA ILE A 216 10.48 -17.61 -48.73
C ILE A 216 11.45 -17.30 -47.60
N ASP A 217 11.74 -16.02 -47.41
CA ASP A 217 12.65 -15.55 -46.37
C ASP A 217 11.89 -14.68 -45.39
N CYS A 218 11.95 -15.04 -44.11
CA CYS A 218 11.26 -14.30 -43.04
C CYS A 218 12.25 -13.29 -42.48
N THR A 219 12.16 -12.04 -42.95
CA THR A 219 13.14 -11.03 -42.60
C THR A 219 12.47 -9.66 -42.58
N LEU A 220 13.18 -8.71 -41.98
CA LEU A 220 12.70 -7.33 -41.91
C LEU A 220 12.85 -6.65 -43.27
N THR A 221 11.89 -5.80 -43.60
CA THR A 221 11.91 -5.01 -44.82
C THR A 221 11.97 -3.53 -44.45
N PHE A 222 12.94 -2.83 -45.00
CA PHE A 222 13.18 -1.43 -44.68
C PHE A 222 12.84 -0.55 -45.88
N SER A 223 12.28 0.62 -45.60
CA SER A 223 11.97 1.58 -46.65
C SER A 223 13.25 2.18 -47.22
N HIS A 224 13.12 2.70 -48.44
CA HIS A 224 14.28 3.28 -49.13
C HIS A 224 14.70 4.58 -48.46
N PRO A 225 16.00 4.79 -48.19
CA PRO A 225 17.15 3.91 -48.46
C PRO A 225 17.30 2.74 -47.48
N THR A 226 17.61 1.56 -48.01
CA THR A 226 17.71 0.36 -47.20
C THR A 226 18.93 0.41 -46.27
N TRP A 227 20.05 0.95 -46.77
CA TRP A 227 21.29 0.97 -46.02
C TRP A 227 21.22 1.87 -44.79
N TYR A 228 20.47 2.96 -44.85
CA TYR A 228 20.39 3.88 -43.71
C TYR A 228 19.59 3.29 -42.56
N TRP A 229 18.37 2.81 -42.86
CA TRP A 229 17.46 2.39 -41.78
C TRP A 229 17.87 1.06 -41.17
N GLU A 230 18.45 0.16 -41.97
CA GLU A 230 18.85 -1.15 -41.45
C GLU A 230 20.01 -1.02 -40.45
N ASN A 231 21.03 -0.24 -40.78
CA ASN A 231 22.15 -0.08 -39.88
C ASN A 231 21.82 0.83 -38.69
N LEU A 232 20.84 1.72 -38.84
CA LEU A 232 20.37 2.50 -37.70
C LEU A 232 19.72 1.61 -36.65
N LEU A 233 19.04 0.55 -37.08
CA LEU A 233 18.44 -0.38 -36.12
C LEU A 233 19.50 -1.18 -35.38
N LYS A 234 20.58 -1.56 -36.06
CA LYS A 234 21.66 -2.34 -35.44
C LYS A 234 22.39 -1.52 -34.37
N ILE A 235 22.57 -0.22 -34.61
CA ILE A 235 23.23 0.65 -33.65
C ILE A 235 22.37 0.83 -32.40
N CYS A 236 21.05 0.97 -32.59
CA CYS A 236 20.14 1.12 -31.45
C CYS A 236 20.06 -0.17 -30.63
N VAL A 237 20.10 -1.33 -31.30
CA VAL A 237 20.23 -2.60 -30.57
C VAL A 237 21.58 -2.67 -29.87
N PHE A 238 22.63 -2.14 -30.50
CA PHE A 238 23.95 -2.12 -29.86
C PHE A 238 23.98 -1.20 -28.65
N ILE A 239 23.43 0.01 -28.78
CA ILE A 239 23.49 0.97 -27.66
C ILE A 239 22.54 0.57 -26.55
N PHE A 240 21.25 0.42 -26.86
CA PHE A 240 20.24 0.29 -25.81
C PHE A 240 20.17 -1.10 -25.19
N ALA A 241 20.66 -2.14 -25.85
CA ALA A 241 20.68 -3.46 -25.24
C ALA A 241 22.05 -3.89 -24.73
N PHE A 242 23.13 -3.25 -25.18
CA PHE A 242 24.46 -3.63 -24.71
C PHE A 242 25.21 -2.49 -24.03
N ILE A 243 25.26 -1.30 -24.64
CA ILE A 243 26.10 -0.23 -24.09
C ILE A 243 25.48 0.35 -22.83
N MET A 244 24.25 0.88 -22.95
CA MET A 244 23.40 1.37 -21.86
C MET A 244 23.31 0.38 -20.69
N PRO A 245 22.81 -0.88 -20.85
CA PRO A 245 22.60 -1.73 -19.65
C PRO A 245 23.86 -2.13 -18.90
N VAL A 246 24.98 -2.33 -19.59
CA VAL A 246 26.24 -2.68 -18.92
C VAL A 246 26.69 -1.52 -18.02
N LEU A 247 26.46 -0.28 -18.47
CA LEU A 247 26.76 0.88 -17.65
C LEU A 247 25.90 0.91 -16.39
N ILE A 248 24.61 0.61 -16.53
CA ILE A 248 23.71 0.59 -15.38
C ILE A 248 24.06 -0.54 -14.41
N ILE A 249 24.28 -1.75 -14.94
CA ILE A 249 24.51 -2.92 -14.09
C ILE A 249 25.86 -2.83 -13.36
N THR A 250 26.91 -2.40 -14.05
CA THR A 250 28.24 -2.37 -13.44
C THR A 250 28.35 -1.30 -12.36
N VAL A 251 27.80 -0.11 -12.60
CA VAL A 251 27.89 0.97 -11.64
C VAL A 251 27.03 0.68 -10.40
N CYS A 252 25.79 0.25 -10.62
CA CYS A 252 24.87 0.02 -9.49
C CYS A 252 25.31 -1.16 -8.63
N TYR A 253 25.73 -2.26 -9.24
CA TYR A 253 26.27 -3.37 -8.44
C TYR A 253 27.68 -3.07 -7.92
N GLY A 254 28.45 -2.26 -8.65
CA GLY A 254 29.79 -1.91 -8.18
C GLY A 254 29.78 -1.01 -6.94
N LEU A 255 28.91 0.01 -6.94
CA LEU A 255 28.71 0.82 -5.75
C LEU A 255 28.11 0.02 -4.60
N MET A 256 27.31 -1.00 -4.94
CA MET A 256 26.70 -1.86 -3.92
C MET A 256 27.75 -2.64 -3.13
N ILE A 257 28.77 -3.16 -3.81
CA ILE A 257 29.82 -3.94 -3.15
C ILE A 257 30.61 -3.07 -2.18
N LEU A 258 30.90 -1.82 -2.57
CA LEU A 258 31.60 -0.89 -1.70
C LEU A 258 30.77 -0.54 -0.47
N ARG A 259 29.45 -0.42 -0.64
CA ARG A 259 28.58 -0.06 0.47
C ARG A 259 28.39 -1.22 1.44
N LEU A 260 28.40 -2.46 0.94
CA LEU A 260 28.24 -3.62 1.82
C LEU A 260 29.48 -3.86 2.68
N LYS A 261 30.66 -3.55 2.15
CA LYS A 261 31.88 -3.65 2.95
C LYS A 261 31.88 -2.66 4.12
N SER A 262 31.28 -1.48 3.93
CA SER A 262 31.19 -0.49 5.00
C SER A 262 30.27 -0.93 6.13
N VAL A 263 29.31 -1.81 5.84
CA VAL A 263 28.34 -2.26 6.85
C VAL A 263 29.05 -3.03 7.95
N ARG A 264 28.79 -2.66 9.21
CA ARG A 264 29.44 -3.31 10.33
C ARG A 264 28.87 -4.70 10.60
N MET A 265 27.67 -4.99 10.09
CA MET A 265 27.06 -6.29 10.30
C MET A 265 27.77 -7.38 9.51
N LEU A 266 28.06 -7.12 8.23
CA LEU A 266 28.70 -8.13 7.40
C LEU A 266 30.15 -8.36 7.81
N SER A 267 30.80 -7.34 8.34
CA SER A 267 32.18 -7.46 8.79
C SER A 267 32.22 -8.08 10.20
N GLY A 268 33.43 -8.27 10.72
CA GLY A 268 33.59 -8.82 12.06
C GLY A 268 34.01 -10.26 12.12
N SER A 269 33.11 -11.14 12.57
CA SER A 269 33.42 -12.55 12.76
C SER A 269 33.66 -13.26 11.42
N LYS A 270 34.34 -14.40 11.50
CA LYS A 270 34.66 -15.22 10.33
C LYS A 270 33.40 -15.68 9.60
N GLU A 271 32.37 -16.09 10.36
CA GLU A 271 31.13 -16.57 9.76
C GLU A 271 30.42 -15.46 8.99
N LYS A 272 30.35 -14.26 9.57
CA LYS A 272 29.72 -13.13 8.90
C LYS A 272 30.56 -12.64 7.72
N ASP A 273 31.89 -12.68 7.86
CA ASP A 273 32.78 -12.38 6.74
C ASP A 273 32.61 -13.35 5.58
N ARG A 274 32.48 -14.65 5.89
CA ARG A 274 32.21 -15.67 4.86
C ARG A 274 30.91 -15.40 4.12
N ASN A 275 29.88 -14.93 4.84
CA ASN A 275 28.61 -14.61 4.20
C ASN A 275 28.74 -13.39 3.28
N LEU A 276 29.57 -12.40 3.68
CA LEU A 276 29.87 -11.27 2.81
C LEU A 276 30.58 -11.71 1.54
N ARG A 277 31.48 -12.70 1.66
CA ARG A 277 32.15 -13.29 0.51
C ARG A 277 31.16 -13.92 -0.46
N ARG A 278 30.24 -14.75 0.07
CA ARG A 278 29.15 -15.34 -0.71
C ARG A 278 28.32 -14.31 -1.45
N ILE A 279 27.97 -13.20 -0.79
CA ILE A 279 27.19 -12.14 -1.43
C ILE A 279 28.00 -11.45 -2.51
N THR A 280 29.28 -11.17 -2.24
CA THR A 280 30.15 -10.54 -3.24
C THR A 280 30.40 -11.47 -4.42
N ARG A 281 30.48 -12.78 -4.16
CA ARG A 281 30.63 -13.76 -5.23
C ARG A 281 29.41 -13.77 -6.14
N MET A 282 28.21 -13.83 -5.54
CA MET A 282 26.94 -13.83 -6.29
C MET A 282 26.81 -12.62 -7.20
N VAL A 283 27.20 -11.44 -6.73
CA VAL A 283 27.09 -10.22 -7.54
C VAL A 283 28.01 -10.31 -8.76
N LEU A 284 29.24 -10.77 -8.58
CA LEU A 284 30.20 -10.82 -9.68
C LEU A 284 29.83 -11.85 -10.74
N VAL A 285 29.23 -12.97 -10.34
CA VAL A 285 28.75 -13.97 -11.31
C VAL A 285 27.60 -13.40 -12.14
N VAL A 286 26.71 -12.62 -11.49
CA VAL A 286 25.57 -12.01 -12.16
C VAL A 286 26.03 -11.04 -13.25
N VAL A 287 27.01 -10.20 -12.94
CA VAL A 287 27.54 -9.26 -13.92
C VAL A 287 28.28 -10.02 -15.04
N ALA A 288 29.00 -11.08 -14.68
CA ALA A 288 29.80 -11.82 -15.66
C ALA A 288 28.94 -12.59 -16.65
N VAL A 289 27.85 -13.21 -16.19
CA VAL A 289 26.98 -13.98 -17.06
C VAL A 289 26.28 -13.09 -18.09
N PHE A 290 25.89 -11.88 -17.68
CA PHE A 290 25.33 -10.91 -18.63
C PHE A 290 26.37 -10.47 -19.65
N ILE A 291 27.62 -10.28 -19.22
CA ILE A 291 28.66 -9.82 -20.12
C ILE A 291 29.06 -10.93 -21.10
N VAL A 292 29.40 -12.11 -20.58
CA VAL A 292 29.95 -13.21 -21.40
C VAL A 292 28.95 -13.69 -22.45
N CYS A 293 27.66 -13.62 -22.15
CA CYS A 293 26.65 -14.03 -23.13
C CYS A 293 26.46 -12.97 -24.22
N TRP A 294 26.24 -11.71 -23.84
CA TRP A 294 25.81 -10.70 -24.80
C TRP A 294 26.95 -9.95 -25.47
N THR A 295 28.20 -10.08 -25.01
CA THR A 295 29.30 -9.38 -25.68
C THR A 295 29.64 -9.94 -27.07
N PRO A 296 29.79 -11.27 -27.29
CA PRO A 296 30.19 -11.70 -28.65
C PRO A 296 29.13 -11.48 -29.71
N ILE A 297 27.84 -11.58 -29.37
CA ILE A 297 26.80 -11.40 -30.37
C ILE A 297 26.68 -9.94 -30.81
N HIS A 298 26.91 -8.98 -29.92
CA HIS A 298 26.81 -7.57 -30.31
C HIS A 298 27.99 -7.13 -31.15
N ILE A 299 29.22 -7.52 -30.78
CA ILE A 299 30.41 -7.12 -31.53
C ILE A 299 30.43 -7.77 -32.91
N TYR A 300 29.99 -9.02 -33.02
CA TYR A 300 30.07 -9.75 -34.29
C TYR A 300 29.11 -9.21 -35.34
N VAL A 301 27.96 -8.67 -34.91
CA VAL A 301 27.02 -8.08 -35.86
C VAL A 301 27.59 -6.80 -36.44
N ILE A 302 28.17 -5.95 -35.58
CA ILE A 302 28.80 -4.70 -36.01
C ILE A 302 29.97 -4.96 -36.97
N ILE A 303 30.79 -5.98 -36.67
CA ILE A 303 31.90 -6.36 -37.54
C ILE A 303 31.38 -6.82 -38.91
N LYS A 304 30.30 -7.62 -38.90
CA LYS A 304 29.71 -8.12 -40.14
C LYS A 304 29.17 -6.98 -41.01
N ALA A 305 28.50 -6.01 -40.38
CA ALA A 305 27.96 -4.87 -41.12
C ALA A 305 29.06 -4.00 -41.69
N LEU A 306 30.08 -3.69 -40.89
CA LEU A 306 31.17 -2.82 -41.34
C LEU A 306 32.01 -3.49 -42.42
N VAL A 307 32.41 -4.74 -42.21
CA VAL A 307 33.29 -5.45 -43.13
C VAL A 307 32.63 -6.76 -43.52
N THR A 308 32.45 -6.97 -44.82
CA THR A 308 31.89 -8.21 -45.32
C THR A 308 32.92 -9.32 -45.20
N ILE A 309 32.49 -10.47 -44.69
CA ILE A 309 33.35 -11.64 -44.51
C ILE A 309 32.80 -12.78 -45.37
N PRO A 310 33.64 -13.46 -46.16
CA PRO A 310 33.14 -14.53 -47.04
C PRO A 310 32.55 -15.70 -46.26
N GLU A 311 31.38 -16.16 -46.71
CA GLU A 311 30.69 -17.26 -46.05
C GLU A 311 31.50 -18.56 -46.16
N THR A 312 31.57 -19.29 -45.05
CA THR A 312 32.30 -20.54 -44.92
C THR A 312 31.62 -21.37 -43.84
N THR A 313 32.07 -22.63 -43.72
CA THR A 313 31.55 -23.54 -42.71
C THR A 313 31.82 -23.01 -41.30
N PHE A 314 33.01 -22.45 -41.09
CA PHE A 314 33.40 -21.90 -39.79
C PHE A 314 32.50 -20.74 -39.38
N GLN A 315 32.17 -19.86 -40.31
CA GLN A 315 31.24 -18.77 -40.03
C GLN A 315 29.84 -19.30 -39.71
N THR A 316 29.40 -20.31 -40.47
CA THR A 316 28.07 -20.91 -40.29
C THR A 316 27.89 -21.48 -38.89
N VAL A 317 28.96 -21.95 -38.26
CA VAL A 317 28.89 -22.47 -36.91
C VAL A 317 29.02 -21.35 -35.88
N SER A 318 29.95 -20.41 -36.12
CA SER A 318 30.18 -19.29 -35.21
C SER A 318 28.98 -18.35 -35.11
N TRP A 319 28.32 -18.08 -36.25
CA TRP A 319 27.17 -17.17 -36.27
C TRP A 319 26.01 -17.70 -35.44
N HIS A 320 25.67 -18.98 -35.61
CA HIS A 320 24.59 -19.57 -34.81
C HIS A 320 24.99 -19.74 -33.35
N PHE A 321 26.27 -20.05 -33.09
CA PHE A 321 26.76 -20.20 -31.71
C PHE A 321 26.65 -18.89 -30.94
N CYS A 322 26.96 -17.76 -31.58
CA CYS A 322 26.82 -16.46 -30.94
C CYS A 322 25.35 -16.14 -30.64
N ILE A 323 24.45 -16.50 -31.57
CA ILE A 323 23.02 -16.32 -31.33
C ILE A 323 22.56 -17.22 -30.19
N ALA A 324 23.02 -18.49 -30.19
CA ALA A 324 22.69 -19.42 -29.11
C ALA A 324 23.26 -18.96 -27.77
N LEU A 325 24.44 -18.33 -27.79
CA LEU A 325 25.02 -17.78 -26.57
C LEU A 325 24.17 -16.64 -26.03
N GLY A 326 23.49 -15.91 -26.92
CA GLY A 326 22.59 -14.85 -26.49
C GLY A 326 21.42 -15.37 -25.69
N TYR A 327 20.86 -16.51 -26.10
CA TYR A 327 19.73 -17.10 -25.39
C TYR A 327 20.18 -17.92 -24.19
N THR A 328 21.49 -18.16 -24.05
CA THR A 328 22.01 -18.89 -22.90
C THR A 328 21.75 -18.12 -21.61
N ASN A 329 21.91 -16.79 -21.64
CA ASN A 329 21.65 -15.95 -20.48
C ASN A 329 20.19 -16.05 -20.05
N SER A 330 19.26 -16.04 -21.03
CA SER A 330 17.84 -16.19 -20.75
C SER A 330 17.55 -17.55 -20.12
N CYS A 331 18.22 -18.58 -20.64
CA CYS A 331 18.12 -19.92 -20.05
C CYS A 331 18.73 -19.95 -18.65
N LEU A 332 19.83 -19.24 -18.45
CA LEU A 332 20.53 -19.25 -17.17
C LEU A 332 20.00 -18.22 -16.18
N ASN A 333 19.08 -17.34 -16.61
CA ASN A 333 18.48 -16.37 -15.69
C ASN A 333 17.70 -16.99 -14.52
N PRO A 334 16.84 -18.03 -14.69
CA PRO A 334 16.22 -18.61 -13.50
C PRO A 334 17.20 -19.25 -12.53
N VAL A 335 18.18 -19.99 -13.04
CA VAL A 335 19.17 -20.65 -12.20
C VAL A 335 20.02 -19.62 -11.44
N LEU A 336 20.50 -18.60 -12.15
CA LEU A 336 21.35 -17.59 -11.52
C LEU A 336 20.59 -16.72 -10.52
N TYR A 337 19.35 -16.35 -10.84
CA TYR A 337 18.59 -15.47 -9.96
C TYR A 337 17.63 -16.20 -9.03
N ALA A 338 16.59 -16.82 -9.60
CA ALA A 338 15.50 -17.39 -8.82
C ALA A 338 15.95 -18.55 -7.94
N PHE A 339 16.70 -19.50 -8.50
CA PHE A 339 17.09 -20.70 -7.76
C PHE A 339 18.02 -20.39 -6.58
N LEU A 340 18.96 -19.46 -6.77
CA LEU A 340 19.91 -19.16 -5.70
C LEU A 340 19.40 -18.15 -4.68
N ASP A 341 18.23 -17.55 -4.89
CA ASP A 341 17.63 -16.67 -3.89
C ASP A 341 17.27 -17.45 -2.63
N GLU A 342 17.55 -16.84 -1.47
CA GLU A 342 17.29 -17.47 -0.18
C GLU A 342 15.80 -17.73 0.04
N ASN A 343 14.94 -16.79 -0.36
CA ASN A 343 13.50 -16.94 -0.16
C ASN A 343 12.96 -18.11 -0.96
N PHE A 344 13.36 -18.21 -2.23
CA PHE A 344 12.92 -19.33 -3.08
C PHE A 344 13.51 -20.65 -2.61
N LYS A 345 14.77 -20.64 -2.16
CA LYS A 345 15.46 -21.86 -1.73
C LYS A 345 14.73 -22.53 -0.57
N ARG A 346 14.19 -21.74 0.36
CA ARG A 346 13.41 -22.28 1.47
C ARG A 346 12.17 -22.99 0.97
N CYS A 347 11.50 -22.41 -0.04
CA CYS A 347 10.29 -23.01 -0.61
C CYS A 347 10.56 -24.36 -1.24
N PHE A 348 11.68 -24.49 -1.97
CA PHE A 348 12.05 -25.78 -2.57
C PHE A 348 12.33 -26.84 -1.49
N ARG A 349 13.04 -26.45 -0.42
CA ARG A 349 13.36 -27.39 0.65
C ARG A 349 12.11 -27.88 1.38
N GLU A 350 11.17 -26.97 1.67
CA GLU A 350 9.94 -27.35 2.37
C GLU A 350 9.09 -28.29 1.52
N PHE A 351 8.97 -28.00 0.23
CA PHE A 351 8.15 -28.81 -0.66
C PHE A 351 9.02 -29.65 -1.59
N THR B 4 -29.46 -6.55 -9.90
CA THR B 4 -29.56 -7.54 -8.83
C THR B 4 -29.63 -6.86 -7.47
N LEU B 5 -28.60 -6.08 -7.14
CA LEU B 5 -28.56 -5.37 -5.88
C LEU B 5 -29.54 -4.20 -5.87
N SER B 6 -30.12 -3.95 -4.70
CA SER B 6 -31.03 -2.83 -4.53
C SER B 6 -30.25 -1.52 -4.48
N ALA B 7 -31.00 -0.41 -4.40
CA ALA B 7 -30.39 0.92 -4.41
C ALA B 7 -29.57 1.18 -3.14
N GLU B 8 -30.09 0.76 -1.98
CA GLU B 8 -29.34 0.93 -0.73
C GLU B 8 -28.15 -0.03 -0.66
N ASP B 9 -28.28 -1.23 -1.23
CA ASP B 9 -27.18 -2.19 -1.22
C ASP B 9 -26.01 -1.71 -2.07
N LYS B 10 -26.29 -1.06 -3.21
CA LYS B 10 -25.21 -0.53 -4.04
C LYS B 10 -24.52 0.65 -3.36
N ALA B 11 -25.27 1.45 -2.60
CA ALA B 11 -24.67 2.52 -1.81
C ALA B 11 -23.83 1.97 -0.66
N ALA B 12 -24.24 0.82 -0.10
CA ALA B 12 -23.46 0.20 0.97
C ALA B 12 -22.13 -0.33 0.47
N VAL B 13 -22.10 -0.85 -0.76
CA VAL B 13 -20.84 -1.29 -1.37
C VAL B 13 -19.92 -0.11 -1.61
N GLU B 14 -20.50 1.03 -2.02
CA GLU B 14 -19.72 2.26 -2.24
C GLU B 14 -19.13 2.79 -0.95
N ARG B 15 -19.85 2.64 0.17
CA ARG B 15 -19.31 3.00 1.47
C ARG B 15 -18.13 2.11 1.85
N SER B 16 -18.23 0.81 1.55
CA SER B 16 -17.14 -0.13 1.84
C SER B 16 -15.90 0.16 0.99
N LYS B 17 -16.09 0.61 -0.25
CA LYS B 17 -14.93 0.96 -1.09
C LYS B 17 -14.21 2.19 -0.57
N MET B 18 -14.94 3.15 -0.02
CA MET B 18 -14.31 4.34 0.56
C MET B 18 -13.49 3.98 1.80
N ILE B 19 -13.98 3.03 2.61
CA ILE B 19 -13.24 2.58 3.77
C ILE B 19 -11.98 1.82 3.35
N ASP B 20 -12.08 1.04 2.26
CA ASP B 20 -10.93 0.32 1.73
C ASP B 20 -9.83 1.25 1.25
N ARG B 21 -10.20 2.42 0.72
CA ARG B 21 -9.20 3.40 0.30
C ARG B 21 -8.47 3.99 1.51
N ASN B 22 -9.19 4.25 2.59
CA ASN B 22 -8.58 4.82 3.79
C ASN B 22 -7.67 3.83 4.50
N LEU B 23 -8.06 2.55 4.53
CA LEU B 23 -7.25 1.54 5.22
C LEU B 23 -5.94 1.26 4.48
N ARG B 24 -5.98 1.27 3.15
CA ARG B 24 -4.76 1.10 2.36
C ARG B 24 -3.86 2.32 2.49
N GLU B 25 -4.45 3.52 2.56
CA GLU B 25 -3.68 4.75 2.76
C GLU B 25 -3.04 4.77 4.14
N ASP B 26 -3.78 4.37 5.17
CA ASP B 26 -3.22 4.29 6.52
C ASP B 26 -2.20 3.17 6.64
N GLY B 27 -2.38 2.07 5.90
CA GLY B 27 -1.43 0.97 5.96
C GLY B 27 -0.08 1.31 5.37
N GLU B 28 -0.06 2.12 4.30
CA GLU B 28 1.20 2.57 3.73
C GLU B 28 1.95 3.51 4.67
N LYS B 29 1.22 4.36 5.38
CA LYS B 29 1.83 5.28 6.34
C LYS B 29 2.49 4.52 7.50
N ALA B 30 1.83 3.47 8.00
CA ALA B 30 2.38 2.70 9.11
C ALA B 30 3.59 1.88 8.71
N ALA B 31 3.68 1.46 7.44
CA ALA B 31 4.79 0.63 6.99
C ALA B 31 6.11 1.42 6.96
N ARG B 32 6.05 2.72 6.66
CA ARG B 32 7.25 3.54 6.66
C ARG B 32 7.75 3.82 8.07
N GLU B 33 6.84 3.82 9.05
CA GLU B 33 7.19 4.13 10.42
C GLU B 33 8.00 3.00 11.06
N VAL B 34 9.07 3.38 11.75
CA VAL B 34 9.94 2.44 12.44
C VAL B 34 9.52 2.32 13.89
N LYS B 35 9.26 1.08 14.33
CA LYS B 35 8.84 0.80 15.69
C LYS B 35 10.03 0.34 16.52
N LEU B 36 10.22 0.95 17.68
CA LEU B 36 11.31 0.64 18.59
C LEU B 36 10.76 0.28 19.96
N LEU B 37 11.27 -0.80 20.54
CA LEU B 37 10.87 -1.25 21.86
C LEU B 37 11.89 -0.81 22.90
N LEU B 38 11.41 -0.15 23.95
CA LEU B 38 12.26 0.36 25.02
C LEU B 38 12.17 -0.54 26.24
N LEU B 39 13.32 -0.99 26.74
CA LEU B 39 13.39 -1.90 27.86
C LEU B 39 14.48 -1.44 28.82
N GLY B 40 14.41 -1.95 30.05
CA GLY B 40 15.40 -1.65 31.07
C GLY B 40 14.77 -1.51 32.44
N ALA B 41 15.58 -1.16 33.44
CA ALA B 41 15.06 -0.95 34.78
C ALA B 41 14.46 0.46 34.90
N GLY B 42 13.76 0.69 36.02
CA GLY B 42 13.14 1.99 36.23
C GLY B 42 14.14 3.10 36.54
N GLU B 43 15.22 2.76 37.26
CA GLU B 43 16.24 3.73 37.63
C GLU B 43 17.34 3.87 36.58
N SER B 44 17.17 3.24 35.41
CA SER B 44 18.20 3.23 34.38
C SER B 44 18.37 4.61 33.75
N GLY B 45 17.29 5.38 33.65
CA GLY B 45 17.35 6.66 32.99
C GLY B 45 16.59 6.68 31.69
N LYS B 46 15.45 5.99 31.66
CA LYS B 46 14.60 5.98 30.47
C LYS B 46 14.03 7.36 30.18
N SER B 47 13.56 8.05 31.23
CA SER B 47 12.94 9.38 31.06
C SER B 47 13.95 10.41 30.57
N THR B 48 15.21 10.29 30.97
CA THR B 48 16.24 11.23 30.53
C THR B 48 16.53 11.08 29.04
N ILE B 49 16.72 9.85 28.58
CA ILE B 49 17.14 9.62 27.20
C ILE B 49 16.00 9.87 26.21
N VAL B 50 14.74 9.73 26.64
CA VAL B 50 13.62 10.10 25.79
C VAL B 50 13.54 11.61 25.60
N LYS B 51 13.79 12.37 26.68
CA LYS B 51 13.83 13.83 26.59
C LYS B 51 15.00 14.32 25.73
N GLN B 52 16.10 13.56 25.70
CA GLN B 52 17.21 13.91 24.82
C GLN B 52 16.83 13.74 23.35
N MET B 53 16.14 12.64 23.04
CA MET B 53 15.77 12.36 21.65
C MET B 53 14.63 13.23 21.15
N LYS B 54 13.73 13.64 22.04
CA LYS B 54 12.67 14.58 21.65
C LYS B 54 13.25 15.94 21.29
N ILE B 55 14.07 16.50 22.17
CA ILE B 55 14.68 17.81 21.95
C ILE B 55 15.75 17.73 20.87
N THR B 182 0.52 5.69 32.78
CA THR B 182 0.06 4.33 33.04
C THR B 182 -0.17 3.58 31.72
N GLY B 183 0.57 2.50 31.53
CA GLY B 183 0.42 1.69 30.34
C GLY B 183 1.59 1.79 29.38
N ILE B 184 1.32 2.27 28.17
CA ILE B 184 2.33 2.38 27.12
C ILE B 184 2.61 3.85 26.89
N VAL B 185 3.88 4.23 26.95
CA VAL B 185 4.32 5.58 26.62
C VAL B 185 4.89 5.55 25.21
N GLU B 186 4.24 6.28 24.30
CA GLU B 186 4.59 6.26 22.89
C GLU B 186 5.25 7.58 22.53
N THR B 187 6.46 7.50 21.99
CA THR B 187 7.27 8.68 21.66
C THR B 187 7.40 8.81 20.16
N HIS B 188 7.06 9.98 19.63
CA HIS B 188 7.12 10.27 18.21
C HIS B 188 8.22 11.30 17.96
N PHE B 189 9.23 10.93 17.18
CA PHE B 189 10.22 11.89 16.72
C PHE B 189 10.67 11.50 15.32
N THR B 190 11.07 12.50 14.54
CA THR B 190 11.40 12.34 13.13
C THR B 190 12.84 12.82 12.92
N PHE B 191 13.74 11.90 12.60
CA PHE B 191 15.13 12.22 12.33
C PHE B 191 15.49 11.74 10.94
N LYS B 192 15.96 12.68 10.10
CA LYS B 192 16.39 12.45 8.71
C LYS B 192 15.31 11.76 7.87
N ASP B 193 14.08 12.31 7.95
CA ASP B 193 12.89 11.86 7.21
C ASP B 193 12.59 10.38 7.47
N LEU B 194 12.80 9.95 8.71
CA LEU B 194 12.47 8.59 9.13
C LEU B 194 11.66 8.66 10.41
N HIS B 195 10.47 8.07 10.39
CA HIS B 195 9.56 8.16 11.53
C HIS B 195 9.87 7.08 12.55
N PHE B 196 9.98 7.47 13.81
CA PHE B 196 10.32 6.58 14.90
C PHE B 196 9.18 6.51 15.90
N LYS B 197 8.80 5.30 16.30
CA LYS B 197 7.88 5.06 17.40
C LYS B 197 8.60 4.30 18.50
N MET B 198 8.69 4.90 19.69
CA MET B 198 9.34 4.29 20.85
C MET B 198 8.28 3.93 21.87
N PHE B 199 8.24 2.66 22.27
CA PHE B 199 7.21 2.15 23.17
C PHE B 199 7.86 1.79 24.50
N ASP B 200 7.54 2.55 25.54
CA ASP B 200 8.05 2.32 26.88
C ASP B 200 7.03 1.48 27.65
N VAL B 201 7.43 0.28 28.06
CA VAL B 201 6.56 -0.67 28.73
C VAL B 201 6.86 -0.78 30.22
N GLY B 202 7.66 0.15 30.77
CA GLY B 202 8.13 0.06 32.14
C GLY B 202 7.06 0.21 33.19
N ALA B 203 5.92 0.82 32.85
CA ALA B 203 4.88 1.10 33.83
C ALA B 203 4.16 -0.17 34.29
N GLN B 204 4.04 -1.16 33.41
CA GLN B 204 3.28 -2.37 33.72
C GLN B 204 3.99 -3.24 34.75
N ARG B 205 3.21 -3.77 35.69
CA ARG B 205 3.70 -4.65 36.74
C ARG B 205 3.39 -6.11 36.43
N SER B 206 2.67 -6.37 35.35
CA SER B 206 2.20 -7.71 35.00
C SER B 206 3.36 -8.59 34.53
N GLU B 207 3.07 -9.90 34.42
CA GLU B 207 4.05 -10.86 33.95
C GLU B 207 4.34 -10.62 32.47
N ARG B 208 5.63 -10.47 32.14
CA ARG B 208 6.03 -10.02 30.82
C ARG B 208 5.84 -11.11 29.76
N LYS B 209 5.85 -12.38 30.18
CA LYS B 209 5.86 -13.51 29.24
C LYS B 209 4.60 -13.59 28.38
N LYS B 210 3.45 -13.19 28.93
CA LYS B 210 2.20 -13.34 28.19
C LYS B 210 2.06 -12.30 27.08
N TRP B 211 2.44 -11.05 27.32
CA TRP B 211 2.22 -9.99 26.34
C TRP B 211 3.45 -9.66 25.51
N ILE B 212 4.52 -10.46 25.63
CA ILE B 212 5.74 -10.18 24.88
C ILE B 212 5.58 -10.51 23.39
N HIS B 213 4.61 -11.36 23.03
CA HIS B 213 4.44 -11.76 21.64
C HIS B 213 3.80 -10.66 20.79
N CYS B 214 3.22 -9.64 21.42
CA CYS B 214 2.66 -8.51 20.68
C CYS B 214 3.74 -7.74 19.93
N PHE B 215 4.94 -7.66 20.49
CA PHE B 215 6.04 -6.88 19.91
C PHE B 215 6.92 -7.72 18.99
N GLU B 216 6.35 -8.73 18.32
CA GLU B 216 7.15 -9.59 17.45
C GLU B 216 7.67 -8.84 16.23
N GLY B 217 6.81 -8.05 15.59
CA GLY B 217 7.24 -7.29 14.44
C GLY B 217 7.86 -5.95 14.79
N VAL B 218 9.05 -5.99 15.41
CA VAL B 218 9.74 -4.79 15.83
C VAL B 218 11.10 -4.75 15.12
N THR B 219 11.55 -3.54 14.81
CA THR B 219 12.83 -3.39 14.12
C THR B 219 14.00 -3.63 15.06
N ALA B 220 14.00 -2.96 16.22
CA ALA B 220 15.11 -3.07 17.16
C ALA B 220 14.60 -2.88 18.58
N ILE B 221 15.39 -3.36 19.53
CA ILE B 221 15.09 -3.24 20.95
C ILE B 221 16.12 -2.30 21.57
N ILE B 222 15.63 -1.21 22.16
CA ILE B 222 16.49 -0.28 22.87
C ILE B 222 16.52 -0.68 24.35
N PHE B 223 17.66 -1.18 24.80
CA PHE B 223 17.82 -1.69 26.15
C PHE B 223 18.76 -0.75 26.91
N CYS B 224 18.24 -0.08 27.93
CA CYS B 224 18.97 0.94 28.66
C CYS B 224 19.23 0.47 30.10
N VAL B 225 20.50 0.51 30.51
CA VAL B 225 20.90 0.28 31.90
C VAL B 225 21.95 1.33 32.29
N ALA B 226 22.15 1.47 33.59
CA ALA B 226 23.09 2.44 34.15
C ALA B 226 24.35 1.73 34.62
N LEU B 227 25.51 2.29 34.29
CA LEU B 227 26.78 1.68 34.67
C LEU B 227 27.04 1.73 36.16
N SER B 228 26.51 2.74 36.85
CA SER B 228 26.74 2.91 38.28
C SER B 228 25.85 2.02 39.16
N ASP B 229 25.12 1.07 38.57
CA ASP B 229 24.19 0.24 39.32
C ASP B 229 24.87 -0.80 40.21
N TYR B 230 26.17 -1.08 39.99
CA TYR B 230 26.81 -2.20 40.67
C TYR B 230 26.99 -1.96 42.17
N ASP B 231 27.24 -0.72 42.58
CA ASP B 231 27.37 -0.44 44.01
C ASP B 231 26.01 -0.41 44.70
N LEU B 232 24.98 0.08 44.02
CA LEU B 232 23.65 0.17 44.61
C LEU B 232 22.99 -1.20 44.58
N VAL B 233 22.73 -1.76 45.76
CA VAL B 233 22.12 -3.07 45.89
C VAL B 233 20.64 -2.94 45.55
N LEU B 234 19.97 -4.07 45.30
CA LEU B 234 18.56 -4.10 44.94
C LEU B 234 17.69 -3.56 46.07
N ALA B 235 16.55 -2.96 45.69
CA ALA B 235 15.61 -2.38 46.65
C ALA B 235 15.09 -3.43 47.61
N GLU B 236 14.83 -4.64 47.12
CA GLU B 236 14.38 -5.75 47.94
C GLU B 236 15.45 -6.12 48.97
N ASP B 237 14.99 -6.66 50.11
CA ASP B 237 15.87 -7.00 51.23
C ASP B 237 16.97 -7.98 50.83
N GLU B 238 16.66 -8.94 49.95
CA GLU B 238 17.63 -9.92 49.46
C GLU B 238 18.85 -9.23 48.83
N GLU B 239 20.03 -9.76 49.16
CA GLU B 239 21.27 -9.18 48.65
C GLU B 239 21.48 -9.64 47.21
N MET B 240 21.38 -8.70 46.27
CA MET B 240 21.60 -8.98 44.85
C MET B 240 22.05 -7.71 44.17
N ASN B 241 23.12 -7.79 43.37
CA ASN B 241 23.65 -6.62 42.69
C ASN B 241 22.85 -6.38 41.42
N ARG B 242 22.30 -5.16 41.30
CA ARG B 242 21.52 -4.70 40.14
C ARG B 242 22.11 -5.09 38.78
N MET B 243 23.43 -4.95 38.63
CA MET B 243 24.14 -5.43 37.43
C MET B 243 23.85 -6.89 37.11
N HIS B 244 23.69 -7.74 38.12
CA HIS B 244 23.38 -9.13 37.85
C HIS B 244 21.88 -9.32 37.59
N GLU B 245 21.04 -8.47 38.19
CA GLU B 245 19.63 -8.44 37.82
C GLU B 245 19.46 -7.92 36.40
N SER B 246 20.28 -6.94 36.01
CA SER B 246 20.26 -6.45 34.64
C SER B 246 20.77 -7.49 33.65
N MET B 247 21.73 -8.33 34.06
CA MET B 247 22.16 -9.43 33.21
C MET B 247 21.05 -10.45 33.02
N LYS B 248 20.28 -10.74 34.07
CA LYS B 248 19.12 -11.62 33.94
C LYS B 248 18.04 -10.97 33.08
N LEU B 249 17.88 -9.66 33.18
CA LEU B 249 16.93 -8.94 32.35
C LEU B 249 17.30 -8.99 30.87
N PHE B 250 18.58 -8.81 30.56
CA PHE B 250 19.05 -8.85 29.19
C PHE B 250 19.05 -10.27 28.62
N ASP B 251 19.34 -11.28 29.46
CA ASP B 251 19.43 -12.65 28.99
C ASP B 251 18.07 -13.20 28.56
N SER B 252 17.01 -12.82 29.28
CA SER B 252 15.67 -13.30 28.93
C SER B 252 15.17 -12.70 27.62
N ILE B 253 15.47 -11.42 27.39
CA ILE B 253 15.02 -10.77 26.15
C ILE B 253 15.81 -11.27 24.96
N CYS B 254 17.14 -11.45 25.12
CA CYS B 254 17.98 -11.86 24.00
C CYS B 254 17.72 -13.31 23.60
N ASN B 255 17.51 -14.18 24.57
CA ASN B 255 17.23 -15.59 24.30
C ASN B 255 15.75 -15.89 24.15
N ASN B 256 14.90 -14.86 24.05
CA ASN B 256 13.48 -15.07 23.87
C ASN B 256 13.20 -15.63 22.47
N LYS B 257 12.23 -16.54 22.40
CA LYS B 257 11.91 -17.20 21.13
C LYS B 257 11.24 -16.24 20.15
N TRP B 258 10.56 -15.21 20.65
CA TRP B 258 9.93 -14.23 19.78
C TRP B 258 10.92 -13.25 19.18
N PHE B 259 12.10 -13.10 19.79
CA PHE B 259 13.12 -12.16 19.32
C PHE B 259 14.34 -12.98 18.93
N THR B 260 14.37 -13.45 17.70
CA THR B 260 15.52 -14.21 17.17
C THR B 260 16.36 -13.41 16.18
N ASP B 261 15.72 -12.63 15.31
CA ASP B 261 16.44 -11.81 14.34
C ASP B 261 16.39 -10.32 14.67
N THR B 262 15.89 -9.96 15.85
CA THR B 262 15.75 -8.56 16.24
C THR B 262 17.04 -8.10 16.92
N SER B 263 17.66 -7.06 16.37
CA SER B 263 18.88 -6.52 16.96
C SER B 263 18.54 -5.73 18.22
N ILE B 264 19.52 -5.62 19.11
CA ILE B 264 19.37 -4.92 20.38
C ILE B 264 20.30 -3.71 20.37
N ILE B 265 19.72 -2.53 20.61
CA ILE B 265 20.48 -1.29 20.75
C ILE B 265 20.73 -1.07 22.23
N LEU B 266 21.96 -1.31 22.68
CA LEU B 266 22.31 -1.22 24.08
C LEU B 266 22.83 0.18 24.42
N PHE B 267 22.25 0.78 25.45
CA PHE B 267 22.70 2.08 25.96
C PHE B 267 23.18 1.90 27.39
N LEU B 268 24.37 2.39 27.67
CA LEU B 268 24.95 2.36 29.01
C LEU B 268 24.89 3.78 29.58
N ASN B 269 24.11 3.95 30.64
CA ASN B 269 23.87 5.26 31.23
C ASN B 269 24.80 5.51 32.41
N LYS B 270 24.85 6.79 32.81
CA LYS B 270 25.59 7.27 33.99
C LYS B 270 27.08 6.94 33.95
N LYS B 271 27.70 7.12 32.78
CA LYS B 271 29.13 6.87 32.65
C LYS B 271 29.95 7.84 33.49
N ASP B 272 29.52 9.10 33.61
CA ASP B 272 30.24 10.08 34.41
C ASP B 272 30.23 9.72 35.89
N LEU B 273 29.09 9.27 36.40
CA LEU B 273 29.03 8.77 37.77
C LEU B 273 29.85 7.48 37.91
N PHE B 274 29.82 6.64 36.87
CA PHE B 274 30.62 5.42 36.86
C PHE B 274 32.12 5.72 36.92
N GLU B 275 32.56 6.77 36.22
CA GLU B 275 33.97 7.16 36.23
C GLU B 275 34.43 7.58 37.62
N GLU B 276 33.58 8.32 38.35
CA GLU B 276 33.91 8.73 39.71
C GLU B 276 33.91 7.54 40.66
N LYS B 277 32.81 6.78 40.65
CA LYS B 277 32.64 5.61 41.52
C LYS B 277 33.75 4.58 41.36
N ILE B 278 34.21 4.32 40.13
CA ILE B 278 35.25 3.32 39.91
C ILE B 278 36.60 3.81 40.43
N LYS B 279 36.81 5.12 40.53
CA LYS B 279 38.00 5.64 41.18
C LYS B 279 37.94 5.42 42.69
N LYS B 280 36.75 5.56 43.28
CA LYS B 280 36.60 5.46 44.72
C LYS B 280 36.44 4.01 45.17
N SER B 281 35.76 3.19 44.37
CA SER B 281 35.48 1.81 44.77
C SER B 281 35.86 0.86 43.63
N PRO B 282 36.57 -0.22 43.92
CA PRO B 282 36.95 -1.17 42.87
C PRO B 282 35.78 -2.03 42.41
N LEU B 283 35.92 -2.60 41.22
CA LEU B 283 34.93 -3.50 40.66
C LEU B 283 35.12 -4.94 41.14
N THR B 284 36.21 -5.21 41.86
CA THR B 284 36.48 -6.56 42.35
C THR B 284 35.52 -6.98 43.46
N ILE B 285 34.98 -6.02 44.22
CA ILE B 285 34.22 -6.33 45.43
C ILE B 285 32.89 -7.01 45.10
N CYS B 286 32.24 -6.61 44.00
CA CYS B 286 30.95 -7.20 43.65
C CYS B 286 31.10 -8.63 43.12
N TYR B 287 32.07 -8.86 42.22
CA TYR B 287 32.40 -10.23 41.83
C TYR B 287 33.91 -10.37 41.68
N PRO B 288 34.51 -11.42 42.24
CA PRO B 288 35.97 -11.60 42.19
C PRO B 288 36.52 -11.94 40.81
N GLU B 289 35.66 -12.26 39.84
CA GLU B 289 36.12 -12.71 38.52
C GLU B 289 36.93 -11.64 37.80
N TYR B 290 36.54 -10.37 37.94
CA TYR B 290 37.28 -9.28 37.30
C TYR B 290 38.58 -9.03 38.06
N ALA B 291 39.71 -9.26 37.39
CA ALA B 291 41.03 -9.08 37.98
C ALA B 291 41.85 -8.01 37.26
N GLY B 292 41.23 -7.26 36.35
CA GLY B 292 41.96 -6.22 35.64
C GLY B 292 42.25 -5.01 36.50
N SER B 293 43.20 -4.21 36.03
CA SER B 293 43.60 -3.00 36.74
C SER B 293 42.48 -1.96 36.73
N ASN B 294 42.50 -1.10 37.74
CA ASN B 294 41.44 -0.10 37.93
C ASN B 294 41.67 1.03 36.92
N THR B 295 40.88 1.02 35.85
CA THR B 295 40.93 2.05 34.82
C THR B 295 39.51 2.25 34.32
N TYR B 296 39.16 3.50 33.97
CA TYR B 296 37.84 3.79 33.44
C TYR B 296 37.59 3.07 32.11
N GLU B 297 38.57 3.10 31.21
CA GLU B 297 38.41 2.46 29.91
C GLU B 297 38.33 0.94 30.03
N GLU B 298 39.18 0.35 30.88
CA GLU B 298 39.19 -1.10 31.05
C GLU B 298 37.92 -1.62 31.72
N ALA B 299 37.44 -0.92 32.76
CA ALA B 299 36.22 -1.34 33.45
C ALA B 299 34.99 -1.22 32.56
N ALA B 300 34.92 -0.15 31.76
CA ALA B 300 33.77 0.06 30.87
C ALA B 300 33.73 -1.00 29.78
N ALA B 301 34.86 -1.23 29.11
CA ALA B 301 34.95 -2.23 28.05
C ALA B 301 34.65 -3.64 28.54
N TYR B 302 35.01 -3.96 29.79
CA TYR B 302 34.75 -5.29 30.33
C TYR B 302 33.25 -5.51 30.57
N ILE B 303 32.56 -4.48 31.05
CA ILE B 303 31.10 -4.56 31.20
C ILE B 303 30.44 -4.70 29.83
N GLN B 304 30.98 -4.01 28.82
CA GLN B 304 30.44 -4.06 27.47
C GLN B 304 30.56 -5.46 26.85
N CYS B 305 31.71 -6.12 27.03
CA CYS B 305 31.89 -7.43 26.40
C CYS B 305 31.14 -8.54 27.13
N GLN B 306 30.90 -8.39 28.44
CA GLN B 306 30.09 -9.38 29.15
C GLN B 306 28.65 -9.38 28.68
N PHE B 307 28.10 -8.20 28.38
CA PHE B 307 26.75 -8.13 27.82
C PHE B 307 26.69 -8.74 26.43
N GLU B 308 27.76 -8.60 25.65
CA GLU B 308 27.81 -9.24 24.33
C GLU B 308 27.96 -10.75 24.44
N ASP B 309 28.64 -11.23 25.48
CA ASP B 309 28.79 -12.67 25.69
C ASP B 309 27.48 -13.33 26.12
N LEU B 310 26.52 -12.56 26.65
CA LEU B 310 25.21 -13.12 26.98
C LEU B 310 24.42 -13.55 25.75
N ASN B 311 24.72 -12.98 24.58
CA ASN B 311 24.08 -13.40 23.34
C ASN B 311 24.49 -14.83 23.00
N LYS B 312 23.49 -15.65 22.66
CA LYS B 312 23.73 -17.04 22.29
C LYS B 312 23.60 -17.29 20.80
N ARG B 313 23.11 -16.32 20.02
CA ARG B 313 22.98 -16.43 18.58
C ARG B 313 23.62 -15.16 17.99
N LYS B 314 24.93 -15.22 17.80
CA LYS B 314 25.68 -14.03 17.40
C LYS B 314 25.55 -13.71 15.92
N ASP B 315 25.35 -14.72 15.08
CA ASP B 315 25.35 -14.49 13.63
C ASP B 315 24.10 -13.78 13.15
N THR B 316 22.96 -13.98 13.81
CA THR B 316 21.68 -13.47 13.34
C THR B 316 21.17 -12.34 14.23
N LYS B 317 22.00 -11.82 15.14
CA LYS B 317 21.56 -10.78 16.07
C LYS B 317 22.75 -9.91 16.42
N GLU B 318 22.73 -8.66 15.97
CA GLU B 318 23.74 -7.68 16.30
C GLU B 318 23.36 -6.93 17.57
N ILE B 319 24.38 -6.55 18.35
CA ILE B 319 24.21 -5.77 19.57
C ILE B 319 24.97 -4.47 19.39
N TYR B 320 24.23 -3.35 19.46
CA TYR B 320 24.78 -2.02 19.24
C TYR B 320 24.94 -1.33 20.58
N THR B 321 26.19 -1.14 21.01
CA THR B 321 26.48 -0.58 22.34
C THR B 321 27.02 0.84 22.19
N HIS B 322 26.37 1.79 22.86
CA HIS B 322 26.78 3.18 22.85
C HIS B 322 26.72 3.73 24.26
N PHE B 323 27.80 4.36 24.71
CA PHE B 323 27.80 5.02 26.01
C PHE B 323 27.01 6.31 25.93
N THR B 324 26.04 6.47 26.82
CA THR B 324 25.23 7.68 26.83
C THR B 324 26.05 8.80 27.49
N CYS B 325 25.66 10.05 27.24
CA CYS B 325 26.40 11.19 27.74
C CYS B 325 25.45 12.39 27.87
N SER B 326 26.00 13.49 28.38
CA SER B 326 25.27 14.75 28.53
C SER B 326 25.07 15.49 27.22
N THR B 327 25.61 14.99 26.11
CA THR B 327 25.47 15.62 24.80
C THR B 327 24.31 14.95 24.08
N ASP B 328 23.27 15.75 23.79
CA ASP B 328 22.03 15.23 23.20
C ASP B 328 22.25 14.71 21.78
N THR B 329 23.10 15.41 21.01
CA THR B 329 23.27 15.14 19.58
C THR B 329 23.75 13.73 19.29
N LYS B 330 24.70 13.22 20.08
CA LYS B 330 25.31 11.92 19.84
C LYS B 330 24.30 10.77 19.94
N ASN B 331 23.40 10.84 20.93
CA ASN B 331 22.46 9.75 21.20
C ASN B 331 21.49 9.53 20.03
N VAL B 332 20.96 10.62 19.47
CA VAL B 332 19.97 10.53 18.39
C VAL B 332 20.59 9.89 17.15
N GLN B 333 21.84 10.26 16.84
CA GLN B 333 22.56 9.75 15.66
C GLN B 333 22.70 8.23 15.69
N PHE B 334 23.24 7.69 16.79
CA PHE B 334 23.51 6.25 16.96
C PHE B 334 22.28 5.39 16.69
N VAL B 335 21.09 5.86 17.07
CA VAL B 335 19.86 5.14 16.79
C VAL B 335 19.60 5.10 15.28
N PHE B 336 19.86 6.20 14.58
CA PHE B 336 19.67 6.24 13.13
C PHE B 336 20.64 5.31 12.41
N ASP B 337 21.86 5.18 12.93
CA ASP B 337 22.83 4.28 12.32
C ASP B 337 22.45 2.82 12.54
N ALA B 338 21.95 2.49 13.74
CA ALA B 338 21.58 1.11 14.04
C ALA B 338 20.33 0.68 13.28
N VAL B 339 19.34 1.56 13.17
CA VAL B 339 18.10 1.25 12.45
C VAL B 339 18.37 1.09 10.96
N THR B 340 19.30 1.89 10.42
CA THR B 340 19.65 1.83 9.00
C THR B 340 20.23 0.46 8.62
N ASP B 341 21.06 -0.11 9.49
CA ASP B 341 21.59 -1.45 9.26
C ASP B 341 20.50 -2.52 9.31
N VAL B 342 19.46 -2.30 10.14
CA VAL B 342 18.34 -3.24 10.18
C VAL B 342 17.53 -3.17 8.89
N ILE B 343 17.34 -1.96 8.35
CA ILE B 343 16.62 -1.79 7.09
C ILE B 343 17.43 -2.38 5.93
N ILE B 344 18.76 -2.31 6.01
CA ILE B 344 19.61 -2.96 5.01
C ILE B 344 19.49 -4.47 5.12
N LYS B 345 19.54 -4.99 6.37
CA LYS B 345 19.40 -6.42 6.62
C LYS B 345 18.06 -6.95 6.13
N ASN B 346 16.97 -6.22 6.40
CA ASN B 346 15.64 -6.64 5.95
C ASN B 346 15.53 -6.64 4.44
N ASN B 347 16.05 -5.59 3.78
CA ASN B 347 16.00 -5.49 2.32
C ASN B 347 16.84 -6.59 1.65
N LEU B 348 18.02 -6.89 2.21
CA LEU B 348 18.86 -7.96 1.67
C LEU B 348 18.18 -9.31 1.79
N LYS B 349 17.50 -9.56 2.91
CA LYS B 349 16.71 -10.79 3.07
C LYS B 349 15.56 -10.83 2.06
N ASP B 350 14.94 -9.68 1.81
CA ASP B 350 13.86 -9.57 0.84
C ASP B 350 14.34 -9.92 -0.56
N CYS B 351 15.51 -9.39 -0.95
CA CYS B 351 16.08 -9.69 -2.26
C CYS B 351 16.47 -11.16 -2.39
N GLY B 352 16.93 -11.76 -1.29
CA GLY B 352 17.41 -13.12 -1.30
C GLY B 352 18.92 -13.24 -1.39
N LEU B 353 19.62 -12.12 -1.54
CA LEU B 353 21.08 -12.10 -1.55
C LEU B 353 21.65 -12.65 -0.24
N PHE B 354 21.21 -12.08 0.88
CA PHE B 354 21.70 -12.45 2.21
C PHE B 354 20.95 -13.67 2.73
N ASP C 18 1.69 -20.32 61.45
CA ASP C 18 2.16 -21.69 61.56
C ASP C 18 1.00 -22.68 61.48
N GLN C 19 0.12 -22.64 62.48
CA GLN C 19 -1.04 -23.52 62.48
C GLN C 19 -2.00 -23.18 61.34
N LEU C 20 -2.21 -21.89 61.08
CA LEU C 20 -3.16 -21.45 60.05
C LEU C 20 -2.76 -21.89 58.64
N ARG C 21 -1.46 -21.76 58.30
CA ARG C 21 -1.00 -22.19 56.97
C ARG C 21 -1.15 -23.70 56.79
N GLN C 22 -0.86 -24.48 57.84
CA GLN C 22 -1.02 -25.93 57.78
C GLN C 22 -2.49 -26.30 57.61
N GLU C 23 -3.40 -25.54 58.24
CA GLU C 23 -4.84 -25.77 58.15
C GLU C 23 -5.32 -25.66 56.70
N ALA C 24 -4.77 -24.71 55.94
CA ALA C 24 -5.15 -24.52 54.54
C ALA C 24 -4.86 -25.77 53.71
N GLU C 25 -3.71 -26.40 53.95
CA GLU C 25 -3.38 -27.66 53.25
C GLU C 25 -4.37 -28.76 53.62
N GLN C 26 -4.73 -28.85 54.91
CA GLN C 26 -5.72 -29.83 55.36
C GLN C 26 -7.09 -29.54 54.75
N LEU C 27 -7.49 -28.26 54.70
CA LEU C 27 -8.76 -27.89 54.09
C LEU C 27 -8.80 -28.22 52.61
N LYS C 28 -7.70 -27.94 51.89
CA LYS C 28 -7.62 -28.29 50.46
C LYS C 28 -7.69 -29.79 50.27
N ASN C 29 -7.00 -30.55 51.13
CA ASN C 29 -7.06 -32.02 51.08
C ASN C 29 -8.49 -32.50 51.35
N GLN C 30 -9.17 -31.86 52.30
CA GLN C 30 -10.56 -32.19 52.61
C GLN C 30 -11.46 -31.96 51.41
N ILE C 31 -11.25 -30.85 50.69
CA ILE C 31 -12.02 -30.55 49.47
C ILE C 31 -11.75 -31.61 48.41
N ARG C 32 -10.47 -32.00 48.27
CA ARG C 32 -10.06 -33.03 47.32
C ARG C 32 -10.78 -34.35 47.60
N ASP C 33 -10.74 -34.79 48.86
CA ASP C 33 -11.42 -36.03 49.26
C ASP C 33 -12.93 -35.93 49.04
N ALA C 34 -13.51 -34.77 49.36
CA ALA C 34 -14.94 -34.55 49.18
C ALA C 34 -15.34 -34.62 47.71
N ARG C 35 -14.51 -34.08 46.82
CA ARG C 35 -14.77 -34.16 45.38
C ARG C 35 -14.75 -35.61 44.90
N LYS C 36 -13.74 -36.37 45.32
CA LYS C 36 -13.61 -37.76 44.91
C LYS C 36 -14.72 -38.62 45.51
N ALA C 37 -15.26 -38.22 46.67
CA ALA C 37 -16.36 -38.95 47.29
C ALA C 37 -17.61 -38.88 46.42
N CYS C 38 -17.87 -37.71 45.81
CA CYS C 38 -19.04 -37.53 44.97
C CYS C 38 -18.95 -38.33 43.69
N ALA C 39 -17.78 -38.33 43.04
CA ALA C 39 -17.58 -38.98 41.76
C ALA C 39 -17.73 -40.50 41.88
N ASP C 40 -18.62 -41.06 41.07
CA ASP C 40 -18.86 -42.49 41.02
C ASP C 40 -18.64 -43.09 39.64
N ALA C 41 -19.09 -42.41 38.58
CA ALA C 41 -18.99 -42.93 37.22
C ALA C 41 -18.28 -41.91 36.33
N THR C 42 -17.37 -42.40 35.51
CA THR C 42 -16.64 -41.56 34.57
C THR C 42 -17.58 -41.08 33.46
N LEU C 43 -17.42 -39.81 33.05
CA LEU C 43 -18.26 -39.22 32.01
C LEU C 43 -18.09 -39.93 30.67
N SER C 44 -16.86 -40.40 30.37
CA SER C 44 -16.62 -41.11 29.12
C SER C 44 -17.34 -42.44 29.07
N GLN C 45 -17.49 -43.11 30.22
CA GLN C 45 -18.26 -44.34 30.29
C GLN C 45 -19.75 -44.08 30.06
N ILE C 46 -20.25 -42.94 30.52
CA ILE C 46 -21.67 -42.62 30.37
C ILE C 46 -21.98 -42.13 28.95
N THR C 47 -21.03 -41.42 28.32
CA THR C 47 -21.24 -40.90 26.97
C THR C 47 -20.97 -41.93 25.88
N ASN C 48 -20.53 -43.13 26.25
CA ASN C 48 -20.25 -44.19 25.27
C ASN C 48 -21.51 -44.59 24.50
N ASN C 49 -22.68 -44.52 25.16
CA ASN C 49 -23.95 -44.94 24.54
C ASN C 49 -24.31 -44.12 23.31
N ILE C 50 -24.15 -42.79 23.37
CA ILE C 50 -24.48 -41.94 22.24
C ILE C 50 -23.52 -42.21 21.07
N ASP C 51 -24.08 -42.27 19.87
CA ASP C 51 -23.29 -42.58 18.68
C ASP C 51 -22.41 -41.40 18.28
N PRO C 52 -21.27 -41.66 17.62
CA PRO C 52 -20.41 -40.56 17.18
C PRO C 52 -21.04 -39.75 16.06
N VAL C 53 -20.75 -38.44 16.09
CA VAL C 53 -21.28 -37.51 15.09
C VAL C 53 -20.74 -37.79 13.69
N GLY C 54 -19.49 -38.23 13.57
CA GLY C 54 -18.90 -38.46 12.28
C GLY C 54 -18.18 -37.23 11.76
N ARG C 55 -17.54 -37.40 10.60
CA ARG C 55 -16.79 -36.34 9.92
C ARG C 55 -17.67 -35.11 9.67
N ILE C 56 -17.14 -33.95 10.02
CA ILE C 56 -17.85 -32.67 9.86
C ILE C 56 -16.96 -31.77 9.01
N GLN C 57 -17.40 -31.47 7.79
CA GLN C 57 -16.67 -30.64 6.86
C GLN C 57 -17.36 -29.29 6.73
N MET C 58 -16.63 -28.22 6.99
CA MET C 58 -17.15 -26.85 6.91
C MET C 58 -16.35 -26.11 5.85
N ARG C 59 -17.06 -25.55 4.87
CA ARG C 59 -16.43 -24.87 3.74
C ARG C 59 -16.43 -23.37 3.99
N THR C 60 -15.35 -22.70 3.57
CA THR C 60 -15.27 -21.25 3.63
C THR C 60 -16.34 -20.60 2.75
N ARG C 61 -17.03 -19.60 3.31
CA ARG C 61 -18.07 -18.88 2.60
C ARG C 61 -17.68 -17.46 2.25
N ARG C 62 -17.07 -16.73 3.18
CA ARG C 62 -16.65 -15.35 2.96
C ARG C 62 -15.21 -15.18 3.43
N THR C 63 -14.47 -14.33 2.73
CA THR C 63 -13.13 -13.94 3.14
C THR C 63 -13.09 -12.43 3.28
N LEU C 64 -12.75 -11.96 4.47
CA LEU C 64 -12.77 -10.54 4.79
C LEU C 64 -11.34 -10.01 4.77
N ARG C 65 -11.13 -8.88 4.10
CA ARG C 65 -9.80 -8.34 3.89
C ARG C 65 -9.77 -6.85 4.23
N GLY C 66 -8.56 -6.33 4.38
CA GLY C 66 -8.37 -4.90 4.63
C GLY C 66 -7.85 -4.55 6.01
N HIS C 67 -7.58 -5.55 6.87
CA HIS C 67 -7.00 -5.24 8.18
C HIS C 67 -5.52 -4.84 8.06
N LEU C 68 -4.77 -5.58 7.24
CA LEU C 68 -3.33 -5.36 6.97
C LEU C 68 -2.47 -5.41 8.23
N ALA C 69 -2.94 -6.07 9.29
CA ALA C 69 -2.21 -6.16 10.55
C ALA C 69 -2.76 -7.33 11.35
N LYS C 70 -2.04 -7.65 12.43
CA LYS C 70 -2.27 -8.84 13.24
C LYS C 70 -3.59 -8.73 14.01
N ILE C 71 -4.58 -9.54 13.64
CA ILE C 71 -5.87 -9.57 14.30
C ILE C 71 -5.76 -10.32 15.62
N TYR C 72 -6.36 -9.78 16.68
CA TYR C 72 -6.41 -10.47 17.97
C TYR C 72 -7.79 -10.89 18.44
N ALA C 73 -8.85 -10.14 18.11
CA ALA C 73 -10.14 -10.43 18.72
C ALA C 73 -11.28 -10.11 17.76
N MET C 74 -12.31 -10.95 17.79
CA MET C 74 -13.58 -10.72 17.13
C MET C 74 -14.73 -11.02 18.08
N HIS C 75 -15.89 -10.43 17.81
CA HIS C 75 -17.08 -10.72 18.60
C HIS C 75 -18.31 -10.65 17.70
N TRP C 76 -19.16 -11.67 17.78
CA TRP C 76 -20.41 -11.69 17.01
C TRP C 76 -21.48 -10.81 17.65
N GLY C 77 -22.31 -10.23 16.80
CA GLY C 77 -23.52 -9.57 17.27
C GLY C 77 -24.67 -10.53 17.50
N THR C 78 -25.70 -10.02 18.17
CA THR C 78 -26.88 -10.83 18.44
C THR C 78 -27.85 -10.89 17.27
N ASP C 79 -27.66 -10.06 16.25
CA ASP C 79 -28.44 -10.15 15.02
C ASP C 79 -27.88 -11.16 14.03
N SER C 80 -26.77 -11.82 14.38
CA SER C 80 -26.10 -12.88 13.62
C SER C 80 -25.56 -12.41 12.28
N ARG C 81 -25.45 -11.10 12.07
CA ARG C 81 -24.95 -10.53 10.83
C ARG C 81 -23.77 -9.60 11.03
N LEU C 82 -23.80 -8.75 12.05
CA LEU C 82 -22.72 -7.82 12.32
C LEU C 82 -21.69 -8.45 13.25
N LEU C 83 -20.41 -8.15 12.99
CA LEU C 83 -19.33 -8.58 13.86
C LEU C 83 -18.22 -7.54 13.84
N VAL C 84 -17.59 -7.34 14.99
CA VAL C 84 -16.50 -6.38 15.14
C VAL C 84 -15.20 -7.17 15.14
N SER C 85 -14.11 -6.51 14.75
CA SER C 85 -12.80 -7.14 14.70
C SER C 85 -11.74 -6.14 15.15
N ALA C 86 -10.75 -6.63 15.89
CA ALA C 86 -9.71 -5.79 16.46
C ALA C 86 -8.38 -6.13 15.83
N SER C 87 -7.69 -5.13 15.30
CA SER C 87 -6.43 -5.32 14.60
C SER C 87 -5.38 -4.39 15.20
N GLN C 88 -4.11 -4.68 14.88
CA GLN C 88 -3.00 -3.92 15.43
C GLN C 88 -2.70 -2.62 14.69
N ASP C 89 -3.35 -2.35 13.57
CA ASP C 89 -3.13 -1.07 12.90
C ASP C 89 -3.85 0.09 13.57
N GLY C 90 -4.61 -0.16 14.62
CA GLY C 90 -5.38 0.87 15.28
C GLY C 90 -6.79 1.01 14.75
N LYS C 91 -7.37 -0.07 14.22
CA LYS C 91 -8.68 -0.02 13.60
C LYS C 91 -9.59 -1.07 14.23
N LEU C 92 -10.81 -0.66 14.58
CA LEU C 92 -11.91 -1.57 14.81
C LEU C 92 -12.81 -1.52 13.58
N ILE C 93 -13.02 -2.67 12.95
CA ILE C 93 -13.84 -2.75 11.74
C ILE C 93 -15.08 -3.58 12.05
N ILE C 94 -16.25 -3.00 11.80
CA ILE C 94 -17.52 -3.68 11.99
C ILE C 94 -17.99 -4.17 10.63
N TRP C 95 -18.28 -5.46 10.53
CA TRP C 95 -18.44 -6.14 9.26
C TRP C 95 -19.89 -6.48 8.99
N ASP C 96 -20.32 -6.27 7.74
CA ASP C 96 -21.53 -6.89 7.22
C ASP C 96 -21.12 -8.23 6.64
N SER C 97 -21.48 -9.32 7.31
CA SER C 97 -20.98 -10.64 6.94
C SER C 97 -21.66 -11.21 5.71
N TYR C 98 -22.89 -10.79 5.40
CA TYR C 98 -23.60 -11.36 4.26
C TYR C 98 -23.15 -10.76 2.95
N THR C 99 -22.92 -9.45 2.93
CA THR C 99 -22.62 -8.71 1.70
C THR C 99 -21.15 -8.34 1.55
N THR C 100 -20.31 -8.71 2.53
CA THR C 100 -18.85 -8.54 2.62
C THR C 100 -18.47 -7.06 2.84
N ASN C 101 -19.43 -6.16 2.87
CA ASN C 101 -19.17 -4.73 3.03
C ASN C 101 -18.73 -4.40 4.45
N LYS C 102 -17.92 -3.35 4.56
CA LYS C 102 -17.50 -2.81 5.86
C LYS C 102 -18.52 -1.77 6.31
N VAL C 103 -19.00 -1.92 7.54
CA VAL C 103 -20.03 -1.02 8.08
C VAL C 103 -19.40 0.16 8.80
N HIS C 104 -18.42 -0.09 9.67
CA HIS C 104 -17.75 0.98 10.40
C HIS C 104 -16.25 0.73 10.42
N ALA C 105 -15.49 1.81 10.55
CA ALA C 105 -14.04 1.75 10.74
C ALA C 105 -13.68 2.73 11.85
N ILE C 106 -13.37 2.21 13.02
CA ILE C 106 -13.14 3.02 14.22
C ILE C 106 -11.64 3.22 14.37
N PRO C 107 -11.13 4.44 14.21
CA PRO C 107 -9.71 4.67 14.51
C PRO C 107 -9.46 4.69 16.00
N LEU C 108 -8.38 4.05 16.41
CA LEU C 108 -8.06 3.87 17.82
C LEU C 108 -6.90 4.79 18.21
N ARG C 109 -6.95 5.29 19.45
CA ARG C 109 -5.85 6.11 19.94
C ARG C 109 -4.59 5.29 20.17
N SER C 110 -4.73 4.15 20.86
CA SER C 110 -3.62 3.25 21.13
C SER C 110 -3.72 2.05 20.21
N SER C 111 -2.63 1.76 19.50
CA SER C 111 -2.62 0.66 18.55
C SER C 111 -2.69 -0.70 19.24
N TRP C 112 -2.08 -0.82 20.42
CA TRP C 112 -1.98 -2.11 21.10
C TRP C 112 -3.31 -2.45 21.74
N VAL C 113 -4.06 -3.36 21.11
CA VAL C 113 -5.41 -3.72 21.51
C VAL C 113 -5.48 -5.24 21.53
N MET C 114 -6.07 -5.81 22.58
CA MET C 114 -6.12 -7.25 22.74
C MET C 114 -7.53 -7.82 22.86
N THR C 115 -8.55 -6.97 22.91
CA THR C 115 -9.92 -7.47 23.05
C THR C 115 -10.90 -6.48 22.44
N CYS C 116 -12.08 -6.99 22.09
CA CYS C 116 -13.15 -6.16 21.58
C CYS C 116 -14.49 -6.82 21.90
N ALA C 117 -15.45 -6.03 22.36
CA ALA C 117 -16.78 -6.50 22.69
C ALA C 117 -17.83 -5.76 21.87
N TYR C 118 -18.87 -6.49 21.46
CA TYR C 118 -20.03 -5.91 20.80
C TYR C 118 -21.24 -6.03 21.71
N ALA C 119 -21.99 -4.95 21.86
CA ALA C 119 -23.12 -4.91 22.78
C ALA C 119 -24.26 -5.81 22.29
N PRO C 120 -25.08 -6.35 23.20
CA PRO C 120 -26.24 -7.14 22.75
C PRO C 120 -27.27 -6.33 22.01
N SER C 121 -27.51 -5.08 22.43
CA SER C 121 -28.41 -4.22 21.70
C SER C 121 -27.81 -3.77 20.37
N GLY C 122 -26.48 -3.74 20.28
CA GLY C 122 -25.80 -3.25 19.10
C GLY C 122 -25.43 -1.78 19.16
N ASN C 123 -25.69 -1.11 20.28
CA ASN C 123 -25.41 0.32 20.38
C ASN C 123 -23.93 0.60 20.58
N TYR C 124 -23.22 -0.23 21.33
CA TYR C 124 -21.88 0.10 21.78
C TYR C 124 -20.86 -0.95 21.38
N VAL C 125 -19.60 -0.51 21.29
CA VAL C 125 -18.45 -1.37 21.01
C VAL C 125 -17.35 -1.01 22.00
N ALA C 126 -16.83 -2.01 22.69
CA ALA C 126 -15.71 -1.85 23.61
C ALA C 126 -14.42 -2.36 22.98
N CYS C 127 -13.31 -1.83 23.48
CA CYS C 127 -11.98 -2.32 23.11
C CYS C 127 -11.02 -2.04 24.26
N GLY C 128 -9.93 -2.78 24.28
CA GLY C 128 -8.92 -2.61 25.32
C GLY C 128 -7.66 -3.36 24.97
N GLY C 129 -6.58 -2.98 25.66
CA GLY C 129 -5.29 -3.58 25.41
C GLY C 129 -4.21 -3.18 26.40
N LEU C 130 -3.03 -2.87 25.89
CA LEU C 130 -1.88 -2.55 26.73
C LEU C 130 -1.90 -1.13 27.26
N ASP C 131 -2.87 -0.31 26.84
CA ASP C 131 -2.96 1.09 27.30
C ASP C 131 -3.71 1.25 28.62
N ASN C 132 -4.21 0.14 29.19
CA ASN C 132 -4.95 0.07 30.46
C ASN C 132 -6.25 0.86 30.44
N ILE C 133 -6.77 1.19 29.25
CA ILE C 133 -7.98 1.99 29.12
C ILE C 133 -8.99 1.21 28.29
N CYS C 134 -10.23 1.15 28.75
CA CYS C 134 -11.32 0.55 28.00
C CYS C 134 -12.16 1.65 27.38
N SER C 135 -12.21 1.68 26.06
CA SER C 135 -12.91 2.72 25.32
C SER C 135 -14.26 2.20 24.84
N ILE C 136 -15.31 2.95 25.12
CA ILE C 136 -16.67 2.60 24.71
C ILE C 136 -17.05 3.51 23.56
N TYR C 137 -17.44 2.91 22.44
CA TYR C 137 -17.76 3.64 21.22
C TYR C 137 -19.25 3.56 20.93
N ASN C 138 -19.89 4.72 20.77
CA ASN C 138 -21.31 4.77 20.45
C ASN C 138 -21.48 4.66 18.93
N LEU C 139 -22.44 3.82 18.51
CA LEU C 139 -22.69 3.59 17.10
C LEU C 139 -23.95 4.27 16.57
N LYS C 140 -24.86 4.69 17.44
CA LYS C 140 -26.14 5.25 17.02
C LYS C 140 -26.20 6.76 17.27
N THR C 141 -25.06 7.43 17.22
CA THR C 141 -25.01 8.87 17.41
C THR C 141 -25.61 9.59 16.20
N ARG C 142 -26.14 10.79 16.46
CA ARG C 142 -26.78 11.58 15.42
C ARG C 142 -25.76 12.26 14.52
N GLU C 143 -24.51 12.42 14.97
CA GLU C 143 -23.50 13.08 14.17
C GLU C 143 -23.03 12.20 13.01
N GLY C 144 -23.07 10.88 13.18
CA GLY C 144 -22.74 9.95 12.12
C GLY C 144 -21.31 9.46 12.11
N ASN C 145 -20.47 9.94 13.02
CA ASN C 145 -19.11 9.45 13.20
C ASN C 145 -18.99 8.76 14.55
N VAL C 146 -18.40 7.56 14.55
CA VAL C 146 -18.27 6.76 15.76
C VAL C 146 -17.24 7.42 16.67
N ARG C 147 -17.72 8.09 17.71
CA ARG C 147 -16.87 8.83 18.64
C ARG C 147 -16.76 8.13 19.98
N VAL C 148 -15.77 8.55 20.75
CA VAL C 148 -15.52 7.99 22.07
C VAL C 148 -16.60 8.47 23.04
N SER C 149 -17.35 7.52 23.60
CA SER C 149 -18.36 7.87 24.59
C SER C 149 -17.80 7.92 26.00
N ARG C 150 -17.13 6.85 26.43
CA ARG C 150 -16.64 6.74 27.80
C ARG C 150 -15.33 5.98 27.81
N GLU C 151 -14.37 6.47 28.59
CA GLU C 151 -13.08 5.80 28.76
C GLU C 151 -12.96 5.31 30.20
N LEU C 152 -12.85 4.00 30.36
CA LEU C 152 -12.65 3.42 31.68
C LEU C 152 -11.17 3.45 32.02
N ALA C 153 -10.86 3.84 33.25
CA ALA C 153 -9.48 3.94 33.71
C ALA C 153 -9.38 3.37 35.12
N GLY C 154 -8.15 3.18 35.58
CA GLY C 154 -7.91 2.60 36.89
C GLY C 154 -7.41 1.18 36.91
N HIS C 155 -7.05 0.60 35.76
CA HIS C 155 -6.47 -0.73 35.70
C HIS C 155 -4.95 -0.65 35.72
N THR C 156 -4.34 -1.40 36.63
CA THR C 156 -2.88 -1.42 36.74
C THR C 156 -2.26 -2.47 35.82
N GLY C 157 -3.10 -3.28 35.17
CA GLY C 157 -2.61 -4.32 34.29
C GLY C 157 -3.32 -4.25 32.95
N TYR C 158 -2.69 -4.83 31.93
CA TYR C 158 -3.20 -4.84 30.57
C TYR C 158 -4.55 -5.56 30.48
N LEU C 159 -5.56 -4.87 29.95
CA LEU C 159 -6.86 -5.48 29.74
C LEU C 159 -6.77 -6.60 28.71
N SER C 160 -7.33 -7.76 29.07
CA SER C 160 -7.28 -8.92 28.20
C SER C 160 -8.63 -9.34 27.62
N CYS C 161 -9.73 -9.00 28.28
CA CYS C 161 -11.05 -9.38 27.80
C CYS C 161 -12.11 -8.46 28.41
N CYS C 162 -13.17 -8.25 27.65
CA CYS C 162 -14.30 -7.43 28.09
C CYS C 162 -15.55 -7.93 27.39
N ARG C 163 -16.68 -7.93 28.12
CA ARG C 163 -17.96 -8.42 27.60
C ARG C 163 -19.09 -7.56 28.16
N PHE C 164 -20.00 -7.15 27.29
CA PHE C 164 -21.17 -6.35 27.68
C PHE C 164 -22.23 -7.25 28.31
N LEU C 165 -22.42 -7.12 29.62
CA LEU C 165 -23.61 -7.71 30.24
C LEU C 165 -24.86 -6.94 29.83
N ASP C 166 -24.79 -5.62 29.81
CA ASP C 166 -25.90 -4.75 29.47
C ASP C 166 -25.31 -3.50 28.84
N ASP C 167 -26.20 -2.63 28.32
CA ASP C 167 -25.79 -1.36 27.73
C ASP C 167 -25.16 -0.39 28.72
N ASN C 168 -25.27 -0.63 30.03
CA ASN C 168 -24.69 0.24 31.04
C ASN C 168 -23.67 -0.46 31.92
N GLN C 169 -23.57 -1.80 31.86
CA GLN C 169 -22.67 -2.55 32.72
C GLN C 169 -21.76 -3.45 31.90
N ILE C 170 -20.48 -3.49 32.27
CA ILE C 170 -19.47 -4.27 31.56
C ILE C 170 -18.45 -4.80 32.58
N VAL C 171 -18.09 -6.07 32.43
CA VAL C 171 -17.03 -6.69 33.22
C VAL C 171 -15.79 -6.82 32.35
N THR C 172 -14.66 -6.32 32.85
CA THR C 172 -13.39 -6.39 32.15
C THR C 172 -12.39 -7.20 32.97
N SER C 173 -11.50 -7.89 32.28
CA SER C 173 -10.41 -8.62 32.91
C SER C 173 -9.11 -7.91 32.60
N SER C 174 -8.20 -7.90 33.57
CA SER C 174 -7.00 -7.08 33.50
C SER C 174 -5.79 -7.91 33.93
N GLY C 175 -4.61 -7.40 33.59
CA GLY C 175 -3.37 -8.06 33.94
C GLY C 175 -2.80 -7.71 35.29
N ASP C 176 -3.55 -7.02 36.14
CA ASP C 176 -3.15 -6.78 37.52
C ASP C 176 -3.82 -7.74 38.49
N THR C 177 -4.22 -8.93 37.99
CA THR C 177 -4.87 -10.02 38.72
C THR C 177 -6.25 -9.63 39.26
N THR C 178 -6.84 -8.57 38.72
CA THR C 178 -8.09 -8.03 39.22
C THR C 178 -9.13 -8.06 38.11
N CYS C 179 -10.39 -8.27 38.50
CA CYS C 179 -11.55 -8.09 37.64
C CYS C 179 -12.46 -7.06 38.27
N ALA C 180 -13.30 -6.42 37.46
CA ALA C 180 -14.17 -5.38 37.98
C ALA C 180 -15.44 -5.24 37.15
N LEU C 181 -16.52 -4.86 37.83
CA LEU C 181 -17.79 -4.54 37.20
C LEU C 181 -17.86 -3.03 37.04
N TRP C 182 -18.07 -2.57 35.81
CA TRP C 182 -18.01 -1.15 35.49
C TRP C 182 -19.37 -0.60 35.13
N ASP C 183 -19.72 0.53 35.72
CA ASP C 183 -20.92 1.28 35.33
C ASP C 183 -20.48 2.27 34.24
N ILE C 184 -20.99 2.06 33.02
CA ILE C 184 -20.59 2.86 31.88
C ILE C 184 -21.00 4.32 32.05
N GLU C 185 -22.23 4.57 32.50
CA GLU C 185 -22.73 5.93 32.67
C GLU C 185 -21.98 6.68 33.77
N THR C 186 -21.80 6.04 34.93
CA THR C 186 -21.10 6.66 36.04
C THR C 186 -19.62 6.86 35.73
N GLY C 187 -18.99 5.87 35.10
CA GLY C 187 -17.58 5.90 34.80
C GLY C 187 -16.65 5.35 35.86
N GLN C 188 -17.19 4.85 36.97
CA GLN C 188 -16.39 4.25 38.03
C GLN C 188 -16.75 2.77 38.17
N GLN C 189 -15.95 2.04 38.94
CA GLN C 189 -16.17 0.62 39.16
C GLN C 189 -17.04 0.42 40.39
N THR C 190 -18.04 -0.46 40.26
CA THR C 190 -18.97 -0.74 41.36
C THR C 190 -18.47 -1.90 42.21
N THR C 191 -18.26 -3.06 41.60
CA THR C 191 -17.82 -4.25 42.29
C THR C 191 -16.43 -4.63 41.79
N THR C 192 -15.50 -4.85 42.72
CA THR C 192 -14.13 -5.21 42.41
C THR C 192 -13.88 -6.62 42.89
N PHE C 193 -13.31 -7.46 42.03
CA PHE C 193 -13.01 -8.84 42.34
C PHE C 193 -11.50 -9.01 42.53
N THR C 194 -11.12 -9.80 43.54
CA THR C 194 -9.71 -10.01 43.86
C THR C 194 -9.57 -11.50 44.18
N GLY C 195 -8.36 -11.97 44.45
CA GLY C 195 -8.14 -13.36 44.77
C GLY C 195 -7.52 -14.21 43.69
N HIS C 196 -7.05 -13.61 42.60
CA HIS C 196 -6.39 -14.33 41.52
C HIS C 196 -4.89 -14.25 41.74
N THR C 197 -4.25 -15.41 41.91
CA THR C 197 -2.80 -15.42 42.06
C THR C 197 -2.13 -15.01 40.75
N GLY C 198 -2.57 -15.60 39.64
CA GLY C 198 -2.00 -15.28 38.34
C GLY C 198 -2.77 -14.19 37.60
N ASP C 199 -2.22 -13.79 36.46
CA ASP C 199 -2.88 -12.80 35.61
C ASP C 199 -4.07 -13.41 34.88
N VAL C 200 -5.17 -12.69 34.85
CA VAL C 200 -6.38 -13.17 34.18
C VAL C 200 -6.21 -12.94 32.68
N MET C 201 -6.77 -13.85 31.87
CA MET C 201 -6.60 -13.78 30.42
C MET C 201 -7.89 -13.69 29.63
N SER C 202 -9.01 -14.21 30.14
CA SER C 202 -10.26 -14.19 29.38
C SER C 202 -11.43 -14.37 30.34
N LEU C 203 -12.62 -14.04 29.82
CA LEU C 203 -13.86 -14.26 30.56
C LEU C 203 -14.98 -14.50 29.56
N SER C 204 -16.04 -15.17 30.04
CA SER C 204 -17.21 -15.48 29.23
C SER C 204 -18.46 -15.25 30.06
N LEU C 205 -19.53 -14.84 29.41
CA LEU C 205 -20.79 -14.54 30.08
C LEU C 205 -21.78 -15.67 29.86
N ALA C 206 -22.45 -16.08 30.94
CA ALA C 206 -23.53 -17.05 30.86
C ALA C 206 -24.76 -16.39 30.24
N PRO C 207 -25.69 -17.18 29.67
CA PRO C 207 -26.89 -16.58 29.06
C PRO C 207 -27.80 -15.84 30.04
N ASP C 208 -27.96 -16.34 31.27
CA ASP C 208 -28.75 -15.62 32.26
C ASP C 208 -28.07 -14.33 32.71
N THR C 209 -26.74 -14.27 32.59
CA THR C 209 -25.83 -13.14 32.87
C THR C 209 -25.71 -12.85 34.35
N ARG C 210 -26.16 -13.75 35.21
CA ARG C 210 -26.03 -13.56 36.66
C ARG C 210 -24.65 -13.91 37.17
N LEU C 211 -23.89 -14.74 36.44
CA LEU C 211 -22.56 -15.15 36.88
C LEU C 211 -21.65 -15.34 35.68
N PHE C 212 -20.35 -15.21 35.93
CA PHE C 212 -19.33 -15.41 34.91
C PHE C 212 -18.13 -16.11 35.53
N VAL C 213 -17.36 -16.80 34.70
CA VAL C 213 -16.16 -17.51 35.13
C VAL C 213 -14.95 -16.96 34.36
N SER C 214 -13.86 -16.71 35.09
CA SER C 214 -12.65 -16.16 34.52
C SER C 214 -11.47 -17.07 34.83
N GLY C 215 -10.70 -17.40 33.80
CA GLY C 215 -9.50 -18.22 33.95
C GLY C 215 -8.26 -17.36 33.97
N ALA C 216 -7.36 -17.65 34.90
CA ALA C 216 -6.14 -16.86 35.09
C ALA C 216 -4.89 -17.72 34.84
N CYS C 217 -3.73 -17.11 35.02
CA CYS C 217 -2.44 -17.75 34.81
C CYS C 217 -1.92 -18.49 36.04
N ASP C 218 -2.77 -18.74 37.02
CA ASP C 218 -2.43 -19.59 38.15
C ASP C 218 -3.03 -20.99 38.02
N ALA C 219 -3.34 -21.40 36.78
CA ALA C 219 -3.95 -22.70 36.43
C ALA C 219 -5.32 -22.89 37.08
N SER C 220 -6.01 -21.79 37.38
CA SER C 220 -7.31 -21.87 38.02
C SER C 220 -8.35 -21.07 37.26
N ALA C 221 -9.60 -21.51 37.40
CA ALA C 221 -10.76 -20.83 36.82
C ALA C 221 -11.77 -20.67 37.93
N LYS C 222 -12.13 -19.43 38.25
CA LYS C 222 -13.00 -19.13 39.38
C LYS C 222 -14.31 -18.55 38.89
N LEU C 223 -15.42 -19.15 39.34
CA LEU C 223 -16.73 -18.60 39.05
C LEU C 223 -16.97 -17.35 39.88
N TRP C 224 -17.52 -16.32 39.27
CA TRP C 224 -17.80 -15.05 39.95
C TRP C 224 -19.29 -14.73 39.85
N ASP C 225 -19.89 -14.40 40.98
CA ASP C 225 -21.29 -14.02 41.04
C ASP C 225 -21.36 -12.50 41.08
N VAL C 226 -22.03 -11.92 40.07
CA VAL C 226 -22.12 -10.47 39.93
C VAL C 226 -22.84 -9.84 41.12
N ARG C 227 -23.97 -10.41 41.53
CA ARG C 227 -24.74 -9.85 42.64
C ARG C 227 -23.99 -10.00 43.97
N GLU C 228 -23.49 -11.21 44.25
CA GLU C 228 -22.77 -11.45 45.51
C GLU C 228 -21.47 -10.67 45.59
N GLY C 229 -20.70 -10.65 44.50
CA GLY C 229 -19.42 -9.97 44.51
C GLY C 229 -18.27 -10.78 45.08
N MET C 230 -18.46 -12.07 45.32
CA MET C 230 -17.43 -12.92 45.89
C MET C 230 -17.39 -14.24 45.13
N CYS C 231 -16.25 -14.93 45.25
CA CYS C 231 -16.00 -16.19 44.57
C CYS C 231 -16.95 -17.29 45.01
N ARG C 232 -17.68 -17.85 44.04
CA ARG C 232 -18.58 -18.96 44.31
C ARG C 232 -17.86 -20.32 44.25
N GLN C 233 -17.09 -20.57 43.19
CA GLN C 233 -16.39 -21.84 43.02
C GLN C 233 -15.02 -21.61 42.41
N THR C 234 -14.15 -22.62 42.55
CA THR C 234 -12.80 -22.59 42.03
C THR C 234 -12.42 -23.98 41.53
N PHE C 235 -11.79 -24.04 40.35
CA PHE C 235 -11.34 -25.29 39.76
C PHE C 235 -9.87 -25.17 39.41
N THR C 236 -9.08 -26.21 39.70
CA THR C 236 -7.65 -26.23 39.35
C THR C 236 -7.30 -27.59 38.71
N GLY C 237 -7.75 -27.80 37.47
CA GLY C 237 -7.41 -29.05 36.81
C GLY C 237 -6.31 -28.95 35.76
N HIS C 238 -5.92 -27.73 35.40
CA HIS C 238 -4.92 -27.51 34.38
C HIS C 238 -3.50 -27.65 34.92
N GLU C 239 -2.55 -27.86 33.99
CA GLU C 239 -1.16 -28.06 34.37
C GLU C 239 -0.41 -26.74 34.58
N SER C 240 -0.47 -25.83 33.61
CA SER C 240 0.30 -24.59 33.72
C SER C 240 -0.51 -23.30 33.80
N ASP C 241 -1.11 -22.87 32.69
CA ASP C 241 -1.85 -21.61 32.64
C ASP C 241 -3.21 -21.81 31.99
N ILE C 242 -3.95 -20.72 31.73
CA ILE C 242 -5.26 -20.77 31.08
C ILE C 242 -5.36 -19.59 30.14
N ASN C 243 -5.54 -19.86 28.83
CA ASN C 243 -5.68 -18.80 27.86
C ASN C 243 -7.12 -18.51 27.44
N ALA C 244 -8.06 -19.44 27.60
CA ALA C 244 -9.41 -19.24 27.08
C ALA C 244 -10.43 -19.96 27.95
N ILE C 245 -11.66 -19.45 27.94
CA ILE C 245 -12.76 -20.01 28.73
C ILE C 245 -14.11 -19.60 28.16
N CYS C 246 -14.96 -20.59 27.83
CA CYS C 246 -16.28 -20.32 27.27
C CYS C 246 -17.37 -21.16 27.93
N PHE C 247 -18.51 -20.53 28.23
CA PHE C 247 -19.66 -21.21 28.81
C PHE C 247 -20.39 -22.08 27.79
N PHE C 248 -21.11 -23.08 28.32
CA PHE C 248 -22.01 -23.93 27.56
C PHE C 248 -23.33 -23.18 27.38
N PRO C 249 -24.17 -23.58 26.42
CA PRO C 249 -25.49 -22.92 26.29
C PRO C 249 -26.40 -23.05 27.50
N ASN C 250 -26.42 -24.20 28.20
CA ASN C 250 -27.29 -24.32 29.38
C ASN C 250 -26.86 -23.38 30.50
N GLY C 251 -25.56 -23.12 30.63
CA GLY C 251 -25.02 -22.29 31.68
C GLY C 251 -24.50 -23.02 32.89
N ASN C 252 -24.43 -24.35 32.85
CA ASN C 252 -23.91 -25.13 33.97
C ASN C 252 -22.50 -25.67 33.74
N ALA C 253 -21.98 -25.59 32.52
CA ALA C 253 -20.67 -26.12 32.20
C ALA C 253 -19.87 -25.09 31.43
N PHE C 254 -18.54 -25.22 31.48
CA PHE C 254 -17.69 -24.26 30.79
C PHE C 254 -16.40 -24.94 30.35
N ALA C 255 -16.21 -25.09 29.04
CA ALA C 255 -14.97 -25.67 28.54
C ALA C 255 -13.86 -24.63 28.69
N THR C 256 -12.67 -25.10 29.02
CA THR C 256 -11.53 -24.25 29.23
C THR C 256 -10.41 -24.67 28.28
N GLY C 257 -9.68 -23.70 27.75
CA GLY C 257 -8.52 -23.97 26.91
C GLY C 257 -7.26 -23.42 27.55
N SER C 258 -6.19 -24.20 27.49
CA SER C 258 -4.95 -23.88 28.19
C SER C 258 -3.73 -24.08 27.29
N ASP C 259 -2.58 -23.68 27.82
CA ASP C 259 -1.33 -23.71 27.05
C ASP C 259 -0.66 -25.09 27.09
N ASP C 260 -1.21 -26.04 27.84
CA ASP C 260 -0.64 -27.38 27.94
C ASP C 260 -1.22 -28.34 26.90
N ALA C 261 -1.78 -27.80 25.80
CA ALA C 261 -2.37 -28.55 24.68
C ALA C 261 -3.51 -29.47 25.12
N THR C 262 -4.24 -29.07 26.16
CA THR C 262 -5.38 -29.83 26.65
C THR C 262 -6.57 -28.89 26.82
N CYS C 263 -7.76 -29.48 26.75
CA CYS C 263 -9.01 -28.76 26.97
C CYS C 263 -9.81 -29.55 27.99
N ARG C 264 -10.35 -28.86 28.99
CA ARG C 264 -11.08 -29.52 30.05
C ARG C 264 -12.47 -28.91 30.20
N LEU C 265 -13.41 -29.73 30.68
CA LEU C 265 -14.78 -29.32 30.91
C LEU C 265 -15.08 -29.41 32.39
N PHE C 266 -15.58 -28.33 32.97
CA PHE C 266 -15.88 -28.27 34.39
C PHE C 266 -17.36 -27.98 34.58
N ASP C 267 -17.99 -28.75 35.46
CA ASP C 267 -19.41 -28.60 35.78
C ASP C 267 -19.54 -27.87 37.11
N LEU C 268 -20.35 -26.81 37.11
CA LEU C 268 -20.53 -25.99 38.31
C LEU C 268 -21.21 -26.77 39.43
N ARG C 269 -22.28 -27.50 39.09
CA ARG C 269 -23.00 -28.29 40.08
C ARG C 269 -22.17 -29.46 40.59
N ALA C 270 -21.51 -30.18 39.69
CA ALA C 270 -20.66 -31.31 40.09
C ALA C 270 -19.46 -30.84 40.90
N ASP C 271 -18.91 -29.67 40.55
CA ASP C 271 -17.74 -29.05 41.19
C ASP C 271 -16.49 -29.94 41.07
N GLN C 272 -16.31 -30.55 39.90
CA GLN C 272 -15.14 -31.38 39.64
C GLN C 272 -14.92 -31.48 38.14
N GLU C 273 -13.72 -31.96 37.79
CA GLU C 273 -13.32 -32.10 36.38
C GLU C 273 -14.09 -33.24 35.73
N LEU C 274 -14.91 -32.90 34.71
CA LEU C 274 -15.69 -33.90 33.99
C LEU C 274 -14.82 -34.71 33.03
N MET C 275 -14.12 -34.02 32.12
CA MET C 275 -13.51 -34.68 30.98
C MET C 275 -12.32 -33.84 30.50
N THR C 276 -11.33 -34.51 29.91
CA THR C 276 -10.13 -33.87 29.38
C THR C 276 -10.03 -34.17 27.90
N TYR C 277 -9.85 -33.11 27.09
CA TYR C 277 -9.78 -33.20 25.64
C TYR C 277 -8.34 -32.97 25.21
N SER C 278 -7.69 -34.02 24.69
CA SER C 278 -6.27 -33.91 24.31
C SER C 278 -5.91 -35.02 23.33
N HIS C 279 -4.89 -34.76 22.53
CA HIS C 279 -4.32 -35.76 21.64
C HIS C 279 -2.79 -35.60 21.65
N ASP C 280 -2.09 -36.69 21.33
CA ASP C 280 -0.66 -36.78 21.56
C ASP C 280 0.17 -35.91 20.62
N ASN C 281 -0.26 -35.75 19.36
CA ASN C 281 0.59 -35.08 18.38
C ASN C 281 0.64 -33.57 18.59
N ILE C 282 -0.42 -32.98 19.10
CA ILE C 282 -0.52 -31.54 19.25
C ILE C 282 0.05 -31.16 20.61
N ILE C 283 1.10 -30.33 20.61
CA ILE C 283 1.73 -29.84 21.82
C ILE C 283 1.53 -28.35 22.00
N CYS C 284 0.90 -27.68 21.05
CA CYS C 284 0.73 -26.24 21.07
C CYS C 284 -0.52 -25.83 21.85
N GLY C 285 -0.56 -24.55 22.24
CA GLY C 285 -1.62 -24.05 23.11
C GLY C 285 -2.92 -23.73 22.39
N ILE C 286 -3.93 -23.40 23.20
CA ILE C 286 -5.27 -23.10 22.73
C ILE C 286 -5.52 -21.61 22.96
N THR C 287 -5.67 -20.86 21.87
CA THR C 287 -5.94 -19.42 21.99
C THR C 287 -7.39 -19.14 22.35
N SER C 288 -8.33 -19.83 21.72
CA SER C 288 -9.75 -19.51 21.93
C SER C 288 -10.60 -20.76 21.81
N VAL C 289 -11.74 -20.75 22.50
CA VAL C 289 -12.72 -21.83 22.48
C VAL C 289 -14.11 -21.21 22.33
N SER C 290 -15.03 -22.01 21.80
CA SER C 290 -16.41 -21.57 21.64
C SER C 290 -17.31 -22.80 21.56
N PHE C 291 -18.63 -22.54 21.58
CA PHE C 291 -19.64 -23.57 21.48
C PHE C 291 -20.65 -23.22 20.40
N SER C 292 -21.27 -24.26 19.84
CA SER C 292 -22.37 -24.10 18.90
C SER C 292 -23.67 -23.82 19.65
N LYS C 293 -24.76 -23.66 18.88
CA LYS C 293 -26.07 -23.41 19.46
C LYS C 293 -26.52 -24.57 20.35
N SER C 294 -26.49 -25.78 19.81
CA SER C 294 -26.81 -26.96 20.60
C SER C 294 -25.78 -27.19 21.70
N GLY C 295 -24.51 -26.87 21.43
CA GLY C 295 -23.43 -27.14 22.35
C GLY C 295 -22.73 -28.46 22.15
N ARG C 296 -23.16 -29.24 21.15
CA ARG C 296 -22.55 -30.54 20.88
C ARG C 296 -21.10 -30.41 20.43
N LEU C 297 -20.80 -29.42 19.60
CA LEU C 297 -19.48 -29.28 18.99
C LEU C 297 -18.65 -28.28 19.78
N LEU C 298 -17.43 -28.67 20.15
CA LEU C 298 -16.47 -27.80 20.80
C LEU C 298 -15.41 -27.41 19.80
N LEU C 299 -15.34 -26.11 19.50
CA LEU C 299 -14.40 -25.58 18.52
C LEU C 299 -13.27 -24.86 19.25
N ALA C 300 -12.04 -25.13 18.85
CA ALA C 300 -10.87 -24.57 19.51
C ALA C 300 -9.78 -24.29 18.50
N GLY C 301 -9.25 -23.06 18.52
CA GLY C 301 -8.20 -22.67 17.61
C GLY C 301 -6.83 -22.89 18.22
N TYR C 302 -6.06 -23.81 17.64
CA TYR C 302 -4.74 -24.15 18.14
C TYR C 302 -3.68 -23.26 17.48
N ASP C 303 -2.41 -23.49 17.84
CA ASP C 303 -1.29 -22.78 17.26
C ASP C 303 -0.63 -23.56 16.12
N ASP C 304 -1.28 -24.60 15.60
CA ASP C 304 -0.77 -25.39 14.51
C ASP C 304 -1.27 -24.91 13.16
N PHE C 305 -1.88 -23.71 13.13
CA PHE C 305 -2.48 -23.00 12.00
C PHE C 305 -3.81 -23.62 11.60
N ASN C 306 -4.37 -24.46 12.47
CA ASN C 306 -5.58 -25.22 12.19
C ASN C 306 -6.57 -25.05 13.33
N CYS C 307 -7.85 -25.03 12.98
CA CYS C 307 -8.95 -25.01 13.95
C CYS C 307 -9.58 -26.39 13.98
N ASN C 308 -9.59 -27.02 15.15
CA ASN C 308 -10.13 -28.36 15.30
C ASN C 308 -11.53 -28.29 15.91
N VAL C 309 -12.48 -28.93 15.25
CA VAL C 309 -13.87 -29.00 15.73
C VAL C 309 -14.00 -30.33 16.44
N TRP C 310 -14.04 -30.31 17.77
CA TRP C 310 -14.18 -31.54 18.54
C TRP C 310 -15.61 -31.70 19.04
N ASP C 311 -15.93 -32.92 19.46
CA ASP C 311 -17.23 -33.25 20.01
C ASP C 311 -17.12 -33.36 21.52
N ALA C 312 -17.99 -32.65 22.23
CA ALA C 312 -17.92 -32.60 23.69
C ALA C 312 -18.19 -33.96 24.32
N LEU C 313 -19.28 -34.62 23.91
CA LEU C 313 -19.67 -35.89 24.50
C LEU C 313 -18.71 -37.02 24.11
N LYS C 314 -18.44 -37.16 22.80
CA LYS C 314 -17.62 -38.27 22.32
C LYS C 314 -16.14 -38.09 22.61
N ALA C 315 -15.67 -36.84 22.78
CA ALA C 315 -14.26 -36.47 23.01
C ALA C 315 -13.36 -36.94 21.87
N ASP C 316 -13.85 -36.79 20.64
CA ASP C 316 -13.12 -37.18 19.44
C ASP C 316 -13.20 -36.05 18.43
N ARG C 317 -12.24 -36.05 17.50
CA ARG C 317 -12.17 -34.98 16.50
C ARG C 317 -13.25 -35.17 15.44
N ALA C 318 -14.09 -34.16 15.26
CA ALA C 318 -15.13 -34.19 14.24
C ALA C 318 -14.71 -33.51 12.94
N GLY C 319 -13.77 -32.57 12.98
CA GLY C 319 -13.33 -31.90 11.78
C GLY C 319 -12.10 -31.06 12.04
N VAL C 320 -11.46 -30.68 10.93
CA VAL C 320 -10.25 -29.84 10.95
C VAL C 320 -10.48 -28.68 9.99
N LEU C 321 -10.28 -27.46 10.47
CA LEU C 321 -10.46 -26.25 9.66
C LEU C 321 -9.07 -25.68 9.35
N ALA C 322 -8.60 -25.90 8.13
CA ALA C 322 -7.32 -25.38 7.69
C ALA C 322 -7.52 -24.29 6.64
N GLY C 323 -6.54 -23.38 6.55
CA GLY C 323 -6.64 -22.29 5.61
C GLY C 323 -6.04 -20.98 6.07
N HIS C 324 -5.68 -20.90 7.35
CA HIS C 324 -5.00 -19.72 7.87
C HIS C 324 -3.49 -19.89 7.77
N ASP C 325 -2.81 -18.80 7.42
CA ASP C 325 -1.37 -18.82 7.24
C ASP C 325 -0.59 -18.54 8.50
N ASN C 326 -1.25 -18.27 9.62
CA ASN C 326 -0.58 -17.97 10.86
C ASN C 326 -1.48 -18.43 12.01
N ARG C 327 -1.05 -18.18 13.25
CA ARG C 327 -1.78 -18.59 14.44
C ARG C 327 -3.18 -17.99 14.50
N VAL C 328 -4.15 -18.82 14.88
CA VAL C 328 -5.55 -18.41 14.97
C VAL C 328 -5.74 -17.75 16.34
N SER C 329 -5.81 -16.42 16.35
CA SER C 329 -5.92 -15.66 17.60
C SER C 329 -7.25 -15.90 18.30
N CYS C 330 -8.36 -15.93 17.55
CA CYS C 330 -9.67 -16.00 18.17
C CYS C 330 -10.65 -16.75 17.27
N LEU C 331 -11.72 -17.24 17.90
CA LEU C 331 -12.75 -17.99 17.20
C LEU C 331 -14.08 -17.71 17.89
N GLY C 332 -15.11 -17.41 17.09
CA GLY C 332 -16.41 -17.09 17.63
C GLY C 332 -17.55 -17.70 16.84
N VAL C 333 -18.47 -18.37 17.53
CA VAL C 333 -19.67 -18.93 16.92
C VAL C 333 -20.83 -17.97 17.17
N THR C 334 -21.61 -17.69 16.12
CA THR C 334 -22.73 -16.75 16.19
C THR C 334 -23.87 -17.32 17.04
N ASP C 335 -24.82 -16.43 17.36
CA ASP C 335 -25.86 -16.73 18.35
C ASP C 335 -26.83 -17.80 17.85
N ASP C 336 -27.37 -17.65 16.65
CA ASP C 336 -28.21 -18.71 16.09
C ASP C 336 -27.42 -19.94 15.67
N GLY C 337 -26.12 -19.79 15.42
CA GLY C 337 -25.27 -20.91 15.13
C GLY C 337 -25.10 -21.22 13.65
N MET C 338 -25.48 -20.30 12.76
CA MET C 338 -25.38 -20.56 11.33
C MET C 338 -23.93 -20.63 10.85
N ALA C 339 -23.07 -19.75 11.35
CA ALA C 339 -21.73 -19.62 10.80
C ALA C 339 -20.71 -19.55 11.93
N VAL C 340 -19.44 -19.76 11.56
CA VAL C 340 -18.31 -19.63 12.46
C VAL C 340 -17.27 -18.76 11.77
N ALA C 341 -16.86 -17.68 12.41
CA ALA C 341 -15.84 -16.80 11.87
C ALA C 341 -14.58 -16.88 12.74
N THR C 342 -13.46 -17.18 12.10
CA THR C 342 -12.18 -17.34 12.79
C THR C 342 -11.25 -16.19 12.43
N GLY C 343 -10.51 -15.70 13.42
CA GLY C 343 -9.53 -14.68 13.20
C GLY C 343 -8.11 -15.14 13.47
N SER C 344 -7.20 -14.84 12.55
CA SER C 344 -5.81 -15.27 12.65
C SER C 344 -4.88 -14.08 12.46
N TRP C 345 -3.59 -14.33 12.64
CA TRP C 345 -2.57 -13.28 12.56
C TRP C 345 -2.19 -12.93 11.13
N ASP C 346 -2.77 -13.58 10.13
CA ASP C 346 -2.47 -13.30 8.72
C ASP C 346 -3.34 -12.18 8.15
N SER C 347 -4.12 -11.50 8.98
CA SER C 347 -5.02 -10.38 8.66
C SER C 347 -6.19 -10.79 7.77
N PHE C 348 -6.57 -12.06 7.78
CA PHE C 348 -7.72 -12.53 7.01
C PHE C 348 -8.77 -13.10 7.96
N LEU C 349 -9.99 -12.61 7.85
CA LEU C 349 -11.14 -13.18 8.56
C LEU C 349 -11.89 -14.09 7.59
N LYS C 350 -12.05 -15.36 7.98
CA LYS C 350 -12.73 -16.34 7.16
C LYS C 350 -13.95 -16.87 7.91
N ILE C 351 -15.06 -16.97 7.20
CA ILE C 351 -16.33 -17.43 7.76
C ILE C 351 -16.54 -18.88 7.35
N TRP C 352 -16.74 -19.76 8.33
CA TRP C 352 -16.84 -21.19 8.13
C TRP C 352 -18.29 -21.64 8.36
N ASN C 353 -18.87 -22.30 7.38
CA ASN C 353 -20.21 -22.87 7.52
C ASN C 353 -20.16 -24.35 7.16
N ILE D 9 0.47 -13.64 57.61
CA ILE D 9 -0.48 -14.23 58.55
C ILE D 9 -1.89 -13.76 58.24
N ALA D 10 -2.09 -12.43 58.22
CA ALA D 10 -3.39 -11.84 57.91
C ALA D 10 -3.84 -12.20 56.50
N GLN D 11 -2.91 -12.13 55.53
CA GLN D 11 -3.21 -12.54 54.16
C GLN D 11 -3.54 -14.04 54.10
N ALA D 12 -2.76 -14.85 54.81
CA ALA D 12 -3.01 -16.29 54.87
C ALA D 12 -4.36 -16.59 55.53
N ARG D 13 -4.69 -15.85 56.60
CA ARG D 13 -5.98 -16.01 57.27
C ARG D 13 -7.13 -15.67 56.34
N LYS D 14 -6.99 -14.61 55.56
CA LYS D 14 -8.02 -14.22 54.59
C LYS D 14 -8.19 -15.30 53.52
N LEU D 15 -7.08 -15.91 53.09
CA LEU D 15 -7.12 -16.99 52.11
C LEU D 15 -7.90 -18.19 52.64
N VAL D 16 -7.67 -18.56 53.91
CA VAL D 16 -8.36 -19.69 54.52
C VAL D 16 -9.85 -19.38 54.69
N GLU D 17 -10.19 -18.11 54.95
CA GLU D 17 -11.58 -17.69 55.12
C GLU D 17 -12.38 -17.91 53.83
N GLN D 18 -11.81 -17.51 52.69
CA GLN D 18 -12.42 -17.76 51.40
C GLN D 18 -12.45 -19.25 51.08
N LEU D 19 -11.39 -19.97 51.45
CA LEU D 19 -11.29 -21.40 51.20
C LEU D 19 -12.38 -22.19 51.93
N LYS D 20 -12.71 -21.76 53.16
CA LYS D 20 -13.79 -22.40 53.93
C LYS D 20 -15.14 -22.26 53.24
N MET D 21 -15.40 -21.10 52.63
CA MET D 21 -16.67 -20.86 51.94
C MET D 21 -16.86 -21.81 50.76
N GLU D 22 -15.79 -22.07 50.00
CA GLU D 22 -15.87 -22.94 48.83
C GLU D 22 -16.20 -24.38 49.21
N ALA D 23 -15.63 -24.87 50.33
CA ALA D 23 -15.82 -26.26 50.75
C ALA D 23 -17.27 -26.57 51.08
N ASN D 24 -17.97 -25.67 51.78
CA ASN D 24 -19.34 -25.90 52.19
C ASN D 24 -20.29 -25.51 51.06
N ILE D 25 -20.41 -26.39 50.07
CA ILE D 25 -21.28 -26.15 48.93
C ILE D 25 -22.05 -27.43 48.63
N ASP D 26 -23.33 -27.26 48.26
CA ASP D 26 -24.17 -28.37 47.86
C ASP D 26 -23.73 -28.95 46.50
N ARG D 27 -23.27 -30.19 46.52
CA ARG D 27 -22.80 -30.85 45.30
C ARG D 27 -23.77 -31.97 44.92
N ILE D 28 -24.27 -31.93 43.69
CA ILE D 28 -25.15 -32.97 43.18
C ILE D 28 -24.30 -34.10 42.61
N LYS D 29 -24.94 -35.25 42.37
CA LYS D 29 -24.25 -36.41 41.80
C LYS D 29 -23.82 -36.13 40.37
N VAL D 30 -22.58 -36.55 40.05
CA VAL D 30 -22.01 -36.33 38.72
C VAL D 30 -22.79 -37.08 37.64
N SER D 31 -23.24 -38.31 37.94
CA SER D 31 -24.00 -39.10 36.95
C SER D 31 -25.31 -38.41 36.59
N LYS D 32 -26.01 -37.86 37.58
CA LYS D 32 -27.25 -37.13 37.33
C LYS D 32 -26.99 -35.90 36.48
N ALA D 33 -25.92 -35.16 36.81
CA ALA D 33 -25.54 -33.97 36.05
C ALA D 33 -25.15 -34.33 34.62
N ALA D 34 -24.46 -35.47 34.45
CA ALA D 34 -24.03 -35.93 33.13
C ALA D 34 -25.23 -36.21 32.22
N ALA D 35 -26.29 -36.81 32.79
CA ALA D 35 -27.48 -37.14 32.01
C ALA D 35 -28.16 -35.89 31.47
N ASP D 36 -28.21 -34.82 32.28
CA ASP D 36 -28.85 -33.57 31.89
C ASP D 36 -28.14 -32.95 30.68
N LEU D 37 -26.81 -33.00 30.67
CA LEU D 37 -26.02 -32.44 29.57
C LEU D 37 -26.31 -33.15 28.25
N MET D 38 -26.40 -34.48 28.27
CA MET D 38 -26.68 -35.25 27.06
C MET D 38 -28.07 -34.95 26.51
N ALA D 39 -29.06 -34.83 27.39
CA ALA D 39 -30.44 -34.57 26.97
C ALA D 39 -30.58 -33.23 26.27
N TYR D 40 -29.90 -32.20 26.77
CA TYR D 40 -29.97 -30.86 26.18
C TYR D 40 -29.44 -30.84 24.75
N CYS D 41 -28.33 -31.52 24.50
CA CYS D 41 -27.74 -31.59 23.16
C CYS D 41 -28.66 -32.31 22.18
N GLU D 42 -29.25 -33.43 22.62
CA GLU D 42 -30.15 -34.21 21.77
C GLU D 42 -31.41 -33.41 21.41
N ALA D 43 -32.02 -32.78 22.42
CA ALA D 43 -33.23 -31.97 22.24
C ALA D 43 -33.11 -30.94 21.13
N HIS D 44 -32.06 -30.12 21.17
CA HIS D 44 -31.86 -29.03 20.22
C HIS D 44 -31.00 -29.41 19.02
N ALA D 45 -30.74 -30.71 18.83
CA ALA D 45 -29.88 -31.18 17.75
C ALA D 45 -30.43 -30.81 16.37
N LYS D 46 -31.75 -30.96 16.19
CA LYS D 46 -32.37 -30.64 14.90
C LYS D 46 -32.27 -29.15 14.58
N GLU D 47 -32.41 -28.29 15.60
CA GLU D 47 -32.40 -26.83 15.40
C GLU D 47 -31.03 -26.34 14.91
N ASP D 48 -29.95 -26.93 15.43
CA ASP D 48 -28.57 -26.49 15.18
C ASP D 48 -28.21 -26.53 13.70
N PRO D 49 -27.79 -25.42 13.10
CA PRO D 49 -27.38 -25.45 11.68
C PRO D 49 -26.08 -26.19 11.41
N LEU D 50 -25.09 -26.11 12.31
CA LEU D 50 -23.79 -26.71 12.07
C LEU D 50 -23.86 -28.24 12.00
N LEU D 51 -24.64 -28.87 12.89
CA LEU D 51 -24.70 -30.32 12.96
C LEU D 51 -25.28 -30.94 11.69
N THR D 52 -26.41 -30.42 11.22
CA THR D 52 -27.07 -30.90 10.02
C THR D 52 -27.13 -29.78 8.99
N PRO D 53 -26.49 -29.92 7.83
CA PRO D 53 -26.47 -28.83 6.83
C PRO D 53 -27.85 -28.42 6.35
N VAL D 54 -28.07 -27.11 6.36
CA VAL D 54 -29.35 -26.49 6.04
C VAL D 54 -29.43 -26.41 4.51
N PRO D 55 -30.61 -26.29 3.89
CA PRO D 55 -30.66 -26.07 2.45
C PRO D 55 -30.10 -24.71 2.04
N ALA D 56 -29.58 -24.66 0.81
CA ALA D 56 -28.91 -23.47 0.28
C ALA D 56 -29.82 -22.25 0.25
N SER D 57 -31.08 -22.42 -0.14
CA SER D 57 -32.01 -21.30 -0.18
C SER D 57 -32.26 -20.73 1.21
N GLU D 58 -32.45 -21.61 2.20
CA GLU D 58 -32.63 -21.17 3.59
C GLU D 58 -31.37 -20.52 4.14
N ASN D 59 -30.20 -21.02 3.72
CA ASN D 59 -28.91 -20.54 4.20
C ASN D 59 -28.70 -19.08 3.82
N PRO D 60 -28.29 -18.22 4.76
CA PRO D 60 -28.00 -16.82 4.39
C PRO D 60 -26.77 -16.68 3.50
N PHE D 61 -25.76 -17.52 3.68
CA PHE D 61 -24.52 -17.42 2.91
C PHE D 61 -24.62 -18.35 1.71
N ARG D 62 -24.37 -17.80 0.52
CA ARG D 62 -24.42 -18.56 -0.71
C ARG D 62 -23.25 -18.16 -1.60
N GLU D 63 -22.92 -19.04 -2.55
CA GLU D 63 -21.88 -18.77 -3.53
C GLU D 63 -22.23 -17.55 -4.38
N LYS D 64 -21.23 -16.71 -4.65
CA LYS D 64 -21.45 -15.52 -5.45
C LYS D 64 -20.66 -15.60 -6.76
N VAL E 2 -26.57 18.97 14.96
CA VAL E 2 -27.02 18.74 13.59
C VAL E 2 -28.01 19.81 13.17
N GLN E 3 -27.65 20.57 12.14
CA GLN E 3 -28.50 21.64 11.64
C GLN E 3 -28.17 21.89 10.18
N LEU E 4 -29.21 22.09 9.37
CA LEU E 4 -29.06 22.40 7.95
C LEU E 4 -29.92 23.61 7.62
N VAL E 5 -29.30 24.64 7.06
CA VAL E 5 -29.98 25.87 6.66
C VAL E 5 -29.61 26.18 5.21
N GLU E 6 -30.60 26.62 4.44
CA GLU E 6 -30.43 26.91 3.02
C GLU E 6 -30.44 28.41 2.79
N SER E 7 -29.68 28.83 1.79
CA SER E 7 -29.61 30.24 1.41
C SER E 7 -29.58 30.36 -0.11
N GLY E 8 -29.98 31.52 -0.61
CA GLY E 8 -30.03 31.78 -2.03
C GLY E 8 -31.40 31.94 -2.63
N GLY E 9 -32.44 32.13 -1.81
CA GLY E 9 -33.79 32.24 -2.30
C GLY E 9 -34.15 33.55 -2.97
N GLY E 10 -35.44 33.84 -3.06
CA GLY E 10 -35.92 35.04 -3.71
C GLY E 10 -36.52 34.75 -5.08
N LEU E 11 -36.92 35.84 -5.74
CA LEU E 11 -37.55 35.72 -7.05
C LEU E 11 -36.47 35.61 -8.13
N VAL E 12 -36.72 34.72 -9.10
CA VAL E 12 -35.79 34.47 -10.20
C VAL E 12 -36.57 34.64 -11.49
N GLN E 13 -35.95 35.33 -12.46
CA GLN E 13 -36.56 35.46 -13.77
C GLN E 13 -36.42 34.14 -14.54
N PRO E 14 -37.41 33.79 -15.36
CA PRO E 14 -37.32 32.54 -16.13
C PRO E 14 -36.24 32.61 -17.20
N GLY E 15 -35.52 31.50 -17.36
CA GLY E 15 -34.36 31.45 -18.22
C GLY E 15 -33.06 31.88 -17.58
N GLY E 16 -33.11 32.37 -16.34
CA GLY E 16 -31.92 32.80 -15.63
C GLY E 16 -31.19 31.64 -14.96
N SER E 17 -30.37 32.00 -13.98
CA SER E 17 -29.57 31.02 -13.25
C SER E 17 -29.47 31.44 -11.78
N ARG E 18 -29.36 30.45 -10.90
CA ARG E 18 -29.28 30.68 -9.47
C ARG E 18 -28.50 29.52 -8.85
N LYS E 19 -27.62 29.84 -7.90
CA LYS E 19 -26.77 28.85 -7.25
C LYS E 19 -27.05 28.86 -5.76
N LEU E 20 -27.65 27.78 -5.27
CA LEU E 20 -27.97 27.63 -3.85
C LEU E 20 -26.78 27.07 -3.08
N SER E 21 -26.72 27.41 -1.79
CA SER E 21 -25.69 26.89 -0.91
C SER E 21 -26.34 26.51 0.42
N CYS E 22 -26.06 25.30 0.89
CA CYS E 22 -26.55 24.81 2.16
C CYS E 22 -25.37 24.53 3.07
N SER E 23 -25.36 25.14 4.26
CA SER E 23 -24.26 25.00 5.21
C SER E 23 -24.64 23.99 6.27
N ALA E 24 -23.68 23.12 6.61
CA ALA E 24 -23.88 22.05 7.58
C ALA E 24 -23.08 22.34 8.85
N SER E 25 -23.68 22.03 9.99
CA SER E 25 -23.04 22.26 11.28
C SER E 25 -23.33 21.10 12.22
N GLY E 26 -22.32 20.71 12.99
CA GLY E 26 -22.49 19.76 14.06
C GLY E 26 -22.56 18.30 13.65
N PHE E 27 -22.09 17.94 12.46
CA PHE E 27 -21.97 16.55 12.06
C PHE E 27 -20.94 16.45 10.94
N ALA E 28 -20.51 15.22 10.68
CA ALA E 28 -19.50 14.92 9.67
C ALA E 28 -20.16 14.97 8.29
N PHE E 29 -20.05 16.14 7.63
CA PHE E 29 -20.66 16.37 6.32
C PHE E 29 -20.14 15.43 5.24
N SER E 30 -18.87 15.02 5.34
CA SER E 30 -18.25 14.22 4.29
C SER E 30 -18.77 12.78 4.24
N SER E 31 -19.44 12.30 5.29
CA SER E 31 -19.89 10.91 5.34
C SER E 31 -21.34 10.71 4.94
N PHE E 32 -22.11 11.78 4.73
CA PHE E 32 -23.51 11.67 4.38
C PHE E 32 -23.76 11.96 2.91
N GLY E 33 -24.62 11.16 2.29
CA GLY E 33 -25.16 11.52 1.00
C GLY E 33 -26.27 12.55 1.13
N MET E 34 -26.43 13.37 0.10
CA MET E 34 -27.32 14.52 0.18
C MET E 34 -28.43 14.43 -0.86
N HIS E 35 -29.66 14.72 -0.42
CA HIS E 35 -30.85 14.69 -1.26
C HIS E 35 -31.45 16.08 -1.35
N TRP E 36 -31.91 16.46 -2.54
CA TRP E 36 -32.73 17.65 -2.73
C TRP E 36 -34.17 17.22 -2.96
N VAL E 37 -35.08 17.78 -2.18
CA VAL E 37 -36.51 17.51 -2.28
C VAL E 37 -37.22 18.83 -2.50
N ARG E 38 -38.10 18.88 -3.50
CA ARG E 38 -38.88 20.08 -3.78
C ARG E 38 -40.34 19.87 -3.41
N GLN E 39 -41.02 20.96 -3.07
CA GLN E 39 -42.42 20.93 -2.68
C GLN E 39 -43.18 22.04 -3.40
N ALA E 40 -44.22 21.67 -4.14
CA ALA E 40 -45.11 22.66 -4.73
C ALA E 40 -45.98 23.29 -3.64
N PRO E 41 -46.47 24.52 -3.86
CA PRO E 41 -47.34 25.15 -2.83
C PRO E 41 -48.62 24.37 -2.51
N GLU E 42 -49.35 23.90 -3.52
CA GLU E 42 -50.58 23.15 -3.27
C GLU E 42 -50.50 21.73 -3.79
N LYS E 43 -49.32 21.12 -3.78
CA LYS E 43 -49.14 19.72 -4.13
C LYS E 43 -48.13 19.09 -3.17
N GLY E 44 -47.91 17.80 -3.33
CA GLY E 44 -47.01 17.05 -2.48
C GLY E 44 -45.54 17.33 -2.76
N LEU E 45 -44.69 16.59 -2.05
CA LEU E 45 -43.25 16.70 -2.19
C LEU E 45 -42.80 16.03 -3.50
N GLU E 46 -41.58 16.36 -3.91
CA GLU E 46 -41.00 15.76 -5.11
C GLU E 46 -39.49 15.74 -5.00
N TRP E 47 -38.88 14.62 -5.41
CA TRP E 47 -37.43 14.44 -5.36
C TRP E 47 -36.75 15.14 -6.53
N VAL E 48 -35.59 15.74 -6.27
CA VAL E 48 -34.81 16.45 -7.29
C VAL E 48 -33.56 15.68 -7.68
N ALA E 49 -32.62 15.51 -6.73
CA ALA E 49 -31.29 15.04 -7.07
C ALA E 49 -30.63 14.40 -5.85
N TYR E 50 -29.54 13.67 -6.12
CA TYR E 50 -28.76 13.01 -5.09
C TYR E 50 -27.29 13.02 -5.47
N ILE E 51 -26.42 13.26 -4.49
CA ILE E 51 -24.99 13.09 -4.63
C ILE E 51 -24.50 12.19 -3.49
N SER E 52 -23.64 11.25 -3.83
CA SER E 52 -23.07 10.34 -2.85
C SER E 52 -21.93 11.02 -2.09
N SER E 53 -21.52 10.39 -0.99
CA SER E 53 -20.35 10.83 -0.26
C SER E 53 -19.09 10.56 -1.09
N GLY E 54 -18.23 11.57 -1.21
CA GLY E 54 -17.07 11.47 -2.07
C GLY E 54 -17.34 11.69 -3.54
N SER E 55 -18.57 12.06 -3.91
CA SER E 55 -18.98 12.40 -5.28
C SER E 55 -18.78 11.23 -6.25
N GLY E 56 -18.97 10.01 -5.77
CA GLY E 56 -18.73 8.84 -6.58
C GLY E 56 -19.83 8.56 -7.59
N THR E 57 -21.09 8.78 -7.20
CA THR E 57 -22.21 8.62 -8.11
C THR E 57 -23.20 9.75 -7.91
N ILE E 58 -23.88 10.14 -9.00
CA ILE E 58 -24.82 11.24 -9.03
C ILE E 58 -26.06 10.78 -9.79
N TYR E 59 -27.24 10.97 -9.20
CA TYR E 59 -28.49 10.59 -9.83
C TYR E 59 -29.43 11.77 -9.90
N TYR E 60 -30.23 11.81 -10.96
CA TYR E 60 -31.23 12.85 -11.17
C TYR E 60 -32.56 12.21 -11.52
N ALA E 61 -33.64 12.94 -11.25
CA ALA E 61 -34.92 12.58 -11.82
C ALA E 61 -34.92 12.87 -13.31
N ASP E 62 -35.80 12.16 -14.04
CA ASP E 62 -35.81 12.26 -15.49
C ASP E 62 -36.36 13.60 -15.98
N THR E 63 -37.26 14.22 -15.21
CA THR E 63 -37.80 15.52 -15.59
C THR E 63 -36.81 16.65 -15.38
N VAL E 64 -35.82 16.47 -14.52
CA VAL E 64 -34.87 17.53 -14.18
C VAL E 64 -33.46 17.21 -14.69
N LYS E 65 -33.33 16.23 -15.57
CA LYS E 65 -32.02 15.81 -16.07
C LYS E 65 -31.40 16.87 -16.98
N GLY E 66 -30.14 17.21 -16.70
CA GLY E 66 -29.41 18.15 -17.54
C GLY E 66 -29.39 19.59 -17.04
N ARG E 67 -30.57 20.15 -16.76
CA ARG E 67 -30.66 21.55 -16.34
C ARG E 67 -30.04 21.77 -14.97
N PHE E 68 -30.20 20.81 -14.07
CA PHE E 68 -29.75 20.93 -12.69
C PHE E 68 -28.41 20.22 -12.53
N THR E 69 -27.46 20.91 -11.87
CA THR E 69 -26.14 20.37 -11.59
C THR E 69 -25.90 20.42 -10.09
N ILE E 70 -25.49 19.30 -9.51
CA ILE E 70 -25.27 19.17 -8.07
C ILE E 70 -23.80 18.89 -7.81
N SER E 71 -23.22 19.62 -6.85
CA SER E 71 -21.84 19.41 -6.43
C SER E 71 -21.76 19.58 -4.92
N ARG E 72 -20.59 19.24 -4.37
CA ARG E 72 -20.37 19.37 -2.94
C ARG E 72 -18.89 19.66 -2.69
N ASP E 73 -18.63 20.44 -1.65
CA ASP E 73 -17.26 20.76 -1.24
C ASP E 73 -17.09 20.37 0.22
N ASP E 74 -16.33 19.31 0.46
CA ASP E 74 -16.08 18.76 1.80
C ASP E 74 -15.19 19.60 2.73
N PRO E 75 -14.11 20.27 2.29
CA PRO E 75 -13.38 21.13 3.24
C PRO E 75 -14.13 22.35 3.73
N LYS E 76 -15.13 22.84 2.98
CA LYS E 76 -15.94 23.96 3.43
C LYS E 76 -17.30 23.55 3.97
N ASN E 77 -17.66 22.27 3.85
CA ASN E 77 -18.91 21.68 4.35
C ASN E 77 -20.14 22.40 3.81
N THR E 78 -20.17 22.61 2.50
CA THR E 78 -21.24 23.34 1.85
C THR E 78 -21.73 22.55 0.64
N LEU E 79 -23.05 22.41 0.53
CA LEU E 79 -23.68 21.72 -0.60
C LEU E 79 -24.15 22.74 -1.63
N PHE E 80 -23.71 22.57 -2.87
CA PHE E 80 -23.99 23.52 -3.94
C PHE E 80 -24.94 22.90 -4.96
N LEU E 81 -26.00 23.64 -5.29
CA LEU E 81 -26.92 23.26 -6.36
C LEU E 81 -26.84 24.32 -7.46
N GLN E 82 -26.53 23.89 -8.67
CA GLN E 82 -26.39 24.78 -9.82
C GLN E 82 -27.62 24.62 -10.71
N MET E 83 -28.31 25.74 -10.98
CA MET E 83 -29.55 25.73 -11.74
C MET E 83 -29.37 26.57 -13.01
N THR E 84 -29.70 25.96 -14.15
CA THR E 84 -29.56 26.62 -15.45
C THR E 84 -30.84 26.40 -16.24
N SER E 85 -31.32 27.48 -16.88
CA SER E 85 -32.52 27.50 -17.72
C SER E 85 -33.76 27.04 -16.95
N LEU E 86 -34.09 27.79 -15.91
CA LEU E 86 -35.26 27.50 -15.09
C LEU E 86 -36.55 27.75 -15.85
N ARG E 87 -37.58 26.97 -15.53
CA ARG E 87 -38.87 27.06 -16.16
C ARG E 87 -39.93 27.37 -15.11
N SER E 88 -41.18 27.55 -15.57
CA SER E 88 -42.28 27.93 -14.71
C SER E 88 -42.74 26.84 -13.76
N GLU E 89 -42.29 25.60 -13.95
CA GLU E 89 -42.65 24.50 -13.06
C GLU E 89 -41.70 24.36 -11.87
N ASP E 90 -40.67 25.20 -11.78
CA ASP E 90 -39.69 25.12 -10.71
C ASP E 90 -40.02 26.01 -9.52
N THR E 91 -41.23 26.54 -9.45
CA THR E 91 -41.66 27.37 -8.33
C THR E 91 -41.95 26.47 -7.11
N ALA E 92 -40.89 26.16 -6.37
CA ALA E 92 -40.99 25.20 -5.28
C ALA E 92 -40.02 25.59 -4.16
N MET E 93 -40.24 24.98 -2.99
CA MET E 93 -39.33 25.12 -1.86
C MET E 93 -38.39 23.92 -1.84
N TYR E 94 -37.10 24.19 -1.77
CA TYR E 94 -36.07 23.15 -1.90
C TYR E 94 -35.52 22.79 -0.53
N TYR E 95 -35.53 21.50 -0.20
CA TYR E 95 -35.05 20.97 1.07
C TYR E 95 -33.74 20.22 0.89
N CYS E 96 -32.88 20.30 1.91
CA CYS E 96 -31.66 19.50 1.99
C CYS E 96 -31.87 18.35 2.98
N VAL E 97 -31.45 17.15 2.58
CA VAL E 97 -31.65 15.93 3.37
C VAL E 97 -30.34 15.15 3.40
N ARG E 98 -29.95 14.67 4.57
CA ARG E 98 -28.74 13.88 4.74
C ARG E 98 -29.16 12.41 4.91
N SER E 99 -28.54 11.53 4.13
CA SER E 99 -28.87 10.10 4.19
C SER E 99 -27.63 9.23 4.17
N ILE E 100 -27.35 8.55 5.30
CA ILE E 100 -26.23 7.61 5.39
C ILE E 100 -26.76 6.23 5.04
N TYR E 101 -25.92 5.42 4.39
CA TYR E 101 -26.36 4.12 3.86
C TYR E 101 -25.44 3.02 4.38
N TYR E 102 -25.95 2.23 5.32
CA TYR E 102 -25.32 0.97 5.73
C TYR E 102 -26.41 0.10 6.36
N TYR E 103 -26.03 -1.10 6.77
CA TYR E 103 -26.96 -2.04 7.38
C TYR E 103 -27.40 -1.53 8.75
N GLY E 104 -28.68 -1.20 8.88
CA GLY E 104 -29.21 -0.68 10.12
C GLY E 104 -29.27 0.82 10.20
N SER E 105 -28.83 1.52 9.16
CA SER E 105 -28.86 2.96 9.14
C SER E 105 -30.29 3.45 8.93
N SER E 106 -30.51 4.72 9.29
CA SER E 106 -31.81 5.37 9.12
C SER E 106 -31.61 6.57 8.20
N PRO E 107 -31.66 6.38 6.88
CA PRO E 107 -31.56 7.52 5.97
C PRO E 107 -32.85 8.31 5.94
N PHE E 108 -32.75 9.52 5.38
CA PHE E 108 -33.83 10.52 5.33
C PHE E 108 -34.32 10.92 6.72
N ASP E 109 -33.42 10.86 7.71
CA ASP E 109 -33.81 11.13 9.10
C ASP E 109 -33.88 12.62 9.40
N PHE E 110 -32.97 13.42 8.85
CA PHE E 110 -32.89 14.85 9.15
C PHE E 110 -33.17 15.65 7.89
N TRP E 111 -34.07 16.62 8.01
CA TRP E 111 -34.52 17.46 6.91
C TRP E 111 -34.07 18.90 7.13
N GLY E 112 -33.84 19.61 6.03
CA GLY E 112 -33.48 21.02 6.10
C GLY E 112 -34.66 21.91 6.41
N GLN E 113 -34.41 23.22 6.33
CA GLN E 113 -35.43 24.20 6.66
C GLN E 113 -36.20 24.67 5.44
N GLY E 114 -35.58 24.71 4.26
CA GLY E 114 -36.28 25.04 3.05
C GLY E 114 -36.07 26.47 2.58
N THR E 115 -35.67 26.63 1.32
CA THR E 115 -35.53 27.94 0.70
C THR E 115 -36.59 28.11 -0.37
N THR E 116 -37.27 29.26 -0.34
CA THR E 116 -38.36 29.53 -1.28
C THR E 116 -37.80 30.12 -2.56
N LEU E 117 -38.29 29.63 -3.69
CA LEU E 117 -37.91 30.13 -5.01
C LEU E 117 -39.17 30.20 -5.87
N THR E 118 -39.56 31.41 -6.24
CA THR E 118 -40.76 31.66 -7.02
C THR E 118 -40.37 32.23 -8.38
N VAL E 119 -40.86 31.61 -9.45
CA VAL E 119 -40.63 32.07 -10.81
C VAL E 119 -41.97 32.47 -11.43
N SER E 120 -41.97 33.63 -12.10
CA SER E 120 -43.16 34.17 -12.73
C SER E 120 -42.92 34.29 -14.23
N ALA E 121 -43.83 33.72 -15.03
CA ALA E 121 -43.74 33.79 -16.48
C ALA E 121 -43.91 35.22 -16.99
N ASP E 138 -41.00 3.54 -14.21
CA ASP E 138 -41.11 4.44 -13.05
C ASP E 138 -42.18 3.95 -12.08
N ILE E 139 -41.76 3.67 -10.85
CA ILE E 139 -42.68 3.19 -9.82
C ILE E 139 -43.60 4.33 -9.39
N VAL E 140 -44.90 4.17 -9.62
CA VAL E 140 -45.88 5.19 -9.30
C VAL E 140 -46.48 4.87 -7.94
N MET E 141 -46.29 5.78 -6.98
CA MET E 141 -46.83 5.62 -5.64
C MET E 141 -48.21 6.27 -5.59
N THR E 142 -49.21 5.51 -5.14
CA THR E 142 -50.61 5.89 -5.24
C THR E 142 -51.22 6.00 -3.86
N GLN E 143 -51.53 7.24 -3.45
CA GLN E 143 -52.37 7.48 -2.28
C GLN E 143 -53.83 7.36 -2.71
N ALA E 144 -54.52 6.33 -2.21
CA ALA E 144 -55.89 6.09 -2.61
C ALA E 144 -56.83 7.13 -2.01
N THR E 145 -56.64 7.47 -0.74
CA THR E 145 -57.43 8.51 -0.10
C THR E 145 -56.70 9.86 -0.19
N SER E 146 -57.42 10.91 0.16
CA SER E 146 -56.84 12.25 0.13
C SER E 146 -56.99 12.99 1.44
N SER E 147 -58.11 12.82 2.15
CA SER E 147 -58.32 13.43 3.44
C SER E 147 -59.31 12.60 4.24
N VAL E 148 -59.02 12.40 5.53
CA VAL E 148 -59.87 11.64 6.42
C VAL E 148 -60.06 12.46 7.69
N PRO E 149 -61.29 12.84 8.07
CA PRO E 149 -61.49 13.54 9.35
C PRO E 149 -61.46 12.56 10.51
N VAL E 150 -60.59 12.84 11.49
CA VAL E 150 -60.36 11.95 12.61
C VAL E 150 -60.53 12.72 13.92
N THR E 151 -60.76 11.97 14.99
CA THR E 151 -60.90 12.48 16.34
C THR E 151 -59.74 11.98 17.21
N PRO E 152 -59.25 12.81 18.15
CA PRO E 152 -58.14 12.38 19.01
C PRO E 152 -58.50 11.25 19.96
N GLY E 153 -57.89 10.09 19.76
CA GLY E 153 -58.11 8.94 20.63
C GLY E 153 -58.36 7.65 19.87
N GLU E 154 -59.04 7.75 18.72
CA GLU E 154 -59.32 6.57 17.92
C GLU E 154 -58.10 6.19 17.07
N SER E 155 -58.07 4.93 16.66
CA SER E 155 -57.02 4.45 15.77
C SER E 155 -57.29 4.92 14.34
N VAL E 156 -56.23 5.39 13.68
CA VAL E 156 -56.33 6.00 12.36
C VAL E 156 -55.57 5.10 11.39
N SER E 157 -56.21 4.76 10.26
CA SER E 157 -55.60 3.91 9.25
C SER E 157 -55.32 4.72 8.00
N ILE E 158 -54.09 4.60 7.48
CA ILE E 158 -53.66 5.27 6.26
C ILE E 158 -53.09 4.21 5.33
N SER E 159 -53.57 4.18 4.09
CA SER E 159 -53.17 3.17 3.13
C SER E 159 -52.36 3.80 2.00
N CYS E 160 -51.31 3.10 1.59
CA CYS E 160 -50.51 3.48 0.43
C CYS E 160 -50.33 2.26 -0.46
N ARG E 161 -50.22 2.50 -1.77
CA ARG E 161 -50.04 1.43 -2.74
C ARG E 161 -48.95 1.80 -3.73
N SER E 162 -48.38 0.77 -4.36
CA SER E 162 -47.28 0.92 -5.29
C SER E 162 -47.64 0.31 -6.63
N SER E 163 -46.87 0.69 -7.66
CA SER E 163 -47.00 0.09 -8.97
C SER E 163 -46.09 -1.12 -9.17
N LYS E 164 -45.12 -1.31 -8.28
CA LYS E 164 -44.17 -2.41 -8.36
C LYS E 164 -43.94 -2.95 -6.95
N SER E 165 -43.77 -4.27 -6.85
CA SER E 165 -43.53 -4.92 -5.57
C SER E 165 -42.19 -4.47 -4.99
N LEU E 166 -42.23 -3.85 -3.82
CA LEU E 166 -41.04 -3.32 -3.17
C LEU E 166 -40.29 -4.36 -2.35
N LEU E 167 -40.82 -5.56 -2.21
CA LEU E 167 -40.15 -6.64 -1.50
C LEU E 167 -38.98 -7.13 -2.35
N HIS E 168 -37.76 -6.76 -1.95
CA HIS E 168 -36.55 -7.14 -2.65
C HIS E 168 -36.10 -8.52 -2.15
N SER E 169 -35.19 -9.14 -2.90
CA SER E 169 -34.74 -10.50 -2.60
C SER E 169 -33.90 -10.58 -1.33
N ASN E 170 -33.34 -9.46 -0.86
CA ASN E 170 -32.59 -9.47 0.39
C ASN E 170 -33.49 -9.44 1.63
N GLY E 171 -34.79 -9.21 1.47
CA GLY E 171 -35.73 -9.21 2.57
C GLY E 171 -36.20 -7.84 3.00
N ASN E 172 -35.57 -6.77 2.54
CA ASN E 172 -35.95 -5.42 2.92
C ASN E 172 -37.04 -4.89 1.99
N THR E 173 -38.01 -4.19 2.57
CA THR E 173 -39.09 -3.53 1.84
C THR E 173 -38.86 -2.02 1.95
N TYR E 174 -38.55 -1.38 0.82
CA TYR E 174 -38.07 0.00 0.81
C TYR E 174 -39.26 0.96 0.74
N LEU E 175 -39.93 1.10 1.89
CA LEU E 175 -41.00 2.08 2.05
C LEU E 175 -40.71 2.93 3.28
N TYR E 176 -40.64 4.24 3.11
CA TYR E 176 -40.38 5.16 4.20
C TYR E 176 -41.60 6.05 4.41
N TRP E 177 -41.95 6.30 5.67
CA TRP E 177 -43.11 7.12 6.03
C TRP E 177 -42.64 8.44 6.60
N PHE E 178 -43.15 9.54 6.04
CA PHE E 178 -42.79 10.88 6.46
C PHE E 178 -44.02 11.61 7.00
N LEU E 179 -43.79 12.51 7.95
CA LEU E 179 -44.82 13.41 8.46
C LEU E 179 -44.34 14.84 8.33
N GLN E 180 -45.10 15.66 7.61
CA GLN E 180 -44.80 17.08 7.44
C GLN E 180 -45.82 17.88 8.25
N ARG E 181 -45.41 18.34 9.42
CA ARG E 181 -46.30 19.12 10.27
C ARG E 181 -46.45 20.53 9.69
N PRO E 182 -47.66 21.09 9.70
CA PRO E 182 -47.93 22.41 9.07
C PRO E 182 -47.05 23.53 9.62
N GLY E 183 -46.32 24.17 8.71
CA GLY E 183 -45.42 25.25 9.07
C GLY E 183 -44.08 24.81 9.62
N GLN E 184 -43.75 23.53 9.53
CA GLN E 184 -42.49 23.00 10.02
C GLN E 184 -41.89 22.08 8.96
N SER E 185 -40.62 21.73 9.17
CA SER E 185 -39.94 20.79 8.30
C SER E 185 -40.50 19.38 8.53
N PRO E 186 -40.54 18.56 7.49
CA PRO E 186 -41.00 17.17 7.67
C PRO E 186 -39.98 16.34 8.43
N GLN E 187 -40.48 15.33 9.12
CA GLN E 187 -39.64 14.39 9.86
C GLN E 187 -39.92 12.96 9.42
N LEU E 188 -38.91 12.11 9.54
CA LEU E 188 -39.08 10.69 9.30
C LEU E 188 -39.81 10.05 10.47
N LEU E 189 -40.80 9.20 10.17
CA LEU E 189 -41.48 8.43 11.20
C LEU E 189 -41.02 6.98 11.23
N ILE E 190 -41.14 6.28 10.11
CA ILE E 190 -40.85 4.85 10.03
C ILE E 190 -40.01 4.60 8.78
N TYR E 191 -38.87 3.92 8.95
CA TYR E 191 -38.01 3.55 7.83
C TYR E 191 -37.98 2.03 7.67
N ARG E 192 -38.09 1.59 6.41
CA ARG E 192 -38.14 0.22 5.91
C ARG E 192 -39.39 -0.56 6.32
N MET E 193 -40.31 0.07 7.07
CA MET E 193 -41.61 -0.32 7.62
C MET E 193 -41.47 -1.27 8.80
N SER E 194 -40.31 -1.88 8.99
CA SER E 194 -40.07 -2.73 10.14
C SER E 194 -39.36 -2.03 11.29
N ASN E 195 -38.86 -0.81 11.08
CA ASN E 195 -38.08 -0.11 12.09
C ASN E 195 -38.61 1.30 12.33
N LEU E 196 -38.71 1.69 13.60
CA LEU E 196 -39.14 3.03 13.98
C LEU E 196 -37.93 3.95 14.05
N ALA E 197 -38.11 5.18 13.59
CA ALA E 197 -37.00 6.13 13.57
C ALA E 197 -36.65 6.62 14.97
N SER E 198 -35.38 7.01 15.14
CA SER E 198 -34.90 7.50 16.42
C SER E 198 -35.53 8.86 16.74
N GLY E 199 -36.25 8.92 17.85
CA GLY E 199 -36.97 10.12 18.24
C GLY E 199 -38.46 10.08 17.98
N VAL E 200 -38.97 8.98 17.45
CA VAL E 200 -40.39 8.82 17.17
C VAL E 200 -40.99 7.96 18.27
N PRO E 201 -42.12 8.36 18.85
CA PRO E 201 -42.78 7.51 19.86
C PRO E 201 -43.34 6.23 19.25
N ASP E 202 -43.72 5.31 20.14
CA ASP E 202 -44.21 3.99 19.75
C ASP E 202 -45.70 4.02 19.37
N ARG E 203 -46.28 5.21 19.18
CA ARG E 203 -47.66 5.32 18.72
C ARG E 203 -47.81 4.86 17.27
N PHE E 204 -46.78 5.02 16.45
CA PHE E 204 -46.83 4.68 15.05
C PHE E 204 -46.43 3.23 14.83
N SER E 205 -47.12 2.55 13.93
CA SER E 205 -46.75 1.20 13.53
C SER E 205 -47.10 0.99 12.07
N GLY E 206 -46.21 0.33 11.34
CA GLY E 206 -46.41 0.02 9.94
C GLY E 206 -46.58 -1.47 9.72
N SER E 207 -47.49 -1.83 8.82
CA SER E 207 -47.79 -3.22 8.53
C SER E 207 -48.25 -3.33 7.08
N GLY E 208 -48.36 -4.57 6.61
CA GLY E 208 -48.79 -4.84 5.25
C GLY E 208 -47.81 -5.74 4.56
N SER E 209 -47.91 -5.77 3.22
CA SER E 209 -47.08 -6.63 2.40
C SER E 209 -46.80 -5.91 1.09
N GLY E 210 -46.30 -6.66 0.11
CA GLY E 210 -46.08 -6.17 -1.24
C GLY E 210 -47.32 -5.61 -1.91
N THR E 211 -47.20 -4.37 -2.42
CA THR E 211 -48.16 -3.61 -3.23
C THR E 211 -49.34 -3.09 -2.38
N ALA E 212 -49.40 -3.48 -1.11
CA ALA E 212 -50.51 -3.09 -0.23
C ALA E 212 -49.92 -2.81 1.15
N PHE E 213 -49.88 -1.54 1.53
CA PHE E 213 -49.28 -1.12 2.79
C PHE E 213 -50.33 -0.45 3.67
N THR E 214 -50.08 -0.49 4.99
CA THR E 214 -51.01 0.06 5.97
C THR E 214 -50.20 0.78 7.05
N LEU E 215 -50.72 1.91 7.50
CA LEU E 215 -50.14 2.70 8.58
C LEU E 215 -51.20 2.90 9.66
N THR E 216 -50.80 2.73 10.92
CA THR E 216 -51.73 2.85 12.05
C THR E 216 -51.17 3.82 13.07
N ILE E 217 -52.04 4.66 13.61
CA ILE E 217 -51.68 5.66 14.62
C ILE E 217 -52.57 5.39 15.84
N SER E 218 -52.05 4.69 16.83
CA SER E 218 -52.76 4.45 18.07
C SER E 218 -52.53 5.62 19.03
N ARG E 219 -53.59 6.00 19.74
CA ARG E 219 -53.60 7.10 20.71
C ARG E 219 -53.16 8.41 20.04
N LEU E 220 -54.05 8.88 19.16
CA LEU E 220 -53.83 10.09 18.37
C LEU E 220 -53.56 11.30 19.26
N GLU E 221 -52.69 12.19 18.78
CA GLU E 221 -52.32 13.40 19.47
C GLU E 221 -52.47 14.57 18.50
N ALA E 222 -52.59 15.78 19.05
CA ALA E 222 -52.74 16.98 18.23
C ALA E 222 -51.49 17.25 17.40
N GLU E 223 -50.31 16.94 17.94
CA GLU E 223 -49.06 17.14 17.21
C GLU E 223 -48.95 16.20 16.00
N ASP E 224 -49.60 15.04 16.07
CA ASP E 224 -49.53 14.04 14.99
C ASP E 224 -50.12 14.55 13.69
N VAL E 225 -51.17 15.39 13.77
CA VAL E 225 -51.88 16.00 12.65
C VAL E 225 -50.94 16.66 11.64
N GLY E 226 -51.02 16.22 10.39
CA GLY E 226 -50.17 16.74 9.34
C GLY E 226 -50.43 16.07 8.00
N VAL E 227 -49.42 16.02 7.13
CA VAL E 227 -49.52 15.37 5.84
C VAL E 227 -48.56 14.18 5.83
N TYR E 228 -49.08 13.02 5.46
CA TYR E 228 -48.33 11.77 5.52
C TYR E 228 -47.92 11.33 4.12
N TYR E 229 -46.64 11.02 3.95
CA TYR E 229 -46.08 10.66 2.66
C TYR E 229 -45.51 9.24 2.72
N CYS E 230 -45.80 8.46 1.68
CA CYS E 230 -45.17 7.16 1.47
C CYS E 230 -44.17 7.28 0.32
N MET E 231 -42.95 6.83 0.55
CA MET E 231 -41.85 6.96 -0.40
C MET E 231 -41.28 5.59 -0.71
N GLN E 232 -41.08 5.30 -2.00
CA GLN E 232 -40.32 4.14 -2.41
C GLN E 232 -38.85 4.50 -2.56
N HIS E 233 -37.98 3.54 -2.25
CA HIS E 233 -36.55 3.71 -2.42
C HIS E 233 -35.95 2.44 -3.03
N LEU E 234 -36.63 1.88 -4.03
CA LEU E 234 -36.15 0.67 -4.68
C LEU E 234 -35.18 0.98 -5.82
N GLU E 235 -35.47 2.00 -6.62
CA GLU E 235 -34.61 2.36 -7.74
C GLU E 235 -34.81 3.84 -8.05
N TYR E 236 -33.79 4.43 -8.65
CA TYR E 236 -33.86 5.82 -9.08
C TYR E 236 -34.59 5.91 -10.42
N PRO E 237 -35.35 7.00 -10.67
CA PRO E 237 -35.64 8.18 -9.83
C PRO E 237 -36.66 7.92 -8.73
N LEU E 238 -36.47 8.59 -7.59
CA LEU E 238 -37.38 8.45 -6.47
C LEU E 238 -38.68 9.18 -6.76
N THR E 239 -39.80 8.48 -6.59
CA THR E 239 -41.13 9.04 -6.82
C THR E 239 -41.91 8.95 -5.53
N PHE E 240 -42.59 10.04 -5.18
CA PHE E 240 -43.23 10.14 -3.87
C PHE E 240 -44.72 9.83 -3.99
N GLY E 241 -45.42 9.92 -2.85
CA GLY E 241 -46.86 9.79 -2.84
C GLY E 241 -47.56 11.13 -2.98
N ALA E 242 -48.89 11.06 -3.06
CA ALA E 242 -49.69 12.28 -3.17
C ALA E 242 -49.71 13.05 -1.85
N GLY E 243 -49.92 12.33 -0.74
CA GLY E 243 -49.92 12.95 0.57
C GLY E 243 -51.30 12.96 1.23
N THR E 244 -51.50 12.07 2.20
CA THR E 244 -52.75 12.00 2.93
C THR E 244 -52.70 12.97 4.12
N LYS E 245 -53.61 13.94 4.12
CA LYS E 245 -53.71 14.94 5.18
C LYS E 245 -54.83 14.57 6.14
N LEU E 246 -54.55 14.70 7.43
CA LEU E 246 -55.55 14.50 8.48
C LEU E 246 -55.97 15.84 9.05
N GLU E 247 -57.15 15.85 9.68
CA GLU E 247 -57.71 17.06 10.26
C GLU E 247 -58.56 16.69 11.45
N LEU E 248 -59.01 17.71 12.18
CA LEU E 248 -59.79 17.50 13.39
C LEU E 248 -61.16 18.16 13.28
N SER F 65 19.29 43.09 -4.28
CA SER F 65 17.98 42.51 -4.60
C SER F 65 17.38 43.18 -5.84
N MET F 66 17.13 44.48 -5.73
CA MET F 66 16.58 45.24 -6.85
C MET F 66 17.55 45.31 -8.01
N ILE F 67 18.84 45.52 -7.72
CA ILE F 67 19.88 45.54 -8.75
C ILE F 67 19.99 44.17 -9.42
N THR F 68 19.89 43.10 -8.62
CA THR F 68 19.93 41.74 -9.14
C THR F 68 18.75 41.45 -10.06
N ALA F 69 17.55 41.91 -9.69
CA ALA F 69 16.35 41.69 -10.49
C ALA F 69 16.44 42.37 -11.85
N ILE F 70 16.99 43.59 -11.89
CA ILE F 70 17.16 44.30 -13.16
C ILE F 70 18.16 43.57 -14.06
N THR F 71 19.25 43.07 -13.48
CA THR F 71 20.28 42.36 -14.24
C THR F 71 19.74 41.08 -14.88
N ILE F 72 18.95 40.31 -14.12
CA ILE F 72 18.33 39.09 -14.64
C ILE F 72 17.31 39.43 -15.73
N MET F 73 16.52 40.49 -15.53
CA MET F 73 15.54 40.92 -16.52
C MET F 73 16.23 41.37 -17.82
N ALA F 74 17.32 42.13 -17.70
CA ALA F 74 18.07 42.59 -18.86
C ALA F 74 18.72 41.44 -19.61
N LEU F 75 19.25 40.45 -18.87
CA LEU F 75 19.94 39.32 -19.48
C LEU F 75 19.01 38.47 -20.35
N TYR F 76 17.81 38.17 -19.84
CA TYR F 76 16.83 37.44 -20.64
C TYR F 76 16.31 38.26 -21.82
N SER F 77 16.11 39.57 -21.60
CA SER F 77 15.56 40.43 -22.64
C SER F 77 16.48 40.56 -23.85
N ILE F 78 17.79 40.70 -23.62
CA ILE F 78 18.77 40.81 -24.72
C ILE F 78 18.79 39.52 -25.54
N VAL F 79 18.76 38.37 -24.85
CA VAL F 79 18.73 37.07 -25.53
C VAL F 79 17.44 36.90 -26.33
N CYS F 80 16.32 37.35 -25.77
CA CYS F 80 15.03 37.21 -26.45
C CYS F 80 14.94 38.06 -27.72
N VAL F 81 15.48 39.28 -27.70
CA VAL F 81 15.38 40.18 -28.85
C VAL F 81 16.22 39.66 -30.02
N VAL F 82 17.51 39.43 -29.77
CA VAL F 82 18.45 38.90 -30.78
C VAL F 82 17.94 37.58 -31.36
N GLY F 83 17.42 36.70 -30.51
CA GLY F 83 16.94 35.40 -30.98
C GLY F 83 15.72 35.49 -31.88
N LEU F 84 14.73 36.30 -31.50
CA LEU F 84 13.54 36.46 -32.33
C LEU F 84 13.88 37.15 -33.65
N PHE F 85 14.74 38.17 -33.60
CA PHE F 85 15.14 38.87 -34.81
C PHE F 85 15.92 37.95 -35.75
N GLY F 86 16.83 37.15 -35.21
CA GLY F 86 17.61 36.23 -36.04
C GLY F 86 16.78 35.10 -36.64
N ASN F 87 15.91 34.48 -35.83
CA ASN F 87 15.14 33.32 -36.28
C ASN F 87 14.11 33.69 -37.35
N PHE F 88 13.34 34.76 -37.13
CA PHE F 88 12.32 35.16 -38.10
C PHE F 88 12.92 35.68 -39.40
N LEU F 89 14.07 36.36 -39.33
CA LEU F 89 14.72 36.85 -40.55
C LEU F 89 15.17 35.70 -41.45
N VAL F 90 15.70 34.62 -40.86
CA VAL F 90 16.10 33.45 -41.63
C VAL F 90 14.87 32.78 -42.27
N MET F 91 13.77 32.71 -41.53
CA MET F 91 12.54 32.15 -42.09
C MET F 91 11.92 33.07 -43.14
N TYR F 92 12.31 34.35 -43.15
CA TYR F 92 11.82 35.26 -44.17
C TYR F 92 12.65 35.16 -45.45
N VAL F 93 13.96 35.00 -45.32
CA VAL F 93 14.83 34.86 -46.50
C VAL F 93 14.55 33.55 -47.24
N ILE F 94 14.25 32.48 -46.50
CA ILE F 94 13.99 31.18 -47.12
C ILE F 94 12.67 31.20 -47.90
N VAL F 95 11.62 31.74 -47.30
CA VAL F 95 10.31 31.70 -47.94
C VAL F 95 10.23 32.69 -49.11
N ARG F 96 10.68 33.93 -48.90
CA ARG F 96 10.53 34.95 -49.92
C ARG F 96 11.53 34.81 -51.07
N TYR F 97 12.64 34.10 -50.87
CA TYR F 97 13.63 34.01 -51.95
C TYR F 97 14.03 32.58 -52.29
N THR F 98 14.37 31.78 -51.28
CA THR F 98 14.95 30.46 -51.52
C THR F 98 13.90 29.45 -51.97
N LYS F 99 12.67 29.56 -51.44
CA LYS F 99 11.48 28.78 -51.82
C LYS F 99 11.61 27.29 -51.51
N MET F 100 12.59 26.92 -50.68
CA MET F 100 12.79 25.54 -50.17
C MET F 100 13.00 24.54 -51.30
N LYS F 101 13.81 24.92 -52.29
CA LYS F 101 14.10 24.06 -53.44
C LYS F 101 15.30 23.15 -53.21
N THR F 102 15.90 23.20 -52.03
CA THR F 102 17.13 22.47 -51.73
C THR F 102 16.92 21.68 -50.44
N ALA F 103 17.52 20.48 -50.40
CA ALA F 103 17.40 19.62 -49.23
C ALA F 103 18.04 20.23 -47.99
N THR F 104 19.21 20.87 -48.16
CA THR F 104 19.92 21.48 -47.02
C THR F 104 19.12 22.63 -46.42
N ASN F 105 18.49 23.44 -47.27
CA ASN F 105 17.68 24.58 -46.81
C ASN F 105 16.42 24.14 -46.07
N ILE F 106 15.93 22.92 -46.32
CA ILE F 106 14.83 22.38 -45.54
C ILE F 106 15.24 22.19 -44.07
N TYR F 107 16.46 21.70 -43.84
CA TYR F 107 16.97 21.53 -42.49
C TYR F 107 17.15 22.86 -41.78
N ILE F 108 17.58 23.89 -42.51
CA ILE F 108 17.79 25.22 -41.94
C ILE F 108 16.47 25.84 -41.52
N PHE F 109 15.39 25.58 -42.26
CA PHE F 109 14.07 26.08 -41.88
C PHE F 109 13.57 25.43 -40.59
N ASN F 110 13.76 24.12 -40.45
CA ASN F 110 13.39 23.43 -39.21
C ASN F 110 14.27 23.87 -38.04
N LEU F 111 15.53 24.19 -38.32
CA LEU F 111 16.43 24.72 -37.29
C LEU F 111 15.98 26.11 -36.84
N ALA F 112 15.58 26.95 -37.77
CA ALA F 112 15.12 28.30 -37.41
C ALA F 112 13.77 28.27 -36.71
N LEU F 113 12.88 27.36 -37.13
CA LEU F 113 11.56 27.28 -36.50
C LEU F 113 11.64 26.76 -35.07
N ALA F 114 12.47 25.74 -34.83
CA ALA F 114 12.60 25.18 -33.49
C ALA F 114 13.25 26.17 -32.52
N ASP F 115 14.25 26.93 -33.01
CA ASP F 115 14.87 27.96 -32.18
C ASP F 115 13.93 29.12 -31.91
N ALA F 116 13.05 29.44 -32.86
CA ALA F 116 12.09 30.53 -32.67
C ALA F 116 11.07 30.20 -31.59
N LEU F 117 10.54 28.97 -31.60
CA LEU F 117 9.56 28.58 -30.59
C LEU F 117 10.18 28.46 -29.21
N ALA F 118 11.46 28.08 -29.14
CA ALA F 118 12.16 28.04 -27.86
C ALA F 118 12.41 29.46 -27.34
N THR F 119 12.70 30.39 -28.24
CA THR F 119 12.88 31.79 -27.86
C THR F 119 11.56 32.45 -27.49
N SER F 120 10.44 31.92 -28.00
CA SER F 120 9.12 32.44 -27.66
C SER F 120 8.74 32.15 -26.21
N THR F 121 9.36 31.13 -25.61
CA THR F 121 9.11 30.72 -24.24
C THR F 121 9.88 31.58 -23.24
N LEU F 122 10.81 32.38 -23.72
CA LEU F 122 11.70 33.17 -22.88
C LEU F 122 11.07 34.38 -22.16
N PRO F 123 10.15 35.18 -22.74
CA PRO F 123 9.52 36.23 -21.92
C PRO F 123 8.63 35.71 -20.80
N PHE F 124 8.09 34.50 -20.91
CA PHE F 124 7.33 33.92 -19.81
C PHE F 124 8.21 33.65 -18.59
N GLN F 125 9.46 33.24 -18.83
CA GLN F 125 10.42 33.09 -17.73
C GLN F 125 10.82 34.43 -17.14
N SER F 126 10.83 35.49 -17.95
CA SER F 126 11.17 36.82 -17.46
C SER F 126 10.13 37.34 -16.48
N VAL F 127 8.84 37.17 -16.82
CA VAL F 127 7.75 37.63 -15.95
C VAL F 127 7.70 36.80 -14.66
N ASN F 128 8.03 35.51 -14.76
CA ASN F 128 7.98 34.61 -13.61
C ASN F 128 9.00 34.99 -12.54
N TYR F 129 10.16 35.49 -12.96
CA TYR F 129 11.20 35.87 -11.99
C TYR F 129 10.81 37.12 -11.22
N LEU F 130 10.48 38.20 -11.93
CA LEU F 130 10.18 39.49 -11.30
C LEU F 130 8.95 39.42 -10.40
N MET F 131 7.86 38.85 -10.90
CA MET F 131 6.65 38.72 -10.09
C MET F 131 6.83 37.73 -8.95
N GLY F 132 7.50 36.61 -9.20
CA GLY F 132 7.63 35.57 -8.20
C GLY F 132 6.50 34.58 -8.21
N THR F 133 5.55 34.73 -9.13
CA THR F 133 4.39 33.86 -9.24
C THR F 133 3.95 33.82 -10.70
N TRP F 134 3.15 32.81 -11.04
CA TRP F 134 2.69 32.62 -12.41
C TRP F 134 1.23 33.06 -12.53
N PRO F 135 0.93 34.17 -13.20
CA PRO F 135 -0.45 34.62 -13.36
C PRO F 135 -1.16 34.14 -14.60
N PHE F 136 -0.43 33.54 -15.54
CA PHE F 136 -0.98 33.19 -16.86
C PHE F 136 -2.10 32.16 -16.79
N GLY F 137 -1.98 31.18 -15.92
CA GLY F 137 -2.99 30.14 -15.79
C GLY F 137 -2.46 28.76 -16.11
N THR F 138 -3.26 27.76 -15.74
CA THR F 138 -2.87 26.35 -15.83
C THR F 138 -2.68 25.89 -17.28
N ILE F 139 -3.61 26.25 -18.16
CA ILE F 139 -3.56 25.80 -19.55
C ILE F 139 -2.34 26.35 -20.28
N LEU F 140 -2.06 27.64 -20.08
CA LEU F 140 -0.87 28.23 -20.68
C LEU F 140 0.41 27.65 -20.05
N CYS F 141 0.37 27.38 -18.74
CA CYS F 141 1.52 26.79 -18.02
C CYS F 141 1.92 25.44 -18.62
N LYS F 142 0.94 24.62 -18.98
CA LYS F 142 1.22 23.32 -19.58
C LYS F 142 1.91 23.48 -20.93
N ILE F 143 1.39 24.38 -21.76
CA ILE F 143 1.92 24.60 -23.11
C ILE F 143 3.31 25.23 -23.05
N VAL F 144 3.49 26.25 -22.22
CA VAL F 144 4.76 27.00 -22.15
C VAL F 144 5.90 26.10 -21.66
N ILE F 145 5.66 25.32 -20.61
CA ILE F 145 6.69 24.41 -20.10
C ILE F 145 7.01 23.32 -21.14
N SER F 146 5.97 22.81 -21.82
CA SER F 146 6.15 21.75 -22.80
C SER F 146 7.01 22.19 -23.98
N ILE F 147 6.78 23.41 -24.50
CA ILE F 147 7.51 23.93 -25.66
C ILE F 147 9.01 24.02 -25.36
N ASP F 148 9.35 24.44 -24.13
CA ASP F 148 10.75 24.54 -23.72
C ASP F 148 11.41 23.16 -23.71
N TYR F 149 10.74 22.16 -23.13
CA TYR F 149 11.29 20.80 -23.14
C TYR F 149 11.26 20.18 -24.54
N TYR F 150 10.25 20.49 -25.34
CA TYR F 150 10.09 19.91 -26.67
C TYR F 150 11.10 20.46 -27.67
N ASN F 151 10.96 21.75 -28.02
CA ASN F 151 11.83 22.41 -29.00
C ASN F 151 13.31 22.44 -28.62
N MET F 152 13.67 22.16 -27.36
CA MET F 152 15.08 21.91 -27.03
C MET F 152 15.58 20.67 -27.73
N PHE F 153 14.85 19.56 -27.60
CA PHE F 153 15.23 18.31 -28.26
C PHE F 153 15.18 18.43 -29.78
N THR F 154 14.15 19.11 -30.31
CA THR F 154 14.00 19.25 -31.75
C THR F 154 15.16 20.03 -32.38
N SER F 155 15.57 21.13 -31.74
CA SER F 155 16.69 21.92 -32.24
C SER F 155 18.00 21.14 -32.19
N ILE F 156 18.26 20.43 -31.09
CA ILE F 156 19.48 19.66 -30.94
C ILE F 156 19.50 18.48 -31.92
N PHE F 157 18.37 17.79 -32.10
CA PHE F 157 18.28 16.69 -33.05
C PHE F 157 18.51 17.15 -34.49
N THR F 158 18.07 18.37 -34.81
CA THR F 158 18.34 18.94 -36.12
C THR F 158 19.84 19.14 -36.34
N LEU F 159 20.56 19.53 -35.28
CA LEU F 159 22.01 19.67 -35.35
C LEU F 159 22.69 18.33 -35.61
N CYS F 160 22.20 17.27 -34.94
CA CYS F 160 22.75 15.93 -35.16
C CYS F 160 22.46 15.43 -36.56
N THR F 161 21.26 15.69 -37.07
CA THR F 161 20.89 15.27 -38.43
C THR F 161 21.74 15.96 -39.48
N MET F 162 21.92 17.29 -39.35
CA MET F 162 22.77 18.04 -40.26
C MET F 162 24.23 17.61 -40.17
N SER F 163 24.67 17.18 -38.98
CA SER F 163 26.01 16.61 -38.85
C SER F 163 26.14 15.31 -39.63
N VAL F 164 25.11 14.47 -39.57
CA VAL F 164 25.08 13.26 -40.38
C VAL F 164 24.94 13.62 -41.86
N ASP F 165 24.20 14.70 -42.16
CA ASP F 165 24.02 15.15 -43.54
C ASP F 165 25.35 15.59 -44.16
N ARG F 166 26.14 16.36 -43.42
CA ARG F 166 27.44 16.80 -43.92
C ARG F 166 28.46 15.68 -43.95
N TYR F 167 28.34 14.71 -43.03
CA TYR F 167 29.24 13.55 -43.03
C TYR F 167 29.06 12.69 -44.27
N ILE F 168 27.82 12.39 -44.64
CA ILE F 168 27.55 11.54 -45.80
C ILE F 168 27.91 12.26 -47.10
N ALA F 169 27.76 13.59 -47.14
CA ALA F 169 28.07 14.36 -48.34
C ALA F 169 29.54 14.30 -48.73
N VAL F 170 30.43 14.24 -47.75
CA VAL F 170 31.87 14.15 -48.03
C VAL F 170 32.33 12.71 -48.13
N CYS F 171 32.10 11.93 -47.07
CA CYS F 171 32.74 10.61 -46.96
C CYS F 171 32.10 9.55 -47.84
N HIS F 172 30.78 9.60 -48.05
CA HIS F 172 30.06 8.60 -48.83
C HIS F 172 29.34 9.28 -50.00
N PRO F 173 30.06 9.62 -51.07
CA PRO F 173 29.45 10.42 -52.15
C PRO F 173 28.39 9.68 -52.93
N VAL F 174 28.60 8.39 -53.23
CA VAL F 174 27.64 7.60 -53.99
C VAL F 174 26.35 7.43 -53.19
N LYS F 175 26.46 7.21 -51.88
CA LYS F 175 25.27 7.08 -51.05
C LYS F 175 24.59 8.42 -50.82
N ALA F 176 25.34 9.53 -50.91
CA ALA F 176 24.77 10.85 -50.72
C ALA F 176 23.80 11.25 -51.82
N LEU F 177 23.91 10.64 -53.02
CA LEU F 177 22.96 10.93 -54.09
C LEU F 177 21.55 10.46 -53.73
N ASP F 178 21.44 9.29 -53.10
CA ASP F 178 20.14 8.82 -52.63
C ASP F 178 19.71 9.55 -51.36
N PHE F 179 20.67 9.85 -50.47
CA PHE F 179 20.34 10.40 -49.16
C PHE F 179 19.95 11.87 -49.26
N ARG F 180 20.75 12.68 -49.96
CA ARG F 180 20.54 14.13 -49.98
C ARG F 180 19.63 14.50 -51.15
N THR F 181 18.35 14.33 -50.93
CA THR F 181 17.29 14.70 -51.86
C THR F 181 16.27 15.52 -51.09
N PRO F 182 15.48 16.36 -51.77
CA PRO F 182 14.35 17.02 -51.10
C PRO F 182 13.32 16.05 -50.54
N ARG F 183 13.10 14.92 -51.21
CA ARG F 183 12.13 13.93 -50.75
C ARG F 183 12.54 13.31 -49.41
N ASN F 184 13.82 12.91 -49.30
CA ASN F 184 14.29 12.24 -48.10
C ASN F 184 14.45 13.20 -46.94
N ALA F 185 14.87 14.45 -47.22
CA ALA F 185 15.08 15.44 -46.16
C ALA F 185 13.78 15.81 -45.46
N LYS F 186 12.66 15.80 -46.18
CA LYS F 186 11.35 16.02 -45.55
C LYS F 186 10.98 14.88 -44.62
N ILE F 187 11.32 13.64 -45.00
CA ILE F 187 10.98 12.46 -44.21
C ILE F 187 11.75 12.45 -42.89
N ILE F 188 13.06 12.72 -42.96
CA ILE F 188 13.91 12.62 -41.77
C ILE F 188 13.61 13.75 -40.79
N ASN F 189 13.24 14.93 -41.30
CA ASN F 189 12.87 16.04 -40.42
C ASN F 189 11.59 15.76 -39.65
N VAL F 190 10.60 15.12 -40.30
CA VAL F 190 9.36 14.72 -39.61
C VAL F 190 9.67 13.72 -38.51
N CYS F 191 10.64 12.83 -38.74
CA CYS F 191 10.98 11.82 -37.74
C CYS F 191 11.65 12.44 -36.51
N ASN F 192 12.30 13.60 -36.68
CA ASN F 192 12.89 14.30 -35.53
C ASN F 192 11.82 14.80 -34.57
N TRP F 193 10.74 15.40 -35.11
CA TRP F 193 9.66 15.91 -34.29
C TRP F 193 8.93 14.78 -33.56
N ILE F 194 8.75 13.64 -34.24
CA ILE F 194 8.10 12.47 -33.64
C ILE F 194 8.89 11.94 -32.45
N LEU F 195 10.22 11.84 -32.59
CA LEU F 195 11.07 11.45 -31.47
C LEU F 195 11.04 12.49 -30.37
N SER F 196 10.98 13.77 -30.77
CA SER F 196 10.81 14.86 -29.82
C SER F 196 9.47 14.77 -29.09
N SER F 197 8.43 14.28 -29.79
CA SER F 197 7.12 14.12 -29.18
C SER F 197 7.10 13.12 -28.03
N ALA F 198 8.06 12.18 -28.00
CA ALA F 198 8.18 11.24 -26.88
C ALA F 198 8.42 11.96 -25.56
N ILE F 199 9.23 13.02 -25.58
CA ILE F 199 9.45 13.87 -24.42
C ILE F 199 8.56 15.11 -24.45
N GLY F 200 7.85 15.36 -25.55
CA GLY F 200 6.98 16.51 -25.60
C GLY F 200 5.62 16.30 -24.97
N LEU F 201 5.02 15.13 -25.21
CA LEU F 201 3.66 14.88 -24.72
C LEU F 201 3.53 14.67 -23.20
N PRO F 202 4.36 13.85 -22.51
CA PRO F 202 4.15 13.69 -21.06
C PRO F 202 4.39 14.94 -20.23
N VAL F 203 5.24 15.86 -20.69
CA VAL F 203 5.42 17.14 -20.01
C VAL F 203 4.13 17.95 -20.00
N MET F 204 3.30 17.82 -21.04
CA MET F 204 2.02 18.52 -21.10
C MET F 204 1.08 18.08 -19.99
N PHE F 205 1.02 16.77 -19.72
CA PHE F 205 0.13 16.26 -18.68
C PHE F 205 0.64 16.61 -17.29
N MET F 206 1.93 16.36 -17.04
CA MET F 206 2.50 16.52 -15.69
C MET F 206 2.51 17.97 -15.21
N ALA F 207 2.61 18.93 -16.13
CA ALA F 207 2.74 20.34 -15.75
C ALA F 207 1.44 20.85 -15.13
N THR F 208 1.54 21.43 -13.94
CA THR F 208 0.40 21.98 -13.22
C THR F 208 0.83 23.28 -12.55
N THR F 209 -0.05 23.80 -11.69
CA THR F 209 0.19 25.02 -10.94
C THR F 209 0.04 24.71 -9.45
N LYS F 210 1.12 24.87 -8.69
CA LYS F 210 1.14 24.56 -7.27
C LYS F 210 1.39 25.84 -6.47
N TYR F 211 0.59 26.05 -5.43
CA TYR F 211 0.73 27.22 -4.58
C TYR F 211 1.86 26.98 -3.58
N ARG F 212 2.89 27.83 -3.64
CA ARG F 212 4.00 27.77 -2.69
C ARG F 212 4.16 29.13 -2.05
N GLN F 213 3.99 29.17 -0.72
CA GLN F 213 4.13 30.38 0.12
C GLN F 213 3.23 31.51 -0.37
N GLY F 214 2.03 31.16 -0.81
CA GLY F 214 1.10 32.13 -1.33
C GLY F 214 1.35 32.55 -2.77
N SER F 215 2.29 31.91 -3.46
CA SER F 215 2.64 32.24 -4.82
C SER F 215 2.51 31.01 -5.71
N ILE F 216 1.84 31.19 -6.85
CA ILE F 216 1.65 30.10 -7.81
C ILE F 216 3.01 29.72 -8.41
N ASP F 217 3.25 28.43 -8.57
CA ASP F 217 4.49 27.93 -9.16
C ASP F 217 4.14 27.09 -10.37
N CYS F 218 4.67 27.49 -11.52
CA CYS F 218 4.45 26.80 -12.80
C CYS F 218 5.61 25.81 -12.95
N THR F 219 5.35 24.54 -12.62
CA THR F 219 6.40 23.54 -12.60
C THR F 219 5.82 22.17 -12.99
N LEU F 220 6.61 21.13 -12.75
CA LEU F 220 6.26 19.76 -13.11
C LEU F 220 6.06 18.93 -11.85
N THR F 221 5.00 18.12 -11.84
CA THR F 221 4.68 17.23 -10.72
C THR F 221 4.69 15.79 -11.21
N PHE F 222 5.38 14.93 -10.46
CA PHE F 222 5.53 13.52 -10.80
C PHE F 222 4.73 12.63 -9.86
N SER F 223 4.45 11.42 -10.33
CA SER F 223 3.76 10.43 -9.51
C SER F 223 4.69 9.94 -8.40
N HIS F 224 4.09 9.49 -7.30
CA HIS F 224 4.86 8.96 -6.19
C HIS F 224 5.56 7.66 -6.60
N PRO F 225 6.81 7.43 -6.16
CA PRO F 225 7.75 8.33 -5.47
C PRO F 225 8.29 9.45 -6.37
N THR F 226 8.45 10.63 -5.77
CA THR F 226 8.85 11.81 -6.55
C THR F 226 10.33 11.77 -6.93
N TRP F 227 11.20 11.41 -5.98
CA TRP F 227 12.65 11.42 -6.18
C TRP F 227 13.10 10.55 -7.35
N TYR F 228 12.52 9.35 -7.49
CA TYR F 228 12.93 8.43 -8.54
C TYR F 228 12.56 8.95 -9.93
N TRP F 229 11.31 9.38 -10.12
CA TRP F 229 10.86 9.81 -11.44
C TRP F 229 11.45 11.16 -11.85
N GLU F 230 11.52 12.12 -10.92
CA GLU F 230 12.01 13.46 -11.25
C GLU F 230 13.49 13.45 -11.67
N ASN F 231 14.33 12.76 -10.90
CA ASN F 231 15.74 12.66 -11.24
C ASN F 231 15.98 11.87 -12.52
N LEU F 232 15.14 10.86 -12.78
CA LEU F 232 15.25 10.06 -14.00
C LEU F 232 15.07 10.92 -15.24
N LEU F 233 14.16 11.91 -15.17
CA LEU F 233 13.95 12.84 -16.26
C LEU F 233 15.21 13.66 -16.53
N LYS F 234 15.86 14.14 -15.47
CA LYS F 234 17.08 14.93 -15.61
C LYS F 234 18.21 14.12 -16.23
N ILE F 235 18.37 12.87 -15.78
CA ILE F 235 19.40 11.98 -16.32
C ILE F 235 19.13 11.68 -17.79
N CYS F 236 17.87 11.43 -18.14
CA CYS F 236 17.50 11.19 -19.55
C CYS F 236 17.76 12.43 -20.41
N VAL F 237 17.43 13.62 -19.89
CA VAL F 237 17.73 14.86 -20.60
C VAL F 237 19.25 15.04 -20.72
N PHE F 238 19.98 14.70 -19.66
CA PHE F 238 21.44 14.76 -19.67
C PHE F 238 22.04 13.87 -20.75
N ILE F 239 21.75 12.56 -20.70
CA ILE F 239 22.33 11.60 -21.64
C ILE F 239 21.87 11.87 -23.08
N PHE F 240 20.57 11.98 -23.30
CA PHE F 240 20.05 12.02 -24.66
C PHE F 240 20.14 13.39 -25.34
N ALA F 241 20.18 14.49 -24.59
CA ALA F 241 20.27 15.80 -25.24
C ALA F 241 21.66 16.42 -25.12
N PHE F 242 22.59 15.80 -24.41
CA PHE F 242 23.93 16.39 -24.27
C PHE F 242 25.03 15.39 -24.60
N ILE F 243 25.10 14.27 -23.86
CA ILE F 243 26.19 13.31 -24.02
C ILE F 243 26.16 12.67 -25.40
N MET F 244 24.99 12.18 -25.83
CA MET F 244 24.88 11.59 -27.17
C MET F 244 25.03 12.62 -28.29
N PRO F 245 24.39 13.82 -28.26
CA PRO F 245 24.62 14.78 -29.35
C PRO F 245 26.05 15.28 -29.49
N VAL F 246 26.77 15.51 -28.37
CA VAL F 246 28.16 15.95 -28.46
C VAL F 246 29.02 14.89 -29.14
N LEU F 247 28.79 13.62 -28.82
CA LEU F 247 29.53 12.52 -29.44
C LEU F 247 29.23 12.41 -30.94
N ILE F 248 27.95 12.51 -31.32
CA ILE F 248 27.58 12.40 -32.73
C ILE F 248 28.15 13.57 -33.55
N ILE F 249 28.05 14.79 -33.02
CA ILE F 249 28.57 15.97 -33.73
C ILE F 249 30.09 15.92 -33.85
N THR F 250 30.78 15.58 -32.75
CA THR F 250 32.25 15.58 -32.76
C THR F 250 32.83 14.50 -33.67
N VAL F 251 32.31 13.27 -33.58
CA VAL F 251 32.84 12.16 -34.37
C VAL F 251 32.59 12.37 -35.86
N CYS F 252 31.38 12.76 -36.24
CA CYS F 252 31.04 12.94 -37.65
C CYS F 252 31.82 14.10 -38.27
N TYR F 253 31.87 15.23 -37.58
CA TYR F 253 32.67 16.36 -38.07
C TYR F 253 34.16 16.05 -37.99
N GLY F 254 34.60 15.36 -36.93
CA GLY F 254 36.01 15.01 -36.79
C GLY F 254 36.53 14.11 -37.89
N LEU F 255 35.72 13.11 -38.29
CA LEU F 255 36.10 12.25 -39.40
C LEU F 255 36.07 13.02 -40.70
N MET F 256 35.08 13.91 -40.85
CA MET F 256 34.93 14.74 -42.05
C MET F 256 36.16 15.61 -42.31
N ILE F 257 36.73 16.22 -41.26
CA ILE F 257 37.90 17.09 -41.41
C ILE F 257 39.09 16.31 -41.94
N LEU F 258 39.25 15.08 -41.46
CA LEU F 258 40.32 14.19 -41.95
C LEU F 258 40.15 13.89 -43.44
N ARG F 259 38.92 13.57 -43.85
CA ARG F 259 38.64 13.25 -45.25
C ARG F 259 38.81 14.48 -46.15
N LEU F 260 38.42 15.67 -45.67
CA LEU F 260 38.54 16.90 -46.46
C LEU F 260 39.99 17.22 -46.80
N LYS F 261 40.90 17.00 -45.85
CA LYS F 261 42.32 17.24 -46.10
C LYS F 261 42.86 16.33 -47.20
N SER F 262 42.40 15.07 -47.22
CA SER F 262 42.80 14.11 -48.25
C SER F 262 42.37 14.54 -49.64
N VAL F 263 41.21 15.20 -49.76
CA VAL F 263 40.65 15.62 -51.05
C VAL F 263 41.63 16.47 -51.85
N ARG F 264 41.81 16.11 -53.12
CA ARG F 264 42.77 16.77 -53.99
C ARG F 264 42.37 18.21 -54.30
N MET F 265 41.07 18.46 -54.45
CA MET F 265 40.57 19.78 -54.84
C MET F 265 40.89 20.85 -53.81
N LEU F 266 40.66 20.53 -52.52
CA LEU F 266 40.87 21.50 -51.45
C LEU F 266 42.34 21.86 -51.29
N SER F 267 43.23 20.88 -51.35
CA SER F 267 44.66 21.12 -51.20
C SER F 267 45.30 21.36 -52.58
N GLY F 268 46.63 21.41 -52.61
CA GLY F 268 47.38 21.55 -53.84
C GLY F 268 47.79 22.95 -54.23
N SER F 269 47.30 23.97 -53.53
CA SER F 269 47.67 25.36 -53.84
C SER F 269 47.61 26.17 -52.56
N LYS F 270 48.43 27.23 -52.51
CA LYS F 270 48.43 28.13 -51.38
C LYS F 270 47.09 28.86 -51.24
N GLU F 271 46.53 29.34 -52.36
CA GLU F 271 45.22 29.96 -52.31
C GLU F 271 44.13 28.95 -51.96
N LYS F 272 44.24 27.73 -52.50
CA LYS F 272 43.27 26.67 -52.20
C LYS F 272 43.28 26.30 -50.72
N ASP F 273 44.46 26.29 -50.08
CA ASP F 273 44.57 25.97 -48.66
C ASP F 273 43.82 26.97 -47.79
N ARG F 274 43.76 28.24 -48.20
CA ARG F 274 43.03 29.26 -47.45
C ARG F 274 41.54 28.91 -47.36
N ASN F 275 40.94 28.48 -48.46
CA ASN F 275 39.54 28.06 -48.46
C ASN F 275 39.35 26.80 -47.62
N LEU F 276 40.30 25.86 -47.72
CA LEU F 276 40.24 24.63 -46.94
C LEU F 276 40.32 24.93 -45.44
N ARG F 277 41.19 25.85 -45.05
CA ARG F 277 41.31 26.24 -43.65
C ARG F 277 40.03 26.89 -43.15
N ARG F 278 39.38 27.71 -44.00
CA ARG F 278 38.13 28.38 -43.63
C ARG F 278 37.03 27.37 -43.34
N ILE F 279 36.95 26.30 -44.15
CA ILE F 279 35.97 25.24 -43.91
C ILE F 279 36.26 24.55 -42.58
N THR F 280 37.54 24.27 -42.31
CA THR F 280 37.94 23.68 -41.03
C THR F 280 37.67 24.64 -39.88
N ARG F 281 37.89 25.94 -40.12
CA ARG F 281 37.61 26.96 -39.11
C ARG F 281 36.12 27.00 -38.78
N MET F 282 35.26 26.93 -39.80
CA MET F 282 33.82 26.98 -39.61
C MET F 282 33.31 25.81 -38.78
N VAL F 283 33.75 24.59 -39.13
CA VAL F 283 33.36 23.36 -38.43
C VAL F 283 33.69 23.45 -36.94
N LEU F 284 34.94 23.82 -36.62
CA LEU F 284 35.38 23.90 -35.23
C LEU F 284 34.62 24.96 -34.43
N VAL F 285 34.30 26.10 -35.07
CA VAL F 285 33.52 27.15 -34.40
C VAL F 285 32.13 26.63 -34.02
N VAL F 286 31.51 25.88 -34.93
CA VAL F 286 30.18 25.32 -34.69
C VAL F 286 30.20 24.32 -33.53
N VAL F 287 31.22 23.45 -33.51
CA VAL F 287 31.37 22.48 -32.43
C VAL F 287 31.66 23.19 -31.11
N ALA F 288 32.52 24.21 -31.13
CA ALA F 288 32.88 24.93 -29.91
C ALA F 288 31.69 25.68 -29.33
N VAL F 289 30.89 26.35 -30.17
CA VAL F 289 29.73 27.11 -29.71
C VAL F 289 28.71 26.19 -29.05
N PHE F 290 28.50 25.00 -29.64
CA PHE F 290 27.56 24.03 -29.09
C PHE F 290 28.02 23.54 -27.71
N ILE F 291 29.31 23.22 -27.59
CA ILE F 291 29.83 22.76 -26.31
C ILE F 291 29.85 23.88 -25.26
N VAL F 292 30.29 25.09 -25.65
CA VAL F 292 30.43 26.19 -24.70
C VAL F 292 29.07 26.63 -24.13
N CYS F 293 28.03 26.66 -24.95
CA CYS F 293 26.72 27.09 -24.45
C CYS F 293 26.03 26.03 -23.60
N TRP F 294 25.94 24.79 -24.09
CA TRP F 294 25.14 23.75 -23.42
C TRP F 294 25.78 23.22 -22.15
N THR F 295 27.12 23.11 -22.09
CA THR F 295 27.77 22.45 -20.96
C THR F 295 27.54 23.06 -19.57
N PRO F 296 27.55 24.41 -19.36
CA PRO F 296 27.33 24.92 -17.98
C PRO F 296 25.98 24.57 -17.37
N ILE F 297 24.88 24.75 -18.11
CA ILE F 297 23.55 24.50 -17.57
C ILE F 297 23.36 23.02 -17.19
N HIS F 298 23.82 22.09 -18.05
CA HIS F 298 23.65 20.66 -17.78
C HIS F 298 24.40 20.22 -16.53
N ILE F 299 25.66 20.63 -16.39
CA ILE F 299 26.46 20.26 -15.21
C ILE F 299 25.89 20.90 -13.95
N TYR F 300 25.45 22.17 -14.04
CA TYR F 300 24.91 22.89 -12.90
C TYR F 300 23.65 22.25 -12.34
N VAL F 301 22.77 21.76 -13.23
CA VAL F 301 21.55 21.08 -12.79
C VAL F 301 21.90 19.80 -12.03
N ILE F 302 22.87 19.03 -12.54
CA ILE F 302 23.31 17.80 -11.89
C ILE F 302 23.94 18.10 -10.54
N ILE F 303 24.75 19.15 -10.45
CA ILE F 303 25.36 19.56 -9.18
C ILE F 303 24.29 19.99 -8.19
N LYS F 304 23.30 20.76 -8.66
CA LYS F 304 22.21 21.24 -7.79
C LYS F 304 21.39 20.09 -7.24
N ALA F 305 21.08 19.10 -8.09
CA ALA F 305 20.32 17.92 -7.66
C ALA F 305 21.08 17.14 -6.59
N LEU F 306 22.33 16.76 -6.89
CA LEU F 306 23.13 15.93 -5.99
C LEU F 306 23.44 16.64 -4.67
N VAL F 307 23.85 17.91 -4.74
CA VAL F 307 24.25 18.65 -3.55
C VAL F 307 23.42 19.93 -3.48
N THR F 308 22.73 20.11 -2.35
CA THR F 308 21.94 21.31 -2.13
C THR F 308 22.87 22.50 -1.87
N ILE F 309 22.66 23.59 -2.59
CA ILE F 309 23.51 24.76 -2.46
C ILE F 309 22.70 25.92 -1.86
N PRO F 310 23.30 26.72 -0.97
CA PRO F 310 22.58 27.86 -0.39
C PRO F 310 22.20 28.90 -1.43
N GLU F 311 21.02 29.51 -1.24
CA GLU F 311 20.47 30.47 -2.19
C GLU F 311 21.13 31.85 -1.97
N THR F 312 22.38 31.93 -2.37
CA THR F 312 23.14 33.17 -2.31
C THR F 312 22.68 34.09 -3.45
N THR F 313 22.94 35.39 -3.29
CA THR F 313 22.61 36.37 -4.34
C THR F 313 23.36 36.06 -5.62
N PHE F 314 24.64 35.71 -5.51
CA PHE F 314 25.45 35.32 -6.66
C PHE F 314 24.91 34.04 -7.30
N GLN F 315 24.47 33.09 -6.47
CA GLN F 315 23.92 31.81 -6.93
C GLN F 315 22.71 32.02 -7.84
N THR F 316 21.84 32.98 -7.49
CA THR F 316 20.65 33.27 -8.28
C THR F 316 21.00 33.78 -9.67
N VAL F 317 22.01 34.66 -9.75
CA VAL F 317 22.46 35.20 -11.04
C VAL F 317 23.04 34.10 -11.92
N SER F 318 23.82 33.19 -11.30
CA SER F 318 24.47 32.10 -12.03
C SER F 318 23.46 31.16 -12.68
N TRP F 319 22.38 30.82 -11.95
CA TRP F 319 21.37 29.91 -12.46
C TRP F 319 20.67 30.46 -13.70
N HIS F 320 20.28 31.73 -13.67
CA HIS F 320 19.66 32.36 -14.84
C HIS F 320 20.65 32.56 -15.97
N PHE F 321 21.90 32.90 -15.65
CA PHE F 321 22.94 33.08 -16.68
C PHE F 321 23.21 31.79 -17.42
N CYS F 322 23.23 30.66 -16.71
CA CYS F 322 23.39 29.36 -17.36
C CYS F 322 22.21 29.06 -18.29
N ILE F 323 21.01 29.48 -17.89
CA ILE F 323 19.84 29.32 -18.75
C ILE F 323 19.94 30.29 -19.94
N ALA F 324 20.55 31.46 -19.73
CA ALA F 324 20.75 32.41 -20.82
C ALA F 324 21.72 31.86 -21.86
N LEU F 325 22.77 31.17 -21.40
CA LEU F 325 23.72 30.52 -22.30
C LEU F 325 23.02 29.41 -23.10
N GLY F 326 22.08 28.69 -22.47
CA GLY F 326 21.37 27.63 -23.15
C GLY F 326 20.59 28.09 -24.36
N TYR F 327 19.93 29.25 -24.25
CA TYR F 327 19.22 29.82 -25.39
C TYR F 327 20.13 30.63 -26.29
N THR F 328 21.34 30.98 -25.82
CA THR F 328 22.28 31.75 -26.63
C THR F 328 22.71 30.99 -27.88
N ASN F 329 22.92 29.67 -27.75
CA ASN F 329 23.24 28.85 -28.92
C ASN F 329 22.11 28.87 -29.93
N SER F 330 20.87 28.79 -29.46
CA SER F 330 19.70 28.86 -30.33
C SER F 330 19.65 30.21 -31.04
N CYS F 331 19.97 31.29 -30.31
CA CYS F 331 20.07 32.60 -30.94
C CYS F 331 21.22 32.64 -31.94
N LEU F 332 22.32 31.97 -31.64
CA LEU F 332 23.51 31.99 -32.49
C LEU F 332 23.50 30.90 -33.56
N ASN F 333 22.52 29.99 -33.53
CA ASN F 333 22.41 28.97 -34.58
C ASN F 333 22.12 29.55 -35.97
N PRO F 334 21.22 30.54 -36.16
CA PRO F 334 21.07 31.12 -37.51
C PRO F 334 22.34 31.78 -38.03
N VAL F 335 23.11 32.45 -37.15
CA VAL F 335 24.32 33.14 -37.58
C VAL F 335 25.35 32.16 -38.10
N LEU F 336 25.60 31.07 -37.37
CA LEU F 336 26.59 30.09 -37.79
C LEU F 336 26.12 29.28 -39.00
N TYR F 337 24.94 28.68 -38.91
CA TYR F 337 24.46 27.79 -39.96
C TYR F 337 23.94 28.53 -41.19
N ALA F 338 23.12 29.56 -41.01
CA ALA F 338 22.45 30.20 -42.14
C ALA F 338 23.12 31.49 -42.61
N PHE F 339 23.47 32.40 -41.69
CA PHE F 339 24.10 33.65 -42.12
C PHE F 339 25.49 33.42 -42.71
N LEU F 340 26.25 32.47 -42.17
CA LEU F 340 27.58 32.18 -42.70
C LEU F 340 27.53 31.22 -43.88
N ASP F 341 26.35 30.71 -44.22
CA ASP F 341 26.18 29.80 -45.34
C ASP F 341 26.49 30.52 -46.65
N GLU F 342 27.24 29.84 -47.53
CA GLU F 342 27.64 30.43 -48.80
C GLU F 342 26.44 30.73 -49.69
N ASN F 343 25.46 29.83 -49.74
CA ASN F 343 24.28 30.03 -50.58
C ASN F 343 23.49 31.26 -50.14
N PHE F 344 23.27 31.40 -48.82
CA PHE F 344 22.57 32.56 -48.28
C PHE F 344 23.37 33.83 -48.51
N LYS F 345 24.71 33.75 -48.36
CA LYS F 345 25.58 34.90 -48.54
C LYS F 345 25.47 35.45 -49.96
N ARG F 346 25.38 34.55 -50.94
CA ARG F 346 25.20 34.97 -52.33
C ARG F 346 23.87 35.70 -52.50
N CYS F 347 22.83 35.22 -51.82
CA CYS F 347 21.50 35.84 -51.89
C CYS F 347 21.51 37.27 -51.37
N PHE F 348 22.23 37.52 -50.26
CA PHE F 348 22.34 38.89 -49.74
C PHE F 348 23.05 39.79 -50.74
N ARG F 349 24.12 39.28 -51.36
CA ARG F 349 24.84 40.02 -52.39
C ARG F 349 23.96 40.24 -53.62
N GLU F 350 23.13 39.25 -53.96
CA GLU F 350 22.28 39.28 -55.15
C GLU F 350 21.28 40.43 -55.11
N PHE F 351 20.66 40.67 -53.97
CA PHE F 351 19.64 41.72 -53.84
C PHE F 351 20.19 42.85 -52.97
N CYS F 352 20.51 43.96 -53.61
CA CYS F 352 20.95 45.18 -52.92
C CYS F 352 20.37 46.42 -53.60
N ASP G 337 38.17 8.07 -60.21
CA ASP G 337 38.02 8.73 -58.92
C ASP G 337 37.95 10.24 -59.07
N ALA G 338 38.23 10.72 -60.30
CA ALA G 338 38.14 12.14 -60.59
C ALA G 338 36.70 12.64 -60.45
N VAL G 339 35.74 11.83 -60.89
CA VAL G 339 34.31 12.17 -60.78
C VAL G 339 33.92 12.30 -59.31
N THR G 340 34.44 11.41 -58.46
CA THR G 340 34.15 11.43 -57.03
C THR G 340 34.57 12.74 -56.38
N ASP G 341 35.74 13.27 -56.78
CA ASP G 341 36.21 14.56 -56.30
C ASP G 341 35.26 15.68 -56.71
N VAL G 342 34.74 15.62 -57.93
CA VAL G 342 33.76 16.61 -58.40
C VAL G 342 32.46 16.51 -57.59
N ILE G 343 32.03 15.29 -57.29
CA ILE G 343 30.82 15.06 -56.49
C ILE G 343 30.97 15.63 -55.08
N ILE G 344 32.16 15.45 -54.48
CA ILE G 344 32.43 16.00 -53.15
C ILE G 344 32.37 17.52 -53.18
N LYS G 345 32.95 18.14 -54.23
CA LYS G 345 32.89 19.58 -54.39
C LYS G 345 31.46 20.06 -54.58
N ASN G 346 30.68 19.31 -55.38
CA ASN G 346 29.27 19.66 -55.61
C ASN G 346 28.47 19.56 -54.32
N ASN G 347 28.70 18.51 -53.54
CA ASN G 347 28.00 18.34 -52.26
C ASN G 347 28.34 19.46 -51.28
N LEU G 348 29.62 19.84 -51.21
CA LEU G 348 30.03 20.93 -50.32
C LEU G 348 29.40 22.25 -50.74
N LYS G 349 29.32 22.50 -52.06
CA LYS G 349 28.62 23.68 -52.57
C LYS G 349 27.15 23.61 -52.22
N ASP G 350 26.56 22.41 -52.34
CA ASP G 350 25.16 22.20 -51.97
C ASP G 350 24.97 22.41 -50.47
N CYS G 351 25.87 21.87 -49.65
CA CYS G 351 25.83 22.11 -48.21
C CYS G 351 26.12 23.57 -47.89
N GLY G 352 27.01 24.19 -48.66
CA GLY G 352 27.39 25.57 -48.44
C GLY G 352 28.62 25.80 -47.60
N LEU G 353 29.30 24.74 -47.17
CA LEU G 353 30.57 24.93 -46.46
C LEU G 353 31.64 25.53 -47.38
N PHE G 354 31.67 25.09 -48.63
CA PHE G 354 32.65 25.54 -49.61
C PHE G 354 32.11 26.74 -50.39
#